data_8V4O
#
_entry.id   8V4O
#
_cell.length_a   139.463
_cell.length_b   139.463
_cell.length_c   544.987
_cell.angle_alpha   90.00
_cell.angle_beta   90.00
_cell.angle_gamma   120.00
#
_symmetry.space_group_name_H-M   'P 61 2 2'
#
loop_
_entity.id
_entity.type
_entity.pdbx_description
1 polymer 'Acetyl-coenzyme A synthetase 2'
2 non-polymer 'SULFATE ION'
3 non-polymer 'CHLORIDE ION'
4 non-polymer 'ADENOSINE MONOPHOSPHATE'
5 water water
#
_entity_poly.entity_id   1
_entity_poly.type   'polypeptide(L)'
_entity_poly.pdbx_seq_one_letter_code
;MHHHHHHHHENLYFQGPTEQTHNVVHEANGVKLRETPKEFFERQPNKGHIHDVNQYKQMYEQSIKDPQGFFGPLAKELLS
WDHDFHTVKSGTLKNGDAAWFLGGELNASYNCVDRHAFANPDKPALICEADDEKDSHILTYGDLLREVSKVAGVLQSWGI
KKGDTVAVYLPMNAQAIIAMLAIARLGAAHSVIFAGFSAGSIKDRVNDASCKALITCDEGKRGGRTTNIKKLCDEALVDC
PTVEKVLVYKRTNNPEIHLTEGRDYYWDVETAKFPGYLPPVSVNSEDPLFLLYTSGSTGTPKGVVHSTAGYLLGAALSTK
YIFDIHPEDILFTAGDVGWITGHTYALYGPLLLGVPTIIFEGTPAYPDYGRFWQIVEKHKATHFYVAPTALRLLRKAGEQ
EIAKYDLSSLRTLGSVGEPISPDIWEWYNEFVGKNQCHISDTYWQTESGSHLIAPLAGVVPNKPGSASYPFFGIDAALID
PVTGVEIEGNDAEGVLAIKDHWPSMARTVYKNHTKYMDTYMNPYPGYYFTGDGAARDHDGYYWIRGRVDDVVNVSGHRLS
TAEIEAALIEDKKVSEAAVVGIHDDITGQAVIAYVALKEGNSDEDSEGLRKELVLQVRKTIGPFAAPKSVIIVQDLPKTR
SGKIMRRILRKVSSNEADQLGDISTLSNPQSVEGIISAFGAQFGKK
;
_entity_poly.pdbx_strand_id   A,B,C
#
# COMPACT_ATOMS: atom_id res chain seq x y z
N GLN A 20 -9.32 13.88 -57.00
CA GLN A 20 -10.26 14.91 -56.55
C GLN A 20 -9.49 16.13 -56.03
N THR A 21 -10.03 17.31 -56.29
CA THR A 21 -9.41 18.56 -55.87
C THR A 21 -9.87 18.96 -54.47
N HIS A 22 -9.07 19.80 -53.83
CA HIS A 22 -9.35 20.29 -52.49
C HIS A 22 -9.45 21.81 -52.53
N ASN A 23 -10.51 22.35 -51.95
CA ASN A 23 -10.65 23.79 -51.83
C ASN A 23 -10.02 24.34 -50.56
N VAL A 24 -9.80 23.49 -49.56
CA VAL A 24 -9.26 23.90 -48.26
C VAL A 24 -7.89 23.30 -48.02
N VAL A 25 -7.75 21.99 -48.22
CA VAL A 25 -6.50 21.28 -47.90
C VAL A 25 -5.65 21.34 -49.16
N HIS A 26 -4.98 22.49 -49.35
CA HIS A 26 -4.13 22.67 -50.52
C HIS A 26 -2.92 21.75 -50.49
N GLU A 27 -2.39 21.45 -49.30
CA GLU A 27 -1.27 20.52 -49.20
C GLU A 27 -1.51 19.24 -49.97
N ALA A 28 -2.76 18.79 -50.05
CA ALA A 28 -3.08 17.47 -50.57
C ALA A 28 -3.28 17.44 -52.08
N ASN A 29 -3.33 18.59 -52.74
CA ASN A 29 -3.64 18.61 -54.17
C ASN A 29 -2.46 18.06 -54.98
N GLY A 30 -2.77 17.11 -55.86
CA GLY A 30 -1.77 16.53 -56.73
C GLY A 30 -0.63 15.89 -55.97
N VAL A 31 -0.97 15.07 -54.98
CA VAL A 31 0.00 14.39 -54.13
C VAL A 31 -0.13 12.90 -54.38
N LYS A 32 0.84 12.34 -55.10
CA LYS A 32 0.85 10.91 -55.37
C LYS A 32 0.96 10.12 -54.07
N LEU A 33 0.04 9.18 -53.89
CA LEU A 33 0.12 8.26 -52.75
C LEU A 33 1.32 7.35 -52.88
N ARG A 34 1.98 7.07 -51.76
CA ARG A 34 3.27 6.38 -51.75
C ARG A 34 3.14 5.06 -50.99
N GLU A 35 2.98 3.97 -51.73
CA GLU A 35 2.89 2.65 -51.10
C GLU A 35 4.22 2.28 -50.46
N THR A 36 4.15 1.45 -49.43
CA THR A 36 5.38 1.01 -48.77
C THR A 36 6.16 0.11 -49.73
N PRO A 37 7.45 0.35 -49.94
CA PRO A 37 8.19 -0.43 -50.95
C PRO A 37 8.14 -1.93 -50.68
N LYS A 38 8.35 -2.69 -51.76
CA LYS A 38 8.31 -4.15 -51.64
C LYS A 38 9.44 -4.66 -50.74
N GLU A 39 10.60 -4.01 -50.75
CA GLU A 39 11.72 -4.48 -49.96
C GLU A 39 11.42 -4.44 -48.47
N PHE A 40 10.49 -3.58 -48.04
CA PHE A 40 10.12 -3.52 -46.63
C PHE A 40 9.71 -4.90 -46.11
N PHE A 41 8.85 -5.59 -46.86
CA PHE A 41 8.36 -6.90 -46.42
C PHE A 41 9.40 -7.99 -46.58
N GLU A 42 10.35 -7.83 -47.50
CA GLU A 42 11.45 -8.78 -47.59
C GLU A 42 12.29 -8.75 -46.33
N ARG A 43 12.49 -7.56 -45.76
CA ARG A 43 13.29 -7.40 -44.55
C ARG A 43 12.49 -7.63 -43.27
N GLN A 44 11.17 -7.76 -43.38
CA GLN A 44 10.32 -7.98 -42.21
C GLN A 44 10.52 -9.39 -41.68
N PRO A 45 10.85 -9.57 -40.40
CA PRO A 45 11.16 -10.93 -39.91
C PRO A 45 10.00 -11.89 -39.95
N ASN A 46 8.79 -11.44 -39.66
CA ASN A 46 7.63 -12.33 -39.55
C ASN A 46 6.43 -11.69 -40.23
N LYS A 47 5.30 -12.40 -40.20
CA LYS A 47 4.06 -11.82 -40.67
C LYS A 47 3.77 -10.54 -39.90
N GLY A 48 3.44 -9.47 -40.62
CA GLY A 48 3.17 -8.21 -39.98
C GLY A 48 2.08 -8.31 -38.94
N HIS A 49 2.10 -7.35 -38.00
CA HIS A 49 1.13 -7.35 -36.92
C HIS A 49 -0.27 -6.99 -37.41
N ILE A 50 -0.38 -6.33 -38.56
CA ILE A 50 -1.66 -5.98 -39.15
C ILE A 50 -1.65 -6.43 -40.61
N HIS A 51 -2.73 -7.06 -41.04
CA HIS A 51 -2.77 -7.70 -42.35
C HIS A 51 -2.69 -6.69 -43.48
N ASP A 52 -3.57 -5.68 -43.45
CA ASP A 52 -3.59 -4.64 -44.48
C ASP A 52 -4.31 -3.43 -43.90
N VAL A 53 -4.46 -2.40 -44.73
CA VAL A 53 -5.09 -1.17 -44.25
C VAL A 53 -6.55 -1.37 -43.93
N ASN A 54 -7.19 -2.38 -44.52
CA ASN A 54 -8.60 -2.64 -44.22
C ASN A 54 -8.76 -3.30 -42.85
N GLN A 55 -7.82 -4.15 -42.44
CA GLN A 55 -7.88 -4.64 -41.07
C GLN A 55 -7.63 -3.50 -40.08
N TYR A 56 -6.74 -2.57 -40.43
CA TYR A 56 -6.50 -1.44 -39.54
C TYR A 56 -7.78 -0.64 -39.33
N LYS A 57 -8.53 -0.37 -40.40
CA LYS A 57 -9.75 0.41 -40.27
C LYS A 57 -10.75 -0.29 -39.35
N GLN A 58 -10.89 -1.61 -39.49
CA GLN A 58 -11.76 -2.37 -38.60
C GLN A 58 -11.28 -2.28 -37.16
N MET A 59 -9.97 -2.46 -36.93
CA MET A 59 -9.45 -2.42 -35.57
C MET A 59 -9.59 -1.01 -34.99
N TYR A 60 -9.31 0.02 -35.79
CA TYR A 60 -9.47 1.38 -35.30
C TYR A 60 -10.92 1.65 -34.92
N GLU A 61 -11.86 1.21 -35.77
CA GLU A 61 -13.26 1.46 -35.50
C GLU A 61 -13.69 0.82 -34.18
N GLN A 62 -13.15 -0.35 -33.86
CA GLN A 62 -13.48 -0.98 -32.58
C GLN A 62 -12.82 -0.25 -31.41
N SER A 63 -11.58 0.21 -31.59
CA SER A 63 -10.91 0.94 -30.53
C SER A 63 -11.67 2.20 -30.14
N ILE A 64 -12.56 2.68 -31.00
CA ILE A 64 -13.36 3.87 -30.74
C ILE A 64 -14.75 3.50 -30.23
N LYS A 65 -15.42 2.58 -30.93
CA LYS A 65 -16.79 2.23 -30.57
C LYS A 65 -16.83 1.32 -29.34
N ASP A 66 -15.82 0.46 -29.17
CA ASP A 66 -15.79 -0.55 -28.12
C ASP A 66 -14.41 -0.60 -27.48
N PRO A 67 -13.97 0.50 -26.88
CA PRO A 67 -12.65 0.50 -26.23
C PRO A 67 -12.50 -0.57 -25.17
N GLN A 68 -13.60 -0.98 -24.53
CA GLN A 68 -13.52 -2.04 -23.52
C GLN A 68 -13.10 -3.36 -24.17
N GLY A 69 -13.77 -3.73 -25.27
CA GLY A 69 -13.46 -4.97 -25.96
C GLY A 69 -12.15 -4.95 -26.73
N PHE A 70 -11.63 -3.76 -27.03
CA PHE A 70 -10.42 -3.64 -27.83
C PHE A 70 -9.17 -3.58 -26.94
N PHE A 71 -9.14 -2.62 -26.01
CA PHE A 71 -7.95 -2.41 -25.21
C PHE A 71 -7.81 -3.40 -24.07
N GLY A 72 -8.90 -4.02 -23.63
CA GLY A 72 -8.83 -5.03 -22.60
C GLY A 72 -7.89 -6.16 -22.98
N PRO A 73 -8.22 -6.86 -24.07
CA PRO A 73 -7.33 -7.96 -24.52
C PRO A 73 -5.91 -7.53 -24.77
N LEU A 74 -5.71 -6.38 -25.43
CA LEU A 74 -4.36 -5.92 -25.71
C LEU A 74 -3.59 -5.63 -24.43
N ALA A 75 -4.27 -5.07 -23.42
CA ALA A 75 -3.61 -4.81 -22.15
C ALA A 75 -3.18 -6.10 -21.48
N LYS A 76 -3.99 -7.16 -21.62
CA LYS A 76 -3.65 -8.45 -21.02
C LYS A 76 -2.61 -9.21 -21.85
N GLU A 77 -2.43 -8.88 -23.13
CA GLU A 77 -1.39 -9.50 -23.92
C GLU A 77 -0.02 -8.85 -23.66
N LEU A 78 0.02 -7.51 -23.66
CA LEU A 78 1.29 -6.80 -23.74
C LEU A 78 1.90 -6.48 -22.39
N LEU A 79 1.10 -6.45 -21.32
CA LEU A 79 1.60 -6.12 -19.99
C LEU A 79 1.41 -7.32 -19.08
N SER A 80 2.29 -7.42 -18.08
CA SER A 80 2.21 -8.44 -17.05
C SER A 80 1.68 -7.80 -15.78
N TRP A 81 0.59 -8.34 -15.24
CA TRP A 81 -0.16 -7.72 -14.16
C TRP A 81 0.06 -8.46 -12.86
N ASP A 82 0.23 -7.70 -11.78
CA ASP A 82 0.24 -8.28 -10.44
C ASP A 82 -1.17 -8.46 -9.89
N HIS A 83 -2.08 -7.56 -10.28
CA HIS A 83 -3.50 -7.71 -9.97
C HIS A 83 -4.29 -7.35 -11.21
N ASP A 84 -5.33 -8.14 -11.50
CA ASP A 84 -6.15 -7.88 -12.68
C ASP A 84 -6.95 -6.59 -12.49
N PHE A 85 -7.34 -6.00 -13.62
CA PHE A 85 -8.20 -4.83 -13.61
C PHE A 85 -9.64 -5.26 -13.85
N HIS A 86 -10.58 -4.50 -13.26
CA HIS A 86 -12.00 -4.82 -13.34
C HIS A 86 -12.76 -3.91 -14.29
N THR A 87 -12.21 -2.76 -14.64
CA THR A 87 -12.86 -1.81 -15.53
C THR A 87 -11.79 -1.25 -16.46
N VAL A 88 -12.04 -1.35 -17.77
CA VAL A 88 -11.04 -0.89 -18.74
C VAL A 88 -10.94 0.63 -18.71
N LYS A 89 -12.08 1.32 -18.59
CA LYS A 89 -12.14 2.73 -18.92
C LYS A 89 -13.14 3.43 -18.01
N SER A 90 -12.76 4.61 -17.52
CA SER A 90 -13.61 5.40 -16.63
C SER A 90 -13.35 6.88 -16.87
N GLY A 91 -14.34 7.70 -16.53
CA GLY A 91 -14.18 9.14 -16.56
C GLY A 91 -14.42 9.75 -17.93
N THR A 92 -14.38 11.07 -17.97
CA THR A 92 -14.63 11.83 -19.19
C THR A 92 -13.66 13.00 -19.26
N LEU A 93 -13.43 13.48 -20.49
CA LEU A 93 -12.57 14.64 -20.67
C LEU A 93 -13.13 15.86 -19.95
N LYS A 94 -14.45 16.10 -20.05
CA LYS A 94 -15.03 17.31 -19.50
C LYS A 94 -14.79 17.42 -18.00
N ASN A 95 -14.69 16.30 -17.30
CA ASN A 95 -14.52 16.29 -15.85
C ASN A 95 -13.09 16.00 -15.42
N GLY A 96 -12.18 15.74 -16.36
CA GLY A 96 -10.79 15.55 -15.99
C GLY A 96 -10.55 14.41 -15.03
N ASP A 97 -11.31 13.32 -15.16
CA ASP A 97 -11.19 12.17 -14.28
C ASP A 97 -10.97 10.89 -15.07
N ALA A 98 -10.21 10.98 -16.15
CA ALA A 98 -9.91 9.80 -16.96
C ALA A 98 -9.11 8.79 -16.15
N ALA A 99 -9.44 7.51 -16.34
CA ALA A 99 -8.70 6.42 -15.73
C ALA A 99 -8.87 5.16 -16.59
N TRP A 100 -7.83 4.34 -16.62
CA TRP A 100 -7.83 3.11 -17.40
C TRP A 100 -7.34 1.94 -16.57
N PHE A 101 -7.95 0.77 -16.78
CA PHE A 101 -7.55 -0.47 -16.13
C PHE A 101 -7.62 -0.32 -14.61
N LEU A 102 -8.78 0.09 -14.12
CA LEU A 102 -8.96 0.38 -12.71
C LEU A 102 -8.94 -0.91 -11.89
N GLY A 103 -8.34 -0.82 -10.71
CA GLY A 103 -8.12 -1.98 -9.86
C GLY A 103 -6.91 -2.79 -10.22
N GLY A 104 -6.31 -2.57 -11.38
CA GLY A 104 -5.14 -3.34 -11.77
C GLY A 104 -3.88 -2.85 -11.07
N GLU A 105 -2.96 -3.78 -10.87
CA GLU A 105 -1.65 -3.47 -10.31
C GLU A 105 -0.56 -4.07 -11.19
N LEU A 106 0.55 -3.36 -11.28
CA LEU A 106 1.69 -3.78 -12.10
C LEU A 106 2.89 -2.94 -11.67
N ASN A 107 4.02 -3.17 -12.33
CA ASN A 107 5.23 -2.40 -12.07
C ASN A 107 5.96 -2.16 -13.38
N ALA A 108 6.36 -0.91 -13.61
CA ALA A 108 6.96 -0.55 -14.89
C ALA A 108 8.29 -1.25 -15.11
N SER A 109 9.13 -1.33 -14.07
CA SER A 109 10.45 -1.93 -14.24
C SER A 109 10.35 -3.44 -14.43
N TYR A 110 9.32 -4.08 -13.85
CA TYR A 110 9.15 -5.50 -14.09
C TYR A 110 8.82 -5.78 -15.55
N ASN A 111 7.96 -4.96 -16.15
CA ASN A 111 7.56 -5.18 -17.53
C ASN A 111 8.65 -4.78 -18.53
N CYS A 112 9.59 -3.92 -18.13
CA CYS A 112 10.66 -3.49 -19.01
C CYS A 112 11.96 -4.27 -18.83
N VAL A 113 12.10 -5.05 -17.75
CA VAL A 113 13.37 -5.68 -17.43
C VAL A 113 13.16 -7.11 -16.94
N ASP A 114 12.64 -7.26 -15.72
CA ASP A 114 12.52 -8.55 -15.06
C ASP A 114 12.01 -9.64 -16.01
N ARG A 115 10.82 -9.42 -16.60
CA ARG A 115 10.19 -10.50 -17.37
C ARG A 115 11.02 -10.88 -18.58
N HIS A 116 11.81 -9.95 -19.11
CA HIS A 116 12.70 -10.27 -20.23
C HIS A 116 13.98 -10.94 -19.75
N ALA A 117 14.50 -10.51 -18.60
CA ALA A 117 15.70 -11.13 -18.06
C ALA A 117 15.49 -12.61 -17.75
N PHE A 118 14.32 -12.95 -17.20
CA PHE A 118 14.05 -14.35 -16.90
C PHE A 118 13.98 -15.17 -18.18
N ALA A 119 13.43 -14.59 -19.24
CA ALA A 119 13.27 -15.33 -20.49
C ALA A 119 14.60 -15.47 -21.24
N ASN A 120 15.41 -14.42 -21.27
CA ASN A 120 16.67 -14.43 -22.01
C ASN A 120 17.62 -13.41 -21.38
N PRO A 121 18.33 -13.80 -20.33
CA PRO A 121 19.18 -12.81 -19.63
C PRO A 121 20.27 -12.21 -20.49
N ASP A 122 20.69 -12.89 -21.56
CA ASP A 122 21.81 -12.43 -22.37
C ASP A 122 21.39 -11.58 -23.56
N LYS A 123 20.10 -11.42 -23.81
CA LYS A 123 19.66 -10.59 -24.93
C LYS A 123 20.07 -9.14 -24.70
N PRO A 124 20.61 -8.46 -25.72
CA PRO A 124 20.93 -7.04 -25.55
C PRO A 124 19.68 -6.24 -25.16
N ALA A 125 19.87 -5.29 -24.25
CA ALA A 125 18.81 -4.39 -23.85
C ALA A 125 19.15 -2.94 -24.17
N LEU A 126 20.24 -2.42 -23.62
CA LEU A 126 20.69 -1.05 -23.88
C LEU A 126 21.97 -1.14 -24.72
N ILE A 127 21.86 -0.78 -25.99
CA ILE A 127 23.02 -0.65 -26.85
C ILE A 127 23.49 0.81 -26.73
N CYS A 128 24.48 1.04 -25.88
CA CYS A 128 24.89 2.38 -25.50
C CYS A 128 26.06 2.83 -26.37
N GLU A 129 25.84 3.86 -27.16
CA GLU A 129 26.88 4.48 -27.96
C GLU A 129 27.26 5.80 -27.30
N ALA A 130 28.46 5.86 -26.72
CA ALA A 130 28.88 7.02 -25.96
C ALA A 130 29.27 8.15 -26.90
N ASP A 131 29.56 9.31 -26.30
CA ASP A 131 30.01 10.46 -27.09
C ASP A 131 31.21 10.08 -27.94
N ASP A 132 32.23 9.50 -27.31
CA ASP A 132 33.34 8.87 -28.03
C ASP A 132 33.08 7.36 -28.10
N GLU A 133 33.09 6.82 -29.31
CA GLU A 133 32.78 5.41 -29.48
C GLU A 133 33.70 4.51 -28.65
N LYS A 134 34.90 5.00 -28.29
CA LYS A 134 35.78 4.23 -27.43
C LYS A 134 35.09 3.83 -26.13
N ASP A 135 34.12 4.61 -25.67
CA ASP A 135 33.46 4.37 -24.39
C ASP A 135 32.13 3.63 -24.55
N SER A 136 31.82 3.14 -25.74
CA SER A 136 30.55 2.45 -25.95
C SER A 136 30.55 1.09 -25.26
N HIS A 137 29.35 0.58 -25.00
CA HIS A 137 29.17 -0.69 -24.31
C HIS A 137 27.72 -1.14 -24.50
N ILE A 138 27.44 -2.36 -24.03
CA ILE A 138 26.13 -2.98 -24.22
C ILE A 138 25.74 -3.67 -22.92
N LEU A 139 24.52 -3.38 -22.44
CA LEU A 139 23.96 -4.05 -21.27
C LEU A 139 22.86 -5.01 -21.73
N THR A 140 22.98 -6.27 -21.30
CA THR A 140 21.90 -7.21 -21.51
C THR A 140 20.76 -6.96 -20.52
N TYR A 141 19.61 -7.58 -20.79
CA TYR A 141 18.51 -7.50 -19.84
C TYR A 141 18.93 -8.04 -18.48
N GLY A 142 19.77 -9.07 -18.47
CA GLY A 142 20.31 -9.56 -17.21
C GLY A 142 21.13 -8.51 -16.48
N ASP A 143 22.04 -7.85 -17.20
CA ASP A 143 22.80 -6.76 -16.60
C ASP A 143 21.89 -5.66 -16.09
N LEU A 144 20.87 -5.32 -16.90
CA LEU A 144 19.99 -4.20 -16.53
C LEU A 144 19.22 -4.51 -15.26
N LEU A 145 18.84 -5.78 -15.06
CA LEU A 145 18.13 -6.15 -13.83
C LEU A 145 19.01 -5.93 -12.60
N ARG A 146 20.29 -6.32 -12.67
CA ARG A 146 21.17 -6.17 -11.52
C ARG A 146 21.45 -4.70 -11.22
N GLU A 147 21.69 -3.89 -12.25
CA GLU A 147 22.05 -2.50 -12.01
C GLU A 147 20.84 -1.70 -11.54
N VAL A 148 19.66 -1.99 -12.09
CA VAL A 148 18.45 -1.35 -11.59
C VAL A 148 18.18 -1.77 -10.15
N SER A 149 18.34 -3.06 -9.84
CA SER A 149 18.10 -3.53 -8.49
C SER A 149 19.04 -2.87 -7.50
N LYS A 150 20.32 -2.69 -7.87
CA LYS A 150 21.28 -2.09 -6.96
C LYS A 150 20.95 -0.63 -6.70
N VAL A 151 20.62 0.12 -7.75
CA VAL A 151 20.26 1.52 -7.56
C VAL A 151 18.96 1.64 -6.76
N ALA A 152 17.97 0.81 -7.09
CA ALA A 152 16.75 0.78 -6.29
C ALA A 152 17.05 0.43 -4.84
N GLY A 153 18.05 -0.43 -4.61
CA GLY A 153 18.44 -0.75 -3.26
C GLY A 153 18.97 0.45 -2.49
N VAL A 154 19.75 1.30 -3.17
CA VAL A 154 20.25 2.51 -2.53
C VAL A 154 19.09 3.44 -2.18
N LEU A 155 18.23 3.71 -3.17
CA LEU A 155 17.08 4.58 -2.93
C LEU A 155 16.22 4.05 -1.79
N GLN A 156 16.01 2.73 -1.75
CA GLN A 156 15.21 2.14 -0.68
C GLN A 156 15.83 2.41 0.68
N SER A 157 17.14 2.16 0.81
CA SER A 157 17.80 2.41 2.08
C SER A 157 17.79 3.89 2.45
N TRP A 158 17.65 4.78 1.46
CA TRP A 158 17.59 6.21 1.73
C TRP A 158 16.20 6.67 2.16
N GLY A 159 15.19 5.80 2.07
CA GLY A 159 13.84 6.14 2.48
C GLY A 159 12.88 6.44 1.34
N ILE A 160 13.33 6.33 0.10
CA ILE A 160 12.44 6.56 -1.03
C ILE A 160 11.40 5.46 -1.08
N LYS A 161 10.15 5.85 -1.31
CA LYS A 161 9.06 4.91 -1.27
C LYS A 161 7.94 5.41 -2.17
N LYS A 162 6.97 4.52 -2.41
CA LYS A 162 5.80 4.87 -3.20
C LYS A 162 5.23 6.21 -2.75
N GLY A 163 5.05 7.12 -3.70
CA GLY A 163 4.57 8.45 -3.44
C GLY A 163 5.63 9.53 -3.50
N ASP A 164 6.90 9.18 -3.34
CA ASP A 164 7.96 10.17 -3.44
C ASP A 164 8.26 10.47 -4.92
N THR A 165 9.00 11.56 -5.13
CA THR A 165 9.51 11.91 -6.46
C THR A 165 11.02 12.04 -6.38
N VAL A 166 11.69 11.58 -7.44
CA VAL A 166 13.15 11.61 -7.52
C VAL A 166 13.53 12.26 -8.85
N ALA A 167 14.38 13.28 -8.78
CA ALA A 167 14.84 14.00 -9.96
C ALA A 167 16.02 13.27 -10.60
N VAL A 168 16.13 13.42 -11.92
CA VAL A 168 17.23 12.85 -12.69
C VAL A 168 17.81 13.96 -13.57
N TYR A 169 19.10 14.22 -13.42
CA TYR A 169 19.82 15.20 -14.22
C TYR A 169 21.03 14.49 -14.82
N LEU A 170 20.84 13.85 -15.97
CA LEU A 170 21.85 12.98 -16.56
C LEU A 170 21.84 13.13 -18.07
N PRO A 171 22.99 12.91 -18.73
CA PRO A 171 23.00 12.85 -20.20
C PRO A 171 22.29 11.61 -20.71
N MET A 172 22.20 11.46 -22.03
CA MET A 172 21.50 10.34 -22.65
C MET A 172 22.43 9.14 -22.71
N ASN A 173 22.56 8.46 -21.57
CA ASN A 173 23.43 7.28 -21.48
C ASN A 173 22.73 6.24 -20.62
N ALA A 174 23.46 5.16 -20.32
CA ALA A 174 22.86 4.02 -19.60
C ALA A 174 22.39 4.42 -18.22
N GLN A 175 23.12 5.32 -17.54
CA GLN A 175 22.76 5.65 -16.17
C GLN A 175 21.41 6.37 -16.10
N ALA A 176 21.09 7.19 -17.10
CA ALA A 176 19.78 7.83 -17.11
C ALA A 176 18.66 6.78 -17.20
N ILE A 177 18.84 5.77 -18.04
CA ILE A 177 17.84 4.72 -18.16
C ILE A 177 17.72 3.93 -16.87
N ILE A 178 18.85 3.65 -16.22
CA ILE A 178 18.82 2.86 -14.99
C ILE A 178 18.16 3.63 -13.87
N ALA A 179 18.47 4.93 -13.76
CA ALA A 179 17.85 5.74 -12.72
C ALA A 179 16.34 5.74 -12.86
N MET A 180 15.84 5.96 -14.08
CA MET A 180 14.41 6.00 -14.31
C MET A 180 13.76 4.68 -13.91
N LEU A 181 14.34 3.57 -14.36
CA LEU A 181 13.76 2.27 -14.04
C LEU A 181 13.89 1.92 -12.57
N ALA A 182 14.97 2.35 -11.91
CA ALA A 182 15.15 2.06 -10.49
C ALA A 182 14.14 2.83 -9.65
N ILE A 183 13.85 4.07 -10.03
CA ILE A 183 12.86 4.87 -9.32
C ILE A 183 11.48 4.24 -9.48
N ALA A 184 11.13 3.85 -10.71
CA ALA A 184 9.83 3.24 -10.96
C ALA A 184 9.71 1.87 -10.31
N ARG A 185 10.84 1.22 -10.02
CA ARG A 185 10.78 -0.09 -9.37
C ARG A 185 10.25 0.00 -7.95
N LEU A 186 10.48 1.12 -7.28
CA LEU A 186 10.03 1.34 -5.92
C LEU A 186 8.63 1.92 -5.83
N GLY A 187 7.96 2.12 -6.97
CA GLY A 187 6.67 2.79 -6.99
C GLY A 187 6.76 4.30 -6.93
N ALA A 188 7.96 4.87 -6.91
CA ALA A 188 8.13 6.31 -6.99
C ALA A 188 8.03 6.77 -8.44
N ALA A 189 7.93 8.09 -8.60
CA ALA A 189 7.84 8.73 -9.91
C ALA A 189 9.10 9.52 -10.18
N HIS A 190 9.73 9.26 -11.32
CA HIS A 190 10.93 10.00 -11.69
C HIS A 190 10.55 11.28 -12.43
N SER A 191 11.40 12.29 -12.30
CA SER A 191 11.26 13.56 -13.00
C SER A 191 12.60 13.86 -13.67
N VAL A 192 12.66 13.64 -14.97
CA VAL A 192 13.92 13.74 -15.72
C VAL A 192 14.10 15.17 -16.21
N ILE A 193 15.25 15.76 -15.86
CA ILE A 193 15.57 17.14 -16.20
C ILE A 193 16.64 17.10 -17.29
N PHE A 194 16.27 17.55 -18.49
CA PHE A 194 17.18 17.57 -19.63
C PHE A 194 18.52 18.18 -19.24
N ALA A 195 19.61 17.55 -19.68
CA ALA A 195 20.95 17.94 -19.25
C ALA A 195 21.35 19.32 -19.76
N GLY A 196 20.65 19.87 -20.74
CA GLY A 196 20.94 21.21 -21.20
C GLY A 196 20.44 22.32 -20.30
N PHE A 197 19.64 22.01 -19.29
CA PHE A 197 19.04 23.04 -18.45
C PHE A 197 20.07 23.65 -17.51
N SER A 198 19.85 24.91 -17.18
CA SER A 198 20.71 25.64 -16.24
C SER A 198 20.28 25.33 -14.81
N ALA A 199 20.96 25.96 -13.84
CA ALA A 199 20.63 25.73 -12.44
C ALA A 199 19.26 26.28 -12.09
N GLY A 200 18.82 27.37 -12.74
CA GLY A 200 17.51 27.91 -12.45
C GLY A 200 16.40 26.99 -12.91
N SER A 201 16.55 26.39 -14.09
CA SER A 201 15.55 25.45 -14.57
C SER A 201 15.55 24.16 -13.75
N ILE A 202 16.72 23.74 -13.25
CA ILE A 202 16.76 22.62 -12.32
C ILE A 202 16.04 23.01 -11.03
N LYS A 203 16.31 24.22 -10.54
CA LYS A 203 15.66 24.72 -9.33
C LYS A 203 14.15 24.68 -9.45
N ASP A 204 13.61 25.15 -10.58
CA ASP A 204 12.16 25.21 -10.73
C ASP A 204 11.54 23.82 -10.63
N ARG A 205 12.13 22.84 -11.31
CA ARG A 205 11.50 21.53 -11.43
C ARG A 205 11.62 20.72 -10.15
N VAL A 206 12.77 20.80 -9.47
CA VAL A 206 12.96 20.04 -8.24
C VAL A 206 12.03 20.56 -7.14
N ASN A 207 11.85 21.88 -7.06
CA ASN A 207 11.05 22.44 -5.97
C ASN A 207 9.55 22.24 -6.20
N ASP A 208 9.08 22.35 -7.44
CA ASP A 208 7.66 22.14 -7.71
C ASP A 208 7.24 20.71 -7.37
N ALA A 209 8.14 19.75 -7.54
CA ALA A 209 7.83 18.35 -7.27
C ALA A 209 8.25 17.91 -5.87
N SER A 210 9.04 18.71 -5.17
CA SER A 210 9.53 18.36 -3.83
C SER A 210 10.24 17.00 -3.86
N CYS A 211 11.24 16.91 -4.73
CA CYS A 211 12.00 15.68 -4.86
C CYS A 211 12.82 15.44 -3.59
N LYS A 212 12.76 14.20 -3.08
CA LYS A 212 13.53 13.86 -1.89
C LYS A 212 14.97 13.46 -2.23
N ALA A 213 15.27 13.19 -3.49
CA ALA A 213 16.60 12.77 -3.88
C ALA A 213 16.85 13.15 -5.33
N LEU A 214 18.13 13.18 -5.69
CA LEU A 214 18.57 13.53 -7.04
C LEU A 214 19.63 12.55 -7.50
N ILE A 215 19.53 12.13 -8.76
CA ILE A 215 20.52 11.26 -9.40
C ILE A 215 21.15 12.05 -10.54
N THR A 216 22.47 12.20 -10.50
CA THR A 216 23.20 13.01 -11.47
C THR A 216 24.59 12.41 -11.65
N CYS A 217 25.44 13.09 -12.41
CA CYS A 217 26.81 12.66 -12.63
C CYS A 217 27.76 13.83 -12.45
N ASP A 218 29.05 13.52 -12.35
CA ASP A 218 30.05 14.56 -12.08
C ASP A 218 30.17 15.51 -13.27
N GLU A 219 30.41 14.98 -14.46
CA GLU A 219 30.49 15.80 -15.67
C GLU A 219 29.94 14.99 -16.84
N GLY A 220 29.65 15.70 -17.93
CA GLY A 220 29.12 15.09 -19.14
C GLY A 220 30.10 15.18 -20.29
N LYS A 221 29.77 14.44 -21.35
CA LYS A 221 30.54 14.46 -22.59
C LYS A 221 29.58 14.67 -23.75
N ARG A 222 29.84 15.69 -24.56
CA ARG A 222 28.97 16.04 -25.67
C ARG A 222 29.82 16.68 -26.76
N GLY A 223 29.91 16.01 -27.91
CA GLY A 223 30.76 16.51 -28.98
C GLY A 223 32.23 16.52 -28.63
N GLY A 224 32.65 15.65 -27.70
CA GLY A 224 34.01 15.64 -27.22
C GLY A 224 34.32 16.63 -26.12
N ARG A 225 33.50 17.66 -25.95
CA ARG A 225 33.70 18.68 -24.92
C ARG A 225 33.08 18.25 -23.60
N THR A 226 33.79 18.51 -22.51
CA THR A 226 33.30 18.22 -21.17
C THR A 226 32.25 19.26 -20.77
N THR A 227 31.11 18.79 -20.26
CA THR A 227 30.03 19.63 -19.79
C THR A 227 29.92 19.53 -18.27
N ASN A 228 29.51 20.64 -17.65
CA ASN A 228 29.37 20.70 -16.20
C ASN A 228 27.96 20.25 -15.81
N ILE A 229 27.88 19.16 -15.05
CA ILE A 229 26.61 18.62 -14.58
C ILE A 229 26.46 18.81 -13.07
N LYS A 230 27.33 18.17 -12.29
CA LYS A 230 27.27 18.32 -10.84
C LYS A 230 27.39 19.78 -10.42
N LYS A 231 28.18 20.56 -11.15
CA LYS A 231 28.36 21.96 -10.80
C LYS A 231 27.05 22.73 -10.87
N LEU A 232 26.22 22.42 -11.87
CA LEU A 232 24.92 23.09 -11.97
C LEU A 232 23.94 22.58 -10.93
N CYS A 233 24.08 21.33 -10.49
CA CYS A 233 23.24 20.82 -9.41
C CYS A 233 23.54 21.52 -8.10
N ASP A 234 24.81 21.58 -7.72
CA ASP A 234 25.18 22.29 -6.51
C ASP A 234 24.65 23.72 -6.52
N GLU A 235 24.70 24.38 -7.68
CA GLU A 235 24.19 25.74 -7.79
C GLU A 235 22.69 25.78 -7.51
N ALA A 236 21.93 24.83 -8.06
CA ALA A 236 20.50 24.80 -7.84
C ALA A 236 20.15 24.26 -6.44
N LEU A 237 20.86 23.22 -5.99
CA LEU A 237 20.47 22.52 -4.78
C LEU A 237 20.53 23.40 -3.54
N VAL A 238 21.26 24.51 -3.59
CA VAL A 238 21.33 25.39 -2.43
C VAL A 238 19.97 25.96 -2.06
N ASP A 239 19.00 25.90 -2.97
CA ASP A 239 17.65 26.39 -2.71
C ASP A 239 16.60 25.29 -2.85
N CYS A 240 17.01 24.02 -2.80
CA CYS A 240 16.10 22.88 -2.91
C CYS A 240 16.14 22.13 -1.59
N PRO A 241 15.44 22.63 -0.56
CA PRO A 241 15.53 22.01 0.77
C PRO A 241 14.92 20.62 0.87
N THR A 242 14.10 20.21 -0.11
CA THR A 242 13.51 18.88 -0.06
C THR A 242 14.48 17.77 -0.45
N VAL A 243 15.57 18.10 -1.14
CA VAL A 243 16.52 17.10 -1.60
C VAL A 243 17.40 16.68 -0.43
N GLU A 244 17.26 15.42 0.00
CA GLU A 244 18.00 14.92 1.16
C GLU A 244 19.31 14.25 0.79
N LYS A 245 19.38 13.62 -0.39
CA LYS A 245 20.57 12.89 -0.78
C LYS A 245 20.70 12.93 -2.30
N VAL A 246 21.94 12.84 -2.78
CA VAL A 246 22.25 12.89 -4.20
C VAL A 246 23.17 11.72 -4.52
N LEU A 247 22.87 11.01 -5.62
CA LEU A 247 23.70 9.93 -6.11
C LEU A 247 24.45 10.42 -7.35
N VAL A 248 25.78 10.26 -7.33
CA VAL A 248 26.66 10.86 -8.35
C VAL A 248 27.41 9.74 -9.05
N TYR A 249 27.23 9.65 -10.36
CA TYR A 249 27.95 8.68 -11.17
C TYR A 249 29.24 9.29 -11.70
N LYS A 250 30.32 8.49 -11.69
CA LYS A 250 31.62 8.96 -12.14
C LYS A 250 31.70 8.78 -13.66
N ARG A 251 31.13 9.76 -14.37
CA ARG A 251 31.18 9.72 -15.83
C ARG A 251 32.57 10.07 -16.34
N THR A 252 33.23 11.04 -15.71
CA THR A 252 34.61 11.39 -16.03
C THR A 252 35.60 11.01 -14.94
N ASN A 253 35.13 10.79 -13.71
CA ASN A 253 36.00 10.51 -12.57
C ASN A 253 36.95 11.66 -12.28
N ASN A 254 36.60 12.86 -12.72
CA ASN A 254 37.39 14.04 -12.41
C ASN A 254 37.46 14.22 -10.89
N PRO A 255 38.65 14.16 -10.28
CA PRO A 255 38.72 14.26 -8.82
C PRO A 255 38.49 15.65 -8.28
N GLU A 256 38.47 16.68 -9.14
CA GLU A 256 38.23 18.04 -8.69
C GLU A 256 36.77 18.35 -8.44
N ILE A 257 35.87 17.39 -8.67
CA ILE A 257 34.43 17.60 -8.51
C ILE A 257 34.08 17.37 -7.04
N HIS A 258 33.54 18.38 -6.39
CA HIS A 258 33.30 18.34 -4.96
C HIS A 258 31.98 17.68 -4.64
N LEU A 259 32.00 16.81 -3.63
CA LEU A 259 30.81 16.19 -3.08
C LEU A 259 30.56 16.76 -1.68
N THR A 260 29.32 17.18 -1.43
CA THR A 260 28.96 17.75 -0.13
C THR A 260 28.79 16.62 0.88
N GLU A 261 29.67 16.58 1.88
CA GLU A 261 29.57 15.57 2.92
C GLU A 261 28.19 15.59 3.54
N GLY A 262 27.58 14.41 3.66
CA GLY A 262 26.26 14.27 4.25
C GLY A 262 25.12 14.28 3.26
N ARG A 263 25.34 14.77 2.05
CA ARG A 263 24.29 14.85 1.04
C ARG A 263 24.63 14.05 -0.21
N ASP A 264 25.84 14.18 -0.73
CA ASP A 264 26.23 13.58 -2.00
C ASP A 264 26.95 12.26 -1.78
N TYR A 265 26.63 11.26 -2.61
CA TYR A 265 27.23 9.94 -2.52
C TYR A 265 27.49 9.42 -3.92
N TYR A 266 28.53 8.59 -4.05
CA TYR A 266 28.94 8.09 -5.35
C TYR A 266 28.13 6.87 -5.76
N TRP A 267 27.71 6.85 -7.03
CA TRP A 267 26.95 5.74 -7.57
C TRP A 267 27.64 4.40 -7.32
N ASP A 268 28.91 4.31 -7.69
CA ASP A 268 29.63 3.04 -7.60
C ASP A 268 29.82 2.58 -6.15
N VAL A 269 30.02 3.53 -5.24
CA VAL A 269 30.24 3.18 -3.84
C VAL A 269 28.98 2.61 -3.21
N GLU A 270 27.83 3.27 -3.44
CA GLU A 270 26.60 2.86 -2.78
C GLU A 270 26.03 1.59 -3.39
N THR A 271 26.00 1.48 -4.72
CA THR A 271 25.46 0.28 -5.34
C THR A 271 26.24 -0.96 -4.94
N ALA A 272 27.53 -0.81 -4.61
CA ALA A 272 28.32 -1.94 -4.17
C ALA A 272 27.80 -2.53 -2.87
N LYS A 273 27.00 -1.78 -2.11
CA LYS A 273 26.50 -2.24 -0.82
C LYS A 273 25.25 -3.10 -0.92
N PHE A 274 24.64 -3.20 -2.10
CA PHE A 274 23.32 -3.82 -2.20
C PHE A 274 23.32 -4.88 -3.29
N PRO A 275 22.42 -5.86 -3.19
CA PRO A 275 22.45 -7.00 -4.10
C PRO A 275 21.82 -6.69 -5.46
N GLY A 276 22.10 -7.58 -6.41
CA GLY A 276 21.66 -7.42 -7.77
C GLY A 276 20.25 -7.88 -8.05
N TYR A 277 19.45 -8.09 -7.00
CA TYR A 277 18.02 -8.25 -7.15
C TYR A 277 17.30 -7.55 -6.01
N LEU A 278 16.24 -6.82 -6.36
CA LEU A 278 15.37 -6.19 -5.38
C LEU A 278 13.95 -6.38 -5.88
N PRO A 279 13.01 -6.81 -5.02
CA PRO A 279 11.64 -7.05 -5.50
C PRO A 279 11.02 -5.77 -6.01
N PRO A 280 10.37 -5.79 -7.16
CA PRO A 280 9.62 -4.61 -7.60
C PRO A 280 8.39 -4.42 -6.73
N VAL A 281 7.99 -3.16 -6.59
CA VAL A 281 6.83 -2.78 -5.80
C VAL A 281 5.63 -2.62 -6.72
N SER A 282 4.53 -3.29 -6.39
CA SER A 282 3.32 -3.17 -7.18
C SER A 282 2.68 -1.80 -6.96
N VAL A 283 2.24 -1.18 -8.04
CA VAL A 283 1.54 0.10 -7.98
C VAL A 283 0.23 -0.04 -8.76
N ASN A 284 -0.70 0.86 -8.45
CA ASN A 284 -1.99 0.88 -9.11
C ASN A 284 -1.83 1.38 -10.55
N SER A 285 -2.78 0.96 -11.40
CA SER A 285 -2.76 1.41 -12.79
C SER A 285 -2.67 2.93 -12.88
N GLU A 286 -3.33 3.64 -11.97
CA GLU A 286 -3.42 5.09 -12.03
C GLU A 286 -2.47 5.80 -11.07
N ASP A 287 -1.59 5.08 -10.38
CA ASP A 287 -0.53 5.73 -9.64
C ASP A 287 0.44 6.40 -10.62
N PRO A 288 0.99 7.55 -10.28
CA PRO A 288 1.86 8.27 -11.23
C PRO A 288 3.16 7.53 -11.48
N LEU A 289 3.50 7.36 -12.76
CA LEU A 289 4.78 6.78 -13.16
C LEU A 289 5.88 7.82 -13.25
N PHE A 290 5.60 9.00 -13.81
CA PHE A 290 6.64 10.03 -13.88
C PHE A 290 6.03 11.41 -14.08
N LEU A 291 6.83 12.42 -13.77
CA LEU A 291 6.56 13.81 -14.10
C LEU A 291 7.55 14.27 -15.15
N LEU A 292 7.06 14.94 -16.18
CA LEU A 292 7.93 15.52 -17.21
C LEU A 292 7.53 16.98 -17.35
N TYR A 293 8.39 17.88 -16.91
CA TYR A 293 8.02 19.29 -16.89
C TYR A 293 8.08 19.86 -18.30
N THR A 294 7.07 20.63 -18.63
CA THR A 294 6.84 21.16 -19.97
C THR A 294 6.66 22.67 -19.89
N SER A 295 7.08 23.36 -20.93
CA SER A 295 6.90 24.80 -21.02
C SER A 295 5.52 25.11 -21.57
N GLY A 296 4.89 26.12 -20.98
CA GLY A 296 3.56 26.52 -21.40
C GLY A 296 3.47 28.00 -21.71
N SER A 297 2.28 28.57 -21.63
CA SER A 297 2.10 30.00 -21.88
C SER A 297 2.44 30.86 -20.67
N THR A 298 2.58 30.25 -19.49
CA THR A 298 3.05 30.96 -18.31
C THR A 298 4.58 30.88 -18.24
N GLY A 299 5.14 31.63 -17.29
CA GLY A 299 6.56 31.55 -17.01
C GLY A 299 6.96 30.45 -16.06
N THR A 300 6.03 29.58 -15.68
CA THR A 300 6.31 28.50 -14.75
C THR A 300 6.14 27.16 -15.45
N PRO A 301 7.15 26.29 -15.47
CA PRO A 301 6.97 24.96 -16.06
C PRO A 301 5.87 24.19 -15.36
N LYS A 302 5.05 23.50 -16.15
CA LYS A 302 3.99 22.65 -15.62
C LYS A 302 4.46 21.19 -15.68
N GLY A 303 4.41 20.52 -14.54
CA GLY A 303 4.83 19.14 -14.46
C GLY A 303 3.78 18.17 -14.93
N VAL A 304 3.91 17.70 -16.18
CA VAL A 304 2.94 16.77 -16.74
C VAL A 304 3.09 15.41 -16.08
N VAL A 305 1.98 14.86 -15.61
CA VAL A 305 1.95 13.60 -14.87
C VAL A 305 1.35 12.53 -15.76
N HIS A 306 1.98 11.36 -15.79
CA HIS A 306 1.50 10.21 -16.56
C HIS A 306 1.23 9.04 -15.62
N SER A 307 0.16 8.31 -15.92
CA SER A 307 -0.18 7.11 -15.17
C SER A 307 0.84 6.01 -15.47
N THR A 308 0.61 4.83 -14.88
CA THR A 308 1.48 3.68 -15.10
C THR A 308 0.93 2.77 -16.20
N ALA A 309 -0.25 2.18 -15.98
CA ALA A 309 -0.76 1.18 -16.91
C ALA A 309 -1.08 1.81 -18.26
N GLY A 310 -1.89 2.86 -18.27
CA GLY A 310 -2.30 3.46 -19.54
C GLY A 310 -1.12 3.94 -20.35
N TYR A 311 -0.16 4.60 -19.71
CA TYR A 311 1.02 5.09 -20.42
C TYR A 311 1.81 3.94 -21.03
N LEU A 312 2.07 2.90 -20.23
CA LEU A 312 2.86 1.78 -20.72
C LEU A 312 2.16 1.09 -21.90
N LEU A 313 0.84 0.90 -21.81
CA LEU A 313 0.13 0.27 -22.91
C LEU A 313 0.25 1.09 -24.18
N GLY A 314 0.14 2.41 -24.06
CA GLY A 314 0.30 3.27 -25.23
C GLY A 314 1.68 3.16 -25.84
N ALA A 315 2.71 3.12 -24.99
CA ALA A 315 4.07 2.99 -25.48
C ALA A 315 4.24 1.66 -26.23
N ALA A 316 3.71 0.58 -25.66
CA ALA A 316 3.84 -0.72 -26.31
C ALA A 316 3.02 -0.77 -27.59
N LEU A 317 1.77 -0.33 -27.54
CA LEU A 317 0.90 -0.40 -28.72
C LEU A 317 1.51 0.38 -29.88
N SER A 318 1.87 1.64 -29.66
CA SER A 318 2.38 2.47 -30.74
C SER A 318 3.70 1.93 -31.27
N THR A 319 4.65 1.64 -30.37
CA THR A 319 5.93 1.10 -30.80
C THR A 319 5.73 -0.16 -31.64
N LYS A 320 4.81 -1.04 -31.22
CA LYS A 320 4.64 -2.30 -31.93
C LYS A 320 3.97 -2.09 -33.28
N TYR A 321 2.83 -1.40 -33.30
CA TYR A 321 2.00 -1.35 -34.50
C TYR A 321 2.38 -0.22 -35.45
N ILE A 322 2.86 0.91 -34.94
CA ILE A 322 3.19 2.02 -35.84
C ILE A 322 4.58 1.85 -36.44
N PHE A 323 5.52 1.34 -35.67
CA PHE A 323 6.86 1.07 -36.18
C PHE A 323 7.03 -0.35 -36.70
N ASP A 324 6.10 -1.25 -36.41
CA ASP A 324 6.21 -2.66 -36.79
C ASP A 324 7.47 -3.28 -36.17
N ILE A 325 7.48 -3.30 -34.84
CA ILE A 325 8.60 -3.83 -34.08
C ILE A 325 8.34 -5.29 -33.76
N HIS A 326 9.33 -6.14 -34.04
CA HIS A 326 9.28 -7.56 -33.71
C HIS A 326 10.41 -7.88 -32.74
N PRO A 327 10.38 -9.06 -32.10
CA PRO A 327 11.46 -9.40 -31.17
C PRO A 327 12.85 -9.37 -31.79
N GLU A 328 12.96 -9.65 -33.08
CA GLU A 328 14.27 -9.71 -33.73
C GLU A 328 14.82 -8.33 -34.06
N ASP A 329 14.05 -7.26 -33.85
CA ASP A 329 14.37 -5.93 -34.33
C ASP A 329 15.23 -5.16 -33.34
N ILE A 330 15.76 -4.02 -33.80
CA ILE A 330 16.64 -3.16 -33.01
C ILE A 330 16.25 -1.72 -33.31
N LEU A 331 15.91 -0.95 -32.28
CA LEU A 331 15.38 0.40 -32.41
C LEU A 331 16.44 1.43 -32.03
N PHE A 332 16.62 2.43 -32.88
CA PHE A 332 17.52 3.55 -32.64
C PHE A 332 16.68 4.82 -32.65
N THR A 333 16.32 5.30 -31.47
CA THR A 333 15.59 6.55 -31.31
C THR A 333 16.60 7.65 -31.00
N ALA A 334 16.86 8.51 -31.98
CA ALA A 334 17.82 9.61 -31.82
C ALA A 334 17.15 10.75 -31.04
N GLY A 335 16.86 10.45 -29.78
CA GLY A 335 16.26 11.43 -28.89
C GLY A 335 16.92 11.44 -27.54
N ASP A 336 16.37 12.22 -26.61
CA ASP A 336 16.93 12.40 -25.28
C ASP A 336 15.83 12.18 -24.26
N VAL A 337 16.16 11.46 -23.17
CA VAL A 337 15.16 11.19 -22.14
C VAL A 337 14.71 12.44 -21.41
N GLY A 338 15.39 13.57 -21.60
CA GLY A 338 14.89 14.83 -21.07
C GLY A 338 13.60 15.29 -21.71
N TRP A 339 13.20 14.68 -22.81
CA TRP A 339 11.96 14.99 -23.51
C TRP A 339 11.13 13.72 -23.66
N ILE A 340 9.87 13.90 -24.04
CA ILE A 340 8.95 12.76 -24.04
C ILE A 340 9.36 11.73 -25.07
N THR A 341 10.05 12.14 -26.15
CA THR A 341 10.43 11.20 -27.19
C THR A 341 11.32 10.10 -26.63
N GLY A 342 12.30 10.45 -25.78
CA GLY A 342 13.14 9.44 -25.17
C GLY A 342 12.41 8.59 -24.17
N HIS A 343 11.56 9.22 -23.34
CA HIS A 343 10.73 8.47 -22.40
C HIS A 343 10.05 7.28 -23.08
N THR A 344 9.30 7.55 -24.15
CA THR A 344 8.36 6.59 -24.70
C THR A 344 8.98 5.66 -25.73
N TYR A 345 9.92 6.15 -26.54
CA TYR A 345 10.42 5.39 -27.68
C TYR A 345 11.91 5.11 -27.65
N ALA A 346 12.65 5.65 -26.68
CA ALA A 346 14.00 5.19 -26.38
C ALA A 346 14.05 4.24 -25.19
N LEU A 347 13.10 4.36 -24.25
CA LEU A 347 13.09 3.54 -23.06
C LEU A 347 11.86 2.63 -23.03
N TYR A 348 10.71 3.17 -22.63
CA TYR A 348 9.58 2.34 -22.24
C TYR A 348 9.06 1.50 -23.40
N GLY A 349 8.88 2.12 -24.57
CA GLY A 349 8.35 1.41 -25.72
C GLY A 349 9.13 0.16 -26.06
N PRO A 350 10.42 0.32 -26.39
CA PRO A 350 11.20 -0.86 -26.81
C PRO A 350 11.45 -1.85 -25.68
N LEU A 351 11.72 -1.37 -24.46
CA LEU A 351 12.00 -2.30 -23.37
C LEU A 351 10.76 -3.09 -22.98
N LEU A 352 9.57 -2.49 -23.08
CA LEU A 352 8.35 -3.25 -22.83
C LEU A 352 8.25 -4.43 -23.79
N LEU A 353 8.55 -4.20 -25.08
CA LEU A 353 8.49 -5.24 -26.08
C LEU A 353 9.70 -6.17 -26.04
N GLY A 354 10.69 -5.89 -25.20
CA GLY A 354 11.80 -6.80 -25.02
C GLY A 354 12.82 -6.80 -26.14
N VAL A 355 12.95 -5.68 -26.86
CA VAL A 355 13.93 -5.57 -27.94
C VAL A 355 15.07 -4.67 -27.49
N PRO A 356 16.22 -4.69 -28.17
CA PRO A 356 17.29 -3.76 -27.83
C PRO A 356 16.99 -2.36 -28.34
N THR A 357 17.46 -1.37 -27.58
CA THR A 357 17.28 0.04 -27.91
C THR A 357 18.64 0.72 -27.85
N ILE A 358 18.92 1.57 -28.83
CA ILE A 358 20.21 2.26 -28.90
C ILE A 358 20.09 3.58 -28.17
N ILE A 359 20.96 3.78 -27.19
CA ILE A 359 20.97 4.98 -26.35
C ILE A 359 22.22 5.77 -26.75
N PHE A 360 22.03 6.85 -27.50
CA PHE A 360 23.14 7.60 -28.05
C PHE A 360 23.39 8.85 -27.21
N GLU A 361 24.58 8.93 -26.63
CA GLU A 361 24.94 10.01 -25.71
C GLU A 361 25.42 11.26 -26.42
N GLY A 362 25.85 11.14 -27.67
CA GLY A 362 26.53 12.22 -28.36
C GLY A 362 25.64 13.01 -29.28
N THR A 363 26.24 13.60 -30.30
CA THR A 363 25.56 14.43 -31.28
C THR A 363 25.69 13.80 -32.67
N PRO A 364 24.85 14.23 -33.62
CA PRO A 364 24.94 13.68 -34.98
C PRO A 364 26.17 14.15 -35.75
N ALA A 365 26.96 15.07 -35.20
CA ALA A 365 28.09 15.65 -35.92
C ALA A 365 29.45 15.21 -35.39
N TYR A 366 29.50 14.46 -34.29
CA TYR A 366 30.76 14.07 -33.68
C TYR A 366 30.93 12.56 -33.74
N PRO A 367 32.08 12.04 -34.21
CA PRO A 367 33.27 12.77 -34.69
C PRO A 367 33.06 13.42 -36.06
N ASP A 368 32.08 12.93 -36.84
CA ASP A 368 31.77 13.52 -38.13
C ASP A 368 30.28 13.35 -38.39
N TYR A 369 29.81 13.93 -39.49
CA TYR A 369 28.38 13.91 -39.80
C TYR A 369 27.89 12.54 -40.28
N GLY A 370 28.65 11.46 -40.12
CA GLY A 370 28.16 10.13 -40.39
C GLY A 370 27.91 9.29 -39.16
N ARG A 371 27.90 9.88 -37.97
CA ARG A 371 27.82 9.08 -36.75
C ARG A 371 26.52 8.30 -36.69
N PHE A 372 25.40 8.95 -37.01
CA PHE A 372 24.12 8.24 -37.03
C PHE A 372 24.22 6.96 -37.85
N TRP A 373 24.87 7.03 -39.00
CA TRP A 373 24.89 5.89 -39.92
C TRP A 373 25.94 4.86 -39.51
N GLN A 374 27.04 5.29 -38.88
CA GLN A 374 27.97 4.33 -38.31
C GLN A 374 27.30 3.49 -37.23
N ILE A 375 26.39 4.09 -36.46
CA ILE A 375 25.69 3.38 -35.40
C ILE A 375 24.71 2.37 -36.00
N VAL A 376 23.93 2.80 -37.00
CA VAL A 376 22.98 1.89 -37.64
C VAL A 376 23.72 0.69 -38.23
N GLU A 377 24.80 0.95 -38.97
CA GLU A 377 25.55 -0.13 -39.59
C GLU A 377 26.22 -1.02 -38.54
N LYS A 378 26.84 -0.41 -37.52
CA LYS A 378 27.49 -1.18 -36.47
C LYS A 378 26.54 -2.22 -35.88
N HIS A 379 25.32 -1.80 -35.53
CA HIS A 379 24.38 -2.66 -34.82
C HIS A 379 23.25 -3.16 -35.69
N LYS A 380 23.31 -2.93 -37.01
CA LYS A 380 22.30 -3.41 -37.93
C LYS A 380 20.91 -3.06 -37.44
N ALA A 381 20.73 -1.78 -37.07
CA ALA A 381 19.45 -1.32 -36.58
C ALA A 381 18.40 -1.45 -37.67
N THR A 382 17.19 -1.86 -37.25
CA THR A 382 16.08 -2.02 -38.18
C THR A 382 15.11 -0.84 -38.16
N HIS A 383 15.18 0.01 -37.13
CA HIS A 383 14.23 1.11 -36.97
C HIS A 383 15.00 2.35 -36.53
N PHE A 384 14.76 3.47 -37.20
CA PHE A 384 15.44 4.72 -36.93
C PHE A 384 14.40 5.82 -36.74
N TYR A 385 14.54 6.61 -35.68
CA TYR A 385 13.55 7.59 -35.26
C TYR A 385 14.29 8.88 -34.93
N VAL A 386 14.01 9.94 -35.69
CA VAL A 386 14.83 11.15 -35.65
C VAL A 386 13.96 12.38 -35.90
N ALA A 387 14.48 13.54 -35.51
CA ALA A 387 13.82 14.83 -35.67
C ALA A 387 14.14 15.45 -37.03
N PRO A 388 13.17 16.08 -37.69
CA PRO A 388 13.48 16.79 -38.94
C PRO A 388 14.60 17.81 -38.82
N THR A 389 14.79 18.39 -37.64
CA THR A 389 15.89 19.35 -37.47
C THR A 389 17.23 18.70 -37.80
N ALA A 390 17.41 17.45 -37.38
CA ALA A 390 18.66 16.76 -37.67
C ALA A 390 18.73 16.37 -39.14
N LEU A 391 17.59 16.00 -39.73
CA LEU A 391 17.58 15.69 -41.16
C LEU A 391 17.99 16.92 -41.98
N ARG A 392 17.54 18.11 -41.55
CA ARG A 392 17.94 19.33 -42.25
C ARG A 392 19.44 19.55 -42.13
N LEU A 393 20.00 19.30 -40.94
CA LEU A 393 21.43 19.50 -40.75
C LEU A 393 22.25 18.53 -41.58
N LEU A 394 21.84 17.25 -41.64
CA LEU A 394 22.60 16.27 -42.40
C LEU A 394 22.48 16.49 -43.90
N ARG A 395 21.34 17.01 -44.36
CA ARG A 395 21.23 17.38 -45.76
C ARG A 395 22.19 18.50 -46.11
N LYS A 396 22.39 19.45 -45.17
CA LYS A 396 23.23 20.60 -45.43
C LYS A 396 24.71 20.27 -45.34
N ALA A 397 25.11 19.44 -44.37
CA ALA A 397 26.52 19.29 -44.01
C ALA A 397 27.06 17.87 -44.13
N GLY A 398 26.21 16.86 -44.27
CA GLY A 398 26.72 15.50 -44.19
C GLY A 398 26.14 14.52 -45.19
N GLU A 399 25.54 15.02 -46.26
CA GLU A 399 25.00 14.13 -47.28
C GLU A 399 26.10 13.23 -47.85
N GLN A 400 27.31 13.78 -47.99
CA GLN A 400 28.41 13.01 -48.56
C GLN A 400 28.81 11.82 -47.70
N GLU A 401 28.45 11.83 -46.41
CA GLU A 401 28.85 10.75 -45.51
C GLU A 401 27.99 9.49 -45.67
N ILE A 402 26.81 9.61 -46.28
CA ILE A 402 25.88 8.50 -46.31
C ILE A 402 26.42 7.34 -47.15
N ALA A 403 27.04 7.65 -48.30
CA ALA A 403 27.51 6.61 -49.19
C ALA A 403 28.59 5.74 -48.58
N LYS A 404 29.12 6.10 -47.41
CA LYS A 404 30.15 5.32 -46.76
C LYS A 404 29.62 4.14 -45.96
N TYR A 405 28.29 4.05 -45.78
CA TYR A 405 27.73 3.13 -44.80
C TYR A 405 26.67 2.23 -45.43
N ASP A 406 26.56 1.02 -44.89
CA ASP A 406 25.52 0.06 -45.27
C ASP A 406 24.31 0.29 -44.37
N LEU A 407 23.24 0.82 -44.96
CA LEU A 407 22.01 1.10 -44.24
C LEU A 407 20.89 0.12 -44.63
N SER A 408 21.26 -1.05 -45.13
CA SER A 408 20.28 -2.01 -45.62
C SER A 408 19.53 -2.74 -44.51
N SER A 409 19.96 -2.65 -43.26
CA SER A 409 19.21 -3.26 -42.17
C SER A 409 17.95 -2.48 -41.84
N LEU A 410 17.87 -1.21 -42.25
CA LEU A 410 16.73 -0.36 -41.90
C LEU A 410 15.52 -0.71 -42.76
N ARG A 411 14.34 -0.62 -42.16
CA ARG A 411 13.08 -0.76 -42.89
C ARG A 411 12.03 0.27 -42.47
N THR A 412 12.07 0.80 -41.25
CA THR A 412 11.13 1.80 -40.77
C THR A 412 11.92 3.05 -40.41
N LEU A 413 11.55 4.18 -41.00
CA LEU A 413 12.17 5.47 -40.74
C LEU A 413 11.12 6.41 -40.16
N GLY A 414 11.35 6.85 -38.93
CA GLY A 414 10.37 7.70 -38.25
C GLY A 414 10.80 9.15 -38.14
N SER A 415 9.82 10.04 -38.00
CA SER A 415 10.06 11.47 -37.84
C SER A 415 9.22 11.97 -36.67
N VAL A 416 9.79 12.82 -35.83
CA VAL A 416 9.16 13.19 -34.57
C VAL A 416 9.49 14.64 -34.23
N GLY A 417 8.50 15.34 -33.67
CA GLY A 417 8.74 16.56 -32.93
C GLY A 417 8.37 17.84 -33.65
N GLU A 418 8.10 17.77 -34.94
CA GLU A 418 7.93 18.98 -35.74
C GLU A 418 7.50 18.59 -37.15
N PRO A 419 6.95 19.52 -37.93
CA PRO A 419 6.53 19.17 -39.29
C PRO A 419 7.71 18.77 -40.15
N ILE A 420 7.50 17.76 -40.99
CA ILE A 420 8.51 17.30 -41.93
C ILE A 420 8.15 17.84 -43.31
N SER A 421 9.02 18.69 -43.85
CA SER A 421 8.79 19.23 -45.19
C SER A 421 8.62 18.09 -46.18
N PRO A 422 7.76 18.23 -47.19
CA PRO A 422 7.75 17.25 -48.28
C PRO A 422 9.13 17.07 -48.90
N ASP A 423 9.96 18.12 -48.88
CA ASP A 423 11.32 18.00 -49.40
C ASP A 423 12.18 17.14 -48.49
N ILE A 424 12.16 17.42 -47.19
CA ILE A 424 12.91 16.60 -46.24
C ILE A 424 12.37 15.17 -46.23
N TRP A 425 11.07 15.01 -46.44
CA TRP A 425 10.51 13.67 -46.56
C TRP A 425 11.15 12.93 -47.73
N GLU A 426 11.28 13.60 -48.88
CA GLU A 426 11.87 12.96 -50.05
C GLU A 426 13.36 12.68 -49.82
N TRP A 427 14.07 13.62 -49.20
CA TRP A 427 15.48 13.40 -48.90
C TRP A 427 15.65 12.21 -47.96
N TYR A 428 14.94 12.24 -46.84
CA TYR A 428 14.91 11.10 -45.92
C TYR A 428 14.63 9.80 -46.65
N ASN A 429 13.65 9.81 -47.56
CA ASN A 429 13.24 8.59 -48.24
C ASN A 429 14.33 8.07 -49.16
N GLU A 430 15.00 8.96 -49.88
CA GLU A 430 15.95 8.56 -50.91
C GLU A 430 17.34 8.27 -50.34
N PHE A 431 17.87 9.19 -49.53
CA PHE A 431 19.26 9.08 -49.11
C PHE A 431 19.47 8.20 -47.90
N VAL A 432 18.50 8.12 -46.98
CA VAL A 432 18.64 7.24 -45.83
C VAL A 432 17.99 5.88 -46.10
N GLY A 433 16.78 5.88 -46.65
CA GLY A 433 16.05 4.65 -46.90
C GLY A 433 16.26 4.03 -48.25
N LYS A 434 17.01 4.68 -49.13
CA LYS A 434 17.26 4.16 -50.48
C LYS A 434 15.96 3.92 -51.23
N ASN A 435 14.91 4.65 -50.86
CA ASN A 435 13.60 4.52 -51.48
C ASN A 435 13.07 3.09 -51.32
N GLN A 436 13.43 2.45 -50.21
CA GLN A 436 13.02 1.08 -49.92
C GLN A 436 12.40 0.91 -48.54
N CYS A 437 12.35 1.96 -47.73
CA CYS A 437 11.85 1.88 -46.37
C CYS A 437 10.49 2.56 -46.26
N HIS A 438 9.78 2.23 -45.20
CA HIS A 438 8.55 2.92 -44.84
C HIS A 438 8.88 4.08 -43.92
N ILE A 439 8.21 5.21 -44.15
CA ILE A 439 8.42 6.41 -43.36
C ILE A 439 7.18 6.64 -42.51
N SER A 440 7.39 6.90 -41.22
CA SER A 440 6.31 7.11 -40.26
C SER A 440 6.46 8.51 -39.67
N ASP A 441 5.80 9.48 -40.29
CA ASP A 441 5.67 10.81 -39.73
C ASP A 441 4.70 10.74 -38.54
N THR A 442 5.24 10.82 -37.32
CA THR A 442 4.44 10.59 -36.12
C THR A 442 4.11 11.91 -35.44
N TYR A 443 2.83 12.23 -35.37
CA TYR A 443 2.35 13.41 -34.66
C TYR A 443 1.88 13.00 -33.26
N TRP A 444 2.37 13.71 -32.26
CA TRP A 444 1.95 13.50 -30.87
C TRP A 444 2.57 14.62 -30.05
N GLN A 445 2.41 14.55 -28.73
CA GLN A 445 2.90 15.59 -27.84
C GLN A 445 3.16 14.99 -26.45
N THR A 446 3.84 15.77 -25.62
CA THR A 446 4.19 15.30 -24.29
C THR A 446 2.97 14.81 -23.52
N GLU A 447 1.84 15.50 -23.68
CA GLU A 447 0.65 15.19 -22.91
C GLU A 447 -0.13 14.00 -23.44
N SER A 448 0.16 13.54 -24.65
CA SER A 448 -0.53 12.36 -25.19
C SER A 448 0.13 11.06 -24.77
N GLY A 449 1.38 11.11 -24.31
CA GLY A 449 2.09 9.92 -23.89
C GLY A 449 2.67 9.11 -25.03
N SER A 450 1.90 8.94 -26.10
CA SER A 450 2.30 8.10 -27.22
C SER A 450 1.69 8.68 -28.49
N HIS A 451 1.89 7.97 -29.60
CA HIS A 451 1.48 8.48 -30.91
C HIS A 451 -0.03 8.71 -30.96
N LEU A 452 -0.41 9.79 -31.64
CA LEU A 452 -1.81 10.12 -31.90
C LEU A 452 -2.19 9.90 -33.35
N ILE A 453 -1.36 10.37 -34.29
CA ILE A 453 -1.62 10.25 -35.72
C ILE A 453 -0.31 9.84 -36.38
N ALA A 454 -0.32 8.70 -37.08
CA ALA A 454 0.91 8.22 -37.69
C ALA A 454 0.62 7.13 -38.73
N PRO A 455 1.42 7.04 -39.80
CA PRO A 455 1.25 5.92 -40.74
C PRO A 455 1.87 4.65 -40.19
N LEU A 456 1.05 3.61 -40.05
CA LEU A 456 1.56 2.33 -39.55
C LEU A 456 2.51 1.72 -40.58
N ALA A 457 3.68 1.30 -40.11
CA ALA A 457 4.70 0.75 -41.00
C ALA A 457 4.16 -0.48 -41.72
N GLY A 458 4.25 -0.47 -43.06
CA GLY A 458 3.82 -1.58 -43.86
C GLY A 458 2.33 -1.66 -44.11
N VAL A 459 1.55 -0.70 -43.63
CA VAL A 459 0.10 -0.80 -43.68
C VAL A 459 -0.50 0.44 -44.36
N VAL A 460 -0.13 1.62 -43.89
CA VAL A 460 -0.73 2.87 -44.34
C VAL A 460 0.18 3.50 -45.39
N PRO A 461 -0.28 3.71 -46.62
CA PRO A 461 0.54 4.46 -47.59
C PRO A 461 0.66 5.92 -47.20
N ASN A 462 1.76 6.53 -47.61
CA ASN A 462 2.14 7.87 -47.15
C ASN A 462 1.75 8.96 -48.14
N LYS A 463 1.43 10.13 -47.59
CA LYS A 463 1.46 11.39 -48.34
C LYS A 463 2.54 12.24 -47.70
N PRO A 464 3.65 12.52 -48.38
CA PRO A 464 4.76 13.22 -47.71
C PRO A 464 4.31 14.50 -47.01
N GLY A 465 4.64 14.60 -45.73
CA GLY A 465 4.25 15.74 -44.93
C GLY A 465 2.95 15.59 -44.17
N SER A 466 2.23 14.49 -44.36
CA SER A 466 0.99 14.22 -43.65
C SER A 466 1.20 13.11 -42.64
N ALA A 467 0.57 13.26 -41.46
CA ALA A 467 0.62 12.22 -40.45
C ALA A 467 -0.35 11.08 -40.71
N SER A 468 -1.23 11.23 -41.69
CA SER A 468 -2.17 10.19 -42.10
C SER A 468 -3.24 9.97 -41.03
N TYR A 469 -3.54 8.68 -40.69
CA TYR A 469 -4.72 8.36 -39.90
C TYR A 469 -4.44 8.43 -38.40
N PRO A 470 -5.46 8.73 -37.59
CA PRO A 470 -5.29 8.64 -36.14
C PRO A 470 -5.18 7.18 -35.68
N PHE A 471 -4.50 7.01 -34.55
CA PHE A 471 -4.13 5.69 -34.04
C PHE A 471 -5.24 5.13 -33.15
N PHE A 472 -5.08 3.86 -32.78
CA PHE A 472 -6.04 3.19 -31.89
C PHE A 472 -6.40 4.08 -30.72
N GLY A 473 -7.70 4.18 -30.44
CA GLY A 473 -8.20 4.94 -29.32
C GLY A 473 -8.20 6.44 -29.48
N ILE A 474 -7.79 6.96 -30.63
CA ILE A 474 -7.66 8.39 -30.84
C ILE A 474 -8.78 8.80 -31.80
N ASP A 475 -9.82 9.42 -31.26
CA ASP A 475 -10.96 9.89 -32.05
C ASP A 475 -10.72 11.37 -32.35
N ALA A 476 -10.04 11.64 -33.47
CA ALA A 476 -9.62 12.98 -33.80
C ALA A 476 -10.75 13.76 -34.46
N ALA A 477 -10.74 15.08 -34.22
CA ALA A 477 -11.75 15.96 -34.78
C ALA A 477 -11.13 17.32 -35.05
N LEU A 478 -11.75 18.05 -35.98
CA LEU A 478 -11.41 19.44 -36.25
C LEU A 478 -12.56 20.31 -35.79
N ILE A 479 -12.24 21.37 -35.06
CA ILE A 479 -13.25 22.26 -34.49
C ILE A 479 -13.09 23.64 -35.11
N ASP A 480 -14.22 24.23 -35.47
CA ASP A 480 -14.24 25.58 -36.05
C ASP A 480 -13.77 26.58 -35.01
N PRO A 481 -12.71 27.36 -35.27
CA PRO A 481 -12.24 28.29 -34.24
C PRO A 481 -13.20 29.42 -33.97
N VAL A 482 -14.17 29.65 -34.84
CA VAL A 482 -15.13 30.75 -34.66
C VAL A 482 -16.34 30.31 -33.86
N THR A 483 -16.89 29.13 -34.16
CA THR A 483 -18.12 28.66 -33.52
C THR A 483 -17.87 27.65 -32.42
N GLY A 484 -16.69 27.03 -32.38
CA GLY A 484 -16.43 26.00 -31.39
C GLY A 484 -17.18 24.71 -31.60
N VAL A 485 -17.69 24.46 -32.80
CA VAL A 485 -18.42 23.24 -33.12
C VAL A 485 -17.57 22.35 -34.00
N GLU A 486 -17.71 21.04 -33.80
CA GLU A 486 -16.94 20.07 -34.58
C GLU A 486 -17.32 20.15 -36.06
N ILE A 487 -16.31 20.09 -36.92
CA ILE A 487 -16.51 20.19 -38.36
C ILE A 487 -16.73 18.81 -38.95
N GLU A 488 -17.91 18.58 -39.50
CA GLU A 488 -18.19 17.33 -40.21
C GLU A 488 -17.63 17.40 -41.63
N GLY A 489 -17.39 16.23 -42.19
CA GLY A 489 -16.97 16.16 -43.58
C GLY A 489 -15.50 16.48 -43.77
N ASN A 490 -14.97 16.05 -44.90
CA ASN A 490 -13.56 16.16 -45.20
C ASN A 490 -13.29 17.39 -46.06
N ASP A 491 -12.02 17.61 -46.38
CA ASP A 491 -11.57 18.87 -46.99
C ASP A 491 -11.88 20.04 -46.07
N ALA A 492 -11.46 19.93 -44.82
CA ALA A 492 -11.77 20.90 -43.79
C ALA A 492 -10.51 21.26 -43.01
N GLU A 493 -10.62 22.31 -42.20
CA GLU A 493 -9.50 22.78 -41.39
C GLU A 493 -10.04 23.39 -40.11
N GLY A 494 -9.21 23.40 -39.07
CA GLY A 494 -9.59 24.05 -37.83
C GLY A 494 -8.69 23.62 -36.70
N VAL A 495 -9.20 23.79 -35.48
CA VAL A 495 -8.46 23.38 -34.30
C VAL A 495 -8.50 21.86 -34.17
N LEU A 496 -7.35 21.26 -33.92
CA LEU A 496 -7.26 19.81 -33.76
C LEU A 496 -7.61 19.44 -32.33
N ALA A 497 -8.61 18.58 -32.18
CA ALA A 497 -9.10 18.16 -30.87
C ALA A 497 -9.43 16.68 -30.92
N ILE A 498 -9.46 16.07 -29.73
CA ILE A 498 -9.70 14.63 -29.58
C ILE A 498 -10.94 14.45 -28.73
N LYS A 499 -11.83 13.57 -29.16
CA LYS A 499 -13.19 13.51 -28.64
C LYS A 499 -13.35 12.61 -27.42
N ASP A 500 -12.31 11.90 -27.00
CA ASP A 500 -12.39 11.06 -25.81
C ASP A 500 -10.96 10.75 -25.37
N HIS A 501 -10.79 10.54 -24.07
CA HIS A 501 -9.44 10.28 -23.58
C HIS A 501 -8.97 8.90 -24.01
N TRP A 502 -7.68 8.66 -23.90
CA TRP A 502 -7.03 7.45 -24.36
C TRP A 502 -6.08 6.95 -23.29
N PRO A 503 -5.66 5.69 -23.35
CA PRO A 503 -4.92 5.11 -22.22
C PRO A 503 -3.73 5.93 -21.75
N SER A 504 -2.88 6.40 -22.66
CA SER A 504 -1.65 7.08 -22.30
C SER A 504 -1.83 8.59 -22.10
N MET A 505 -3.06 9.09 -22.11
CA MET A 505 -3.29 10.51 -21.89
C MET A 505 -2.81 10.93 -20.51
N ALA A 506 -2.13 12.06 -20.46
CA ALA A 506 -1.68 12.60 -19.18
C ALA A 506 -2.88 12.87 -18.27
N ARG A 507 -2.68 12.65 -16.97
CA ARG A 507 -3.78 12.69 -16.02
C ARG A 507 -3.91 14.02 -15.28
N THR A 508 -2.83 14.75 -15.08
CA THR A 508 -2.90 16.01 -14.35
C THR A 508 -1.62 16.80 -14.57
N VAL A 509 -1.60 18.02 -14.03
CA VAL A 509 -0.39 18.80 -13.82
C VAL A 509 -0.10 18.79 -12.33
N TYR A 510 1.15 18.51 -11.96
CA TYR A 510 1.46 18.15 -10.58
C TYR A 510 0.99 19.22 -9.61
N LYS A 511 0.12 18.83 -8.68
CA LYS A 511 -0.42 19.72 -7.65
C LYS A 511 -1.02 20.99 -8.25
N ASN A 512 -1.57 20.87 -9.46
CA ASN A 512 -2.18 22.00 -10.13
C ASN A 512 -3.16 21.52 -11.20
N HIS A 513 -4.16 20.73 -10.78
CA HIS A 513 -5.11 20.17 -11.72
C HIS A 513 -5.95 21.25 -12.39
N THR A 514 -6.00 22.46 -11.82
CA THR A 514 -6.78 23.53 -12.44
C THR A 514 -6.11 24.01 -13.73
N LYS A 515 -4.78 24.16 -13.72
CA LYS A 515 -4.09 24.47 -14.97
C LYS A 515 -4.29 23.37 -16.00
N TYR A 516 -4.28 22.12 -15.55
CA TYR A 516 -4.56 21.01 -16.44
C TYR A 516 -5.92 21.18 -17.10
N MET A 517 -6.96 21.47 -16.31
CA MET A 517 -8.29 21.64 -16.87
C MET A 517 -8.36 22.87 -17.77
N ASP A 518 -7.77 23.98 -17.32
CA ASP A 518 -7.88 25.23 -18.09
C ASP A 518 -7.16 25.13 -19.43
N THR A 519 -6.12 24.32 -19.53
CA THR A 519 -5.32 24.24 -20.75
C THR A 519 -5.87 23.23 -21.75
N TYR A 520 -6.30 22.05 -21.29
CA TYR A 520 -6.60 20.93 -22.17
C TYR A 520 -8.09 20.62 -22.31
N MET A 521 -8.86 20.74 -21.23
CA MET A 521 -10.24 20.28 -21.23
C MET A 521 -11.29 21.38 -21.35
N ASN A 522 -11.00 22.57 -20.83
CA ASN A 522 -12.02 23.61 -20.75
C ASN A 522 -12.15 24.45 -22.01
N PRO A 523 -11.08 24.74 -22.75
CA PRO A 523 -11.23 25.56 -23.96
C PRO A 523 -12.30 25.06 -24.91
N TYR A 524 -12.41 23.75 -25.11
CA TYR A 524 -13.41 23.16 -25.99
C TYR A 524 -14.09 22.04 -25.21
N PRO A 525 -15.15 22.36 -24.47
CA PRO A 525 -15.71 21.40 -23.51
C PRO A 525 -16.18 20.13 -24.22
N GLY A 526 -15.88 18.99 -23.60
CA GLY A 526 -16.11 17.71 -24.21
C GLY A 526 -14.98 17.21 -25.07
N TYR A 527 -13.94 18.02 -25.25
CA TYR A 527 -12.82 17.68 -26.12
C TYR A 527 -11.51 17.85 -25.39
N TYR A 528 -10.47 17.24 -25.95
CA TYR A 528 -9.09 17.50 -25.58
C TYR A 528 -8.48 18.46 -26.58
N PHE A 529 -7.83 19.52 -26.09
CA PHE A 529 -7.29 20.58 -26.93
C PHE A 529 -5.80 20.36 -27.12
N THR A 530 -5.40 19.96 -28.32
CA THR A 530 -3.99 19.67 -28.60
C THR A 530 -3.14 20.92 -28.64
N GLY A 531 -3.74 22.09 -28.83
CA GLY A 531 -2.97 23.30 -29.09
C GLY A 531 -2.53 23.46 -30.52
N ASP A 532 -2.83 22.50 -31.39
CA ASP A 532 -2.43 22.53 -32.79
C ASP A 532 -3.63 22.79 -33.67
N GLY A 533 -3.38 23.36 -34.84
CA GLY A 533 -4.34 23.40 -35.92
C GLY A 533 -4.01 22.31 -36.92
N ALA A 534 -5.01 21.92 -37.70
CA ALA A 534 -4.82 20.81 -38.62
C ALA A 534 -5.84 20.91 -39.74
N ALA A 535 -5.67 20.07 -40.74
CA ALA A 535 -6.59 19.97 -41.87
C ALA A 535 -6.76 18.51 -42.23
N ARG A 536 -7.95 18.17 -42.73
CA ARG A 536 -8.31 16.80 -43.06
C ARG A 536 -8.73 16.77 -44.52
N ASP A 537 -8.04 15.99 -45.34
CA ASP A 537 -8.29 15.98 -46.77
C ASP A 537 -9.34 14.93 -47.11
N HIS A 538 -9.66 14.81 -48.40
CA HIS A 538 -10.77 13.97 -48.82
C HIS A 538 -10.54 12.50 -48.51
N ASP A 539 -9.31 12.09 -48.26
CA ASP A 539 -9.01 10.72 -47.91
C ASP A 539 -8.97 10.48 -46.41
N GLY A 540 -9.28 11.49 -45.60
CA GLY A 540 -9.20 11.37 -44.16
C GLY A 540 -7.82 11.54 -43.57
N TYR A 541 -6.82 11.86 -44.40
CA TYR A 541 -5.48 12.13 -43.90
C TYR A 541 -5.43 13.47 -43.21
N TYR A 542 -4.75 13.53 -42.07
CA TYR A 542 -4.61 14.77 -41.31
C TYR A 542 -3.30 15.45 -41.67
N TRP A 543 -3.34 16.77 -41.77
CA TRP A 543 -2.19 17.60 -42.11
C TRP A 543 -1.99 18.62 -40.99
N ILE A 544 -0.94 18.42 -40.19
CA ILE A 544 -0.67 19.33 -39.07
C ILE A 544 -0.28 20.70 -39.62
N ARG A 545 -0.95 21.74 -39.15
CA ARG A 545 -0.65 23.12 -39.53
C ARG A 545 0.13 23.89 -38.48
N GLY A 546 0.42 23.30 -37.32
CA GLY A 546 1.21 23.97 -36.31
C GLY A 546 0.37 24.47 -35.15
N ARG A 547 1.08 24.97 -34.13
CA ARG A 547 0.43 25.44 -32.91
C ARG A 547 -0.47 26.63 -33.20
N VAL A 548 -1.62 26.68 -32.52
CA VAL A 548 -2.47 27.85 -32.50
C VAL A 548 -2.24 28.74 -31.30
N ASP A 549 -1.54 28.26 -30.27
CA ASP A 549 -1.47 28.95 -28.98
C ASP A 549 -0.14 29.68 -28.74
N ASP A 550 0.57 30.07 -29.81
CA ASP A 550 1.81 30.84 -29.70
C ASP A 550 2.86 30.13 -28.84
N VAL A 551 2.98 28.82 -29.03
CA VAL A 551 4.03 28.01 -28.41
C VAL A 551 5.10 27.79 -29.46
N VAL A 552 6.35 28.14 -29.14
CA VAL A 552 7.44 28.14 -30.10
C VAL A 552 8.30 26.90 -29.93
N ASN A 553 8.47 26.16 -31.02
CA ASN A 553 9.18 24.89 -31.08
C ASN A 553 10.51 25.12 -31.80
N VAL A 554 11.60 25.10 -31.05
CA VAL A 554 12.94 25.38 -31.57
C VAL A 554 13.75 24.09 -31.53
N SER A 555 14.03 23.53 -32.71
CA SER A 555 14.80 22.30 -32.84
C SER A 555 14.19 21.19 -32.01
N GLY A 556 12.86 21.09 -32.04
CA GLY A 556 12.16 20.05 -31.32
C GLY A 556 11.95 20.35 -29.84
N HIS A 557 12.48 21.45 -29.35
CA HIS A 557 12.36 21.84 -27.95
C HIS A 557 11.20 22.81 -27.78
N ARG A 558 10.22 22.43 -26.97
CA ARG A 558 9.10 23.30 -26.66
C ARG A 558 9.55 24.42 -25.72
N LEU A 559 9.47 25.66 -26.18
CA LEU A 559 9.92 26.82 -25.42
C LEU A 559 8.75 27.72 -25.03
N SER A 560 8.94 28.44 -23.92
CA SER A 560 7.97 29.40 -23.42
C SER A 560 8.51 30.80 -23.65
N THR A 561 7.88 31.54 -24.57
CA THR A 561 8.28 32.92 -24.81
C THR A 561 8.14 33.78 -23.55
N ALA A 562 7.17 33.46 -22.70
CA ALA A 562 7.03 34.19 -21.44
C ALA A 562 8.20 33.90 -20.50
N GLU A 563 8.66 32.65 -20.46
CA GLU A 563 9.80 32.32 -19.61
C GLU A 563 11.06 33.02 -20.09
N ILE A 564 11.20 33.21 -21.41
CA ILE A 564 12.37 33.90 -21.95
C ILE A 564 12.28 35.39 -21.67
N GLU A 565 11.08 35.96 -21.80
CA GLU A 565 10.88 37.36 -21.43
C GLU A 565 11.25 37.61 -19.98
N ALA A 566 10.84 36.71 -19.09
CA ALA A 566 11.17 36.85 -17.68
C ALA A 566 12.68 36.86 -17.46
N ALA A 567 13.41 36.03 -18.19
CA ALA A 567 14.86 35.97 -18.01
C ALA A 567 15.51 37.28 -18.45
N LEU A 568 15.10 37.82 -19.60
CA LEU A 568 15.66 39.08 -20.07
C LEU A 568 15.40 40.22 -19.09
N ILE A 569 14.25 40.19 -18.42
CA ILE A 569 13.92 41.30 -17.52
C ILE A 569 14.71 41.24 -16.23
N GLU A 570 15.17 40.05 -15.82
CA GLU A 570 16.02 39.95 -14.65
C GLU A 570 17.27 40.82 -14.79
N ASP A 571 17.68 41.12 -16.02
CA ASP A 571 18.74 42.08 -16.25
C ASP A 571 18.23 43.48 -15.89
N LYS A 572 18.88 44.12 -14.92
CA LYS A 572 18.40 45.40 -14.40
C LYS A 572 18.48 46.53 -15.41
N LYS A 573 19.02 46.30 -16.60
CA LYS A 573 19.03 47.29 -17.66
C LYS A 573 17.76 47.28 -18.50
N VAL A 574 16.94 46.23 -18.37
CA VAL A 574 15.76 46.05 -19.20
C VAL A 574 14.55 46.55 -18.45
N SER A 575 13.74 47.39 -19.11
CA SER A 575 12.45 47.80 -18.56
C SER A 575 11.34 46.84 -18.95
N GLU A 576 11.19 46.56 -20.24
CA GLU A 576 10.20 45.61 -20.73
C GLU A 576 10.78 44.82 -21.89
N ALA A 577 10.26 43.62 -22.09
CA ALA A 577 10.73 42.73 -23.14
C ALA A 577 9.58 41.91 -23.69
N ALA A 578 9.65 41.63 -25.00
CA ALA A 578 8.64 40.83 -25.69
C ALA A 578 9.35 39.86 -26.62
N VAL A 579 9.02 38.56 -26.50
CA VAL A 579 9.62 37.51 -27.31
C VAL A 579 8.54 36.88 -28.18
N VAL A 580 8.88 36.59 -29.43
CA VAL A 580 7.99 35.96 -30.39
C VAL A 580 8.78 34.90 -31.16
N GLY A 581 8.04 34.09 -31.92
CA GLY A 581 8.64 33.04 -32.72
C GLY A 581 8.49 33.31 -34.20
N ILE A 582 9.48 32.88 -34.98
CA ILE A 582 9.45 33.02 -36.42
C ILE A 582 10.11 31.79 -37.05
N HIS A 583 9.74 31.54 -38.31
CA HIS A 583 10.28 30.40 -39.04
C HIS A 583 11.80 30.50 -39.15
N ASP A 584 12.45 29.34 -39.16
CA ASP A 584 13.91 29.25 -39.28
C ASP A 584 14.26 28.08 -40.17
N ASP A 585 15.15 28.32 -41.14
CA ASP A 585 15.53 27.27 -42.07
C ASP A 585 16.29 26.15 -41.39
N ILE A 586 16.87 26.39 -40.22
CA ILE A 586 17.69 25.40 -39.53
C ILE A 586 16.92 24.74 -38.39
N THR A 587 16.38 25.55 -37.47
CA THR A 587 15.77 25.03 -36.25
C THR A 587 14.25 24.89 -36.32
N GLY A 588 13.64 25.16 -37.47
CA GLY A 588 12.19 25.06 -37.57
C GLY A 588 11.54 26.37 -37.20
N GLN A 589 11.70 26.77 -35.95
CA GLN A 589 11.33 28.10 -35.49
C GLN A 589 12.48 28.67 -34.66
N ALA A 590 12.49 30.00 -34.56
CA ALA A 590 13.46 30.72 -33.76
C ALA A 590 12.75 31.79 -32.97
N VAL A 591 13.20 32.02 -31.74
CA VAL A 591 12.60 33.05 -30.90
C VAL A 591 13.37 34.35 -31.11
N ILE A 592 12.63 35.43 -31.33
CA ILE A 592 13.18 36.76 -31.55
C ILE A 592 12.77 37.62 -30.37
N ALA A 593 13.75 38.26 -29.74
CA ALA A 593 13.53 39.03 -28.52
C ALA A 593 13.61 40.52 -28.84
N TYR A 594 12.56 41.25 -28.50
CA TYR A 594 12.54 42.70 -28.57
C TYR A 594 12.69 43.27 -27.17
N VAL A 595 13.64 44.18 -27.00
CA VAL A 595 14.04 44.66 -25.68
C VAL A 595 14.08 46.19 -25.73
N ALA A 596 13.49 46.82 -24.72
CA ALA A 596 13.57 48.25 -24.52
C ALA A 596 14.33 48.52 -23.23
N LEU A 597 15.31 49.42 -23.31
CA LEU A 597 16.20 49.69 -22.19
C LEU A 597 15.83 51.02 -21.51
N LYS A 598 16.20 51.11 -20.23
CA LYS A 598 15.92 52.32 -19.48
C LYS A 598 16.78 53.50 -19.95
N GLU A 599 18.01 53.22 -20.39
CA GLU A 599 18.94 54.26 -20.82
C GLU A 599 18.98 55.42 -19.83
N ASP A 605 28.01 50.41 -26.83
CA ASP A 605 28.12 49.40 -27.87
C ASP A 605 26.89 48.48 -27.84
N SER A 606 26.05 48.60 -28.87
CA SER A 606 24.80 47.83 -28.91
C SER A 606 25.09 46.34 -29.08
N GLU A 607 25.84 45.98 -30.13
CA GLU A 607 26.17 44.58 -30.35
C GLU A 607 26.79 43.92 -29.13
N GLY A 608 27.36 44.72 -28.22
CA GLY A 608 27.90 44.21 -26.98
C GLY A 608 26.81 43.81 -26.01
N LEU A 609 25.94 44.76 -25.66
CA LEU A 609 24.82 44.46 -24.79
C LEU A 609 23.95 43.34 -25.35
N ARG A 610 23.81 43.26 -26.68
CA ARG A 610 23.05 42.17 -27.27
C ARG A 610 23.64 40.81 -26.90
N LYS A 611 24.97 40.74 -26.72
CA LYS A 611 25.59 39.49 -26.29
C LYS A 611 25.37 39.23 -24.81
N GLU A 612 25.29 40.30 -24.00
CA GLU A 612 25.10 40.13 -22.57
C GLU A 612 23.67 39.64 -22.25
N LEU A 613 22.69 40.03 -23.07
CA LEU A 613 21.32 39.59 -22.85
C LEU A 613 21.12 38.16 -23.31
N VAL A 614 21.71 37.79 -24.46
CA VAL A 614 21.61 36.41 -24.93
C VAL A 614 22.20 35.47 -23.89
N LEU A 615 23.32 35.87 -23.29
CA LEU A 615 23.94 35.06 -22.24
C LEU A 615 23.06 35.01 -21.00
N GLN A 616 22.34 36.09 -20.70
CA GLN A 616 21.41 36.09 -19.57
C GLN A 616 20.39 34.96 -19.69
N VAL A 617 19.87 34.74 -20.90
CA VAL A 617 18.89 33.68 -21.10
C VAL A 617 19.56 32.32 -20.94
N ARG A 618 20.81 32.19 -21.38
CA ARG A 618 21.53 30.94 -21.20
C ARG A 618 21.71 30.60 -19.72
N LYS A 619 21.92 31.62 -18.90
CA LYS A 619 22.21 31.39 -17.48
C LYS A 619 20.97 30.91 -16.74
N THR A 620 19.80 31.49 -17.05
CA THR A 620 18.59 31.22 -16.26
C THR A 620 17.80 30.00 -16.76
N ILE A 621 17.68 29.83 -18.08
CA ILE A 621 16.91 28.72 -18.62
C ILE A 621 17.86 27.63 -19.09
N GLY A 622 18.56 27.89 -20.19
CA GLY A 622 19.50 26.94 -20.74
C GLY A 622 20.03 27.43 -22.07
N PRO A 623 21.12 26.83 -22.55
CA PRO A 623 21.70 27.31 -23.81
C PRO A 623 20.77 27.16 -25.00
N PHE A 624 19.84 26.20 -24.95
CA PHE A 624 18.98 25.93 -26.09
C PHE A 624 17.75 26.84 -26.11
N ALA A 625 17.58 27.68 -25.11
CA ALA A 625 16.51 28.67 -25.07
C ALA A 625 16.98 30.05 -25.51
N ALA A 626 18.27 30.19 -25.80
CA ALA A 626 18.79 31.50 -26.17
C ALA A 626 18.11 32.02 -27.43
N PRO A 627 17.75 33.30 -27.49
CA PRO A 627 17.19 33.85 -28.72
C PRO A 627 18.17 33.78 -29.87
N LYS A 628 17.63 33.56 -31.07
CA LYS A 628 18.43 33.71 -32.29
C LYS A 628 18.93 35.14 -32.42
N SER A 629 18.08 36.12 -32.13
CA SER A 629 18.41 37.52 -32.32
C SER A 629 17.77 38.34 -31.21
N VAL A 630 18.44 39.43 -30.86
CA VAL A 630 17.95 40.38 -29.88
C VAL A 630 17.89 41.74 -30.54
N ILE A 631 16.69 42.29 -30.67
CA ILE A 631 16.47 43.60 -31.29
C ILE A 631 16.22 44.60 -30.17
N ILE A 632 16.93 45.72 -30.22
CA ILE A 632 16.83 46.77 -29.20
C ILE A 632 15.99 47.90 -29.75
N VAL A 633 14.91 48.24 -29.05
CA VAL A 633 13.97 49.25 -29.50
C VAL A 633 13.79 50.30 -28.41
N GLN A 634 13.19 51.43 -28.81
CA GLN A 634 12.89 52.49 -27.86
C GLN A 634 11.59 52.23 -27.09
N ASP A 635 10.60 51.65 -27.76
CA ASP A 635 9.30 51.44 -27.15
C ASP A 635 8.64 50.23 -27.80
N LEU A 636 7.88 49.48 -27.00
CA LEU A 636 7.11 48.36 -27.52
C LEU A 636 5.67 48.79 -27.78
N PRO A 637 5.04 48.29 -28.85
CA PRO A 637 3.65 48.70 -29.13
C PRO A 637 2.70 48.18 -28.07
N LYS A 638 1.79 49.04 -27.63
CA LYS A 638 0.92 48.73 -26.51
C LYS A 638 -0.51 49.11 -26.80
N THR A 639 -1.43 48.38 -26.17
CA THR A 639 -2.84 48.73 -26.16
C THR A 639 -3.06 50.00 -25.35
N ARG A 640 -4.31 50.48 -25.34
CA ARG A 640 -4.67 51.56 -24.42
C ARG A 640 -4.74 51.05 -22.99
N SER A 641 -5.06 49.77 -22.81
CA SER A 641 -4.96 49.16 -21.49
C SER A 641 -3.52 49.17 -20.98
N GLY A 642 -2.54 49.18 -21.89
CA GLY A 642 -1.14 49.17 -21.52
C GLY A 642 -0.44 47.86 -21.79
N LYS A 643 -1.16 46.82 -22.22
CA LYS A 643 -0.54 45.53 -22.50
C LYS A 643 0.25 45.60 -23.81
N ILE A 644 1.25 44.73 -23.92
CA ILE A 644 2.08 44.68 -25.12
C ILE A 644 1.34 43.90 -26.20
N MET A 645 1.36 44.44 -27.42
CA MET A 645 0.71 43.83 -28.57
C MET A 645 1.72 43.02 -29.37
N ARG A 646 1.88 41.74 -28.98
CA ARG A 646 2.83 40.88 -29.65
C ARG A 646 2.37 40.49 -31.05
N ARG A 647 1.07 40.57 -31.35
CA ARG A 647 0.60 40.35 -32.71
C ARG A 647 1.38 41.20 -33.72
N ILE A 648 1.83 42.38 -33.30
CA ILE A 648 2.56 43.26 -34.22
C ILE A 648 4.01 42.83 -34.36
N LEU A 649 4.61 42.30 -33.29
CA LEU A 649 6.00 41.87 -33.36
C LEU A 649 6.14 40.64 -34.25
N ARG A 650 5.15 39.74 -34.23
CA ARG A 650 5.19 38.56 -35.07
C ARG A 650 5.13 38.93 -36.55
N LYS A 651 4.17 39.77 -36.94
CA LYS A 651 4.05 40.15 -38.33
C LYS A 651 5.28 40.93 -38.80
N VAL A 652 5.95 41.63 -37.88
CA VAL A 652 7.15 42.38 -38.24
C VAL A 652 8.35 41.44 -38.36
N SER A 653 8.50 40.50 -37.43
CA SER A 653 9.65 39.60 -37.51
C SER A 653 9.59 38.79 -38.79
N SER A 654 8.39 38.44 -39.24
CA SER A 654 8.19 38.04 -40.62
C SER A 654 8.14 39.30 -41.48
N ASN A 655 8.37 39.14 -42.78
CA ASN A 655 8.25 40.29 -43.67
C ASN A 655 6.80 40.62 -44.04
N GLU A 656 5.91 40.63 -43.04
CA GLU A 656 4.49 40.89 -43.23
C GLU A 656 4.07 42.21 -42.58
N ALA A 657 4.98 43.18 -42.52
CA ALA A 657 4.65 44.49 -41.96
C ALA A 657 3.48 45.13 -42.69
N ASP A 658 3.33 44.83 -43.99
CA ASP A 658 2.21 45.34 -44.77
C ASP A 658 0.87 44.73 -44.35
N GLN A 659 0.85 43.79 -43.40
CA GLN A 659 -0.37 43.17 -42.93
C GLN A 659 -0.76 43.65 -41.53
N LEU A 660 -0.22 44.79 -41.09
CA LEU A 660 -0.48 45.27 -39.73
C LEU A 660 -1.84 45.94 -39.63
N GLY A 661 -2.36 46.47 -40.73
CA GLY A 661 -3.66 47.11 -40.68
C GLY A 661 -3.68 48.34 -39.79
N ASP A 662 -4.89 48.69 -39.36
CA ASP A 662 -5.10 49.88 -38.54
C ASP A 662 -4.37 49.73 -37.20
N ILE A 663 -3.63 50.78 -36.81
CA ILE A 663 -2.91 50.76 -35.55
C ILE A 663 -3.23 52.01 -34.74
N SER A 664 -4.27 52.73 -35.13
CA SER A 664 -4.75 53.84 -34.31
C SER A 664 -5.39 53.36 -33.01
N THR A 665 -5.61 52.06 -32.87
CA THR A 665 -6.08 51.49 -31.61
C THR A 665 -4.95 51.27 -30.60
N LEU A 666 -3.70 51.42 -31.02
CA LEU A 666 -2.59 51.39 -30.08
C LEU A 666 -2.54 52.69 -29.29
N SER A 667 -1.85 52.64 -28.15
CA SER A 667 -1.62 53.84 -27.36
C SER A 667 -0.35 54.55 -27.78
N ASN A 668 0.43 53.95 -28.69
CA ASN A 668 1.67 54.55 -29.18
C ASN A 668 1.93 54.06 -30.59
N PRO A 669 1.08 54.43 -31.54
CA PRO A 669 1.23 53.89 -32.90
C PRO A 669 2.54 54.31 -33.53
N GLN A 670 3.19 55.35 -33.00
CA GLN A 670 4.45 55.82 -33.56
C GLN A 670 5.60 54.85 -33.27
N SER A 671 5.44 53.97 -32.27
CA SER A 671 6.48 52.99 -31.99
C SER A 671 6.60 51.98 -33.12
N VAL A 672 5.52 51.74 -33.85
CA VAL A 672 5.54 50.71 -34.90
C VAL A 672 6.62 51.02 -35.92
N GLU A 673 6.77 52.29 -36.29
CA GLU A 673 7.78 52.65 -37.28
C GLU A 673 9.18 52.32 -36.78
N GLY A 674 9.44 52.58 -35.49
CA GLY A 674 10.74 52.28 -34.94
C GLY A 674 11.01 50.79 -34.84
N ILE A 675 9.96 49.99 -34.71
CA ILE A 675 10.13 48.54 -34.63
C ILE A 675 10.51 47.98 -36.00
N ILE A 676 9.89 48.48 -37.06
CA ILE A 676 10.24 48.02 -38.40
C ILE A 676 11.67 48.39 -38.74
N SER A 677 12.10 49.61 -38.38
CA SER A 677 13.46 50.02 -38.65
C SER A 677 14.47 49.21 -37.85
N ALA A 678 14.13 48.90 -36.59
CA ALA A 678 15.08 48.21 -35.73
C ALA A 678 15.30 46.78 -36.20
N PHE A 679 14.22 46.06 -36.51
CA PHE A 679 14.36 44.68 -36.97
C PHE A 679 15.16 44.61 -38.27
N GLY A 680 14.88 45.50 -39.22
CA GLY A 680 15.64 45.52 -40.45
C GLY A 680 17.12 45.76 -40.23
N ALA A 681 17.45 46.61 -39.25
CA ALA A 681 18.84 46.97 -39.02
C ALA A 681 19.59 45.86 -38.28
N GLN A 682 18.98 45.29 -37.24
CA GLN A 682 19.71 44.46 -36.29
C GLN A 682 19.60 42.97 -36.55
N PHE A 683 18.64 42.52 -37.35
CA PHE A 683 18.51 41.09 -37.64
C PHE A 683 19.67 40.65 -38.52
N GLY A 684 20.77 40.21 -37.91
CA GLY A 684 21.98 39.86 -38.63
C GLY A 684 23.25 40.37 -37.96
N THR B 21 -52.11 -15.89 27.17
CA THR B 21 -51.83 -14.85 28.15
C THR B 21 -50.41 -15.01 28.71
N HIS B 22 -49.89 -13.91 29.27
CA HIS B 22 -48.52 -13.86 29.77
C HIS B 22 -48.51 -13.48 31.24
N ASN B 23 -47.76 -14.24 32.04
CA ASN B 23 -47.57 -13.93 33.44
C ASN B 23 -46.38 -13.01 33.69
N VAL B 24 -45.45 -12.92 32.74
CA VAL B 24 -44.23 -12.13 32.89
C VAL B 24 -44.22 -10.96 31.91
N VAL B 25 -44.48 -11.23 30.64
CA VAL B 25 -44.40 -10.19 29.59
C VAL B 25 -45.77 -9.56 29.52
N HIS B 26 -46.04 -8.64 30.44
CA HIS B 26 -47.34 -7.97 30.48
C HIS B 26 -47.56 -7.12 29.24
N GLU B 27 -46.50 -6.54 28.68
CA GLU B 27 -46.62 -5.76 27.46
C GLU B 27 -47.37 -6.52 26.37
N ALA B 28 -47.24 -7.85 26.35
CA ALA B 28 -47.73 -8.65 25.23
C ALA B 28 -49.18 -9.07 25.39
N ASN B 29 -49.80 -8.83 26.54
CA ASN B 29 -51.15 -9.32 26.78
C ASN B 29 -52.15 -8.56 25.93
N GLY B 30 -52.97 -9.29 25.19
CA GLY B 30 -54.02 -8.71 24.37
C GLY B 30 -53.52 -7.71 23.34
N VAL B 31 -52.49 -8.08 22.58
CA VAL B 31 -51.90 -7.21 21.57
C VAL B 31 -52.19 -7.84 20.21
N LYS B 32 -53.12 -7.26 19.48
CA LYS B 32 -53.44 -7.75 18.15
C LYS B 32 -52.22 -7.65 17.24
N LEU B 33 -51.88 -8.76 16.60
CA LEU B 33 -50.80 -8.76 15.62
C LEU B 33 -51.19 -7.88 14.44
N ARG B 34 -50.22 -7.14 13.91
CA ARG B 34 -50.46 -6.09 12.91
C ARG B 34 -49.76 -6.47 11.61
N GLU B 35 -50.55 -7.00 10.67
CA GLU B 35 -50.01 -7.40 9.38
C GLU B 35 -49.56 -6.19 8.56
N THR B 36 -48.62 -6.41 7.67
CA THR B 36 -48.12 -5.33 6.81
C THR B 36 -49.23 -4.91 5.84
N PRO B 37 -49.52 -3.61 5.74
CA PRO B 37 -50.65 -3.19 4.88
C PRO B 37 -50.48 -3.61 3.44
N LYS B 38 -51.63 -3.68 2.74
CA LYS B 38 -51.61 -4.06 1.33
C LYS B 38 -50.86 -3.05 0.48
N GLU B 39 -50.91 -1.77 0.85
CA GLU B 39 -50.24 -0.74 0.05
C GLU B 39 -48.73 -0.91 0.06
N PHE B 40 -48.17 -1.55 1.09
CA PHE B 40 -46.72 -1.75 1.13
C PHE B 40 -46.24 -2.45 -0.13
N PHE B 41 -46.90 -3.55 -0.50
CA PHE B 41 -46.47 -4.35 -1.65
C PHE B 41 -46.86 -3.70 -2.98
N GLU B 42 -47.88 -2.85 -2.99
CA GLU B 42 -48.20 -2.10 -4.20
C GLU B 42 -47.08 -1.13 -4.56
N ARG B 43 -46.47 -0.50 -3.55
CA ARG B 43 -45.40 0.47 -3.75
C ARG B 43 -44.03 -0.19 -3.85
N GLN B 44 -43.94 -1.47 -3.59
CA GLN B 44 -42.67 -2.18 -3.64
C GLN B 44 -42.23 -2.30 -5.09
N PRO B 45 -41.01 -1.88 -5.44
CA PRO B 45 -40.61 -1.89 -6.86
C PRO B 45 -40.56 -3.28 -7.46
N ASN B 46 -40.12 -4.28 -6.69
CA ASN B 46 -39.91 -5.62 -7.20
C ASN B 46 -40.46 -6.61 -6.19
N LYS B 47 -40.36 -7.90 -6.51
CA LYS B 47 -40.69 -8.93 -5.54
C LYS B 47 -39.82 -8.77 -4.30
N GLY B 48 -40.44 -8.85 -3.12
CA GLY B 48 -39.71 -8.69 -1.88
C GLY B 48 -38.52 -9.63 -1.77
N HIS B 49 -37.54 -9.26 -0.94
CA HIS B 49 -36.34 -10.07 -0.81
C HIS B 49 -36.60 -11.38 -0.08
N ILE B 50 -37.65 -11.45 0.75
CA ILE B 50 -38.02 -12.66 1.46
C ILE B 50 -39.52 -12.85 1.27
N HIS B 51 -39.92 -14.08 0.94
CA HIS B 51 -41.31 -14.31 0.57
C HIS B 51 -42.25 -14.15 1.76
N ASP B 52 -41.94 -14.82 2.88
CA ASP B 52 -42.81 -14.78 4.05
C ASP B 52 -41.99 -15.08 5.29
N VAL B 53 -42.67 -15.12 6.44
CA VAL B 53 -42.00 -15.34 7.71
C VAL B 53 -41.42 -16.75 7.82
N ASN B 54 -41.95 -17.70 7.05
CA ASN B 54 -41.43 -19.06 7.11
C ASN B 54 -40.10 -19.17 6.36
N GLN B 55 -39.94 -18.43 5.27
CA GLN B 55 -38.64 -18.34 4.62
C GLN B 55 -37.63 -17.62 5.50
N TYR B 56 -38.09 -16.59 6.24
CA TYR B 56 -37.20 -15.85 7.11
C TYR B 56 -36.59 -16.75 8.18
N LYS B 57 -37.42 -17.58 8.81
CA LYS B 57 -36.90 -18.46 9.86
C LYS B 57 -35.91 -19.47 9.30
N GLN B 58 -36.18 -20.00 8.11
CA GLN B 58 -35.22 -20.90 7.47
C GLN B 58 -33.87 -20.21 7.29
N MET B 59 -33.90 -18.98 6.79
CA MET B 59 -32.66 -18.23 6.59
C MET B 59 -32.02 -17.87 7.93
N TYR B 60 -32.81 -17.47 8.92
CA TYR B 60 -32.26 -17.11 10.21
C TYR B 60 -31.59 -18.31 10.89
N GLU B 61 -32.25 -19.47 10.87
CA GLU B 61 -31.68 -20.63 11.54
C GLU B 61 -30.34 -21.02 10.94
N GLN B 62 -30.16 -20.83 9.63
CA GLN B 62 -28.87 -21.12 9.03
C GLN B 62 -27.83 -20.08 9.46
N SER B 63 -28.24 -18.82 9.56
CA SER B 63 -27.32 -17.77 9.98
C SER B 63 -26.76 -18.01 11.38
N ILE B 64 -27.40 -18.87 12.16
CA ILE B 64 -26.96 -19.16 13.52
C ILE B 64 -26.14 -20.45 13.60
N LYS B 65 -26.66 -21.55 13.04
CA LYS B 65 -25.96 -22.82 13.09
C LYS B 65 -24.82 -22.92 12.08
N ASP B 66 -24.94 -22.27 10.93
CA ASP B 66 -23.97 -22.40 9.84
C ASP B 66 -23.62 -21.02 9.29
N PRO B 67 -23.04 -20.16 10.12
CA PRO B 67 -22.68 -18.81 9.63
C PRO B 67 -21.74 -18.84 8.44
N GLN B 68 -20.92 -19.88 8.30
CA GLN B 68 -20.01 -19.97 7.17
C GLN B 68 -20.79 -20.09 5.86
N GLY B 69 -21.75 -21.02 5.82
CA GLY B 69 -22.52 -21.23 4.61
C GLY B 69 -23.50 -20.13 4.31
N PHE B 70 -23.83 -19.31 5.30
CA PHE B 70 -24.81 -18.24 5.13
C PHE B 70 -24.12 -16.92 4.76
N PHE B 71 -23.17 -16.48 5.58
CA PHE B 71 -22.55 -15.17 5.38
C PHE B 71 -21.48 -15.18 4.30
N GLY B 72 -20.90 -16.34 3.99
CA GLY B 72 -19.92 -16.44 2.94
C GLY B 72 -20.49 -15.96 1.61
N PRO B 73 -21.53 -16.63 1.12
CA PRO B 73 -22.14 -16.19 -0.16
C PRO B 73 -22.61 -14.76 -0.14
N LEU B 74 -23.25 -14.31 0.94
CA LEU B 74 -23.75 -12.94 0.97
C LEU B 74 -22.61 -11.93 0.89
N ALA B 75 -21.48 -12.24 1.52
CA ALA B 75 -20.34 -11.33 1.46
C ALA B 75 -19.82 -11.20 0.03
N LYS B 76 -19.89 -12.30 -0.73
CA LYS B 76 -19.46 -12.27 -2.13
C LYS B 76 -20.51 -11.65 -3.05
N GLU B 77 -21.77 -11.63 -2.64
CA GLU B 77 -22.82 -11.00 -3.44
C GLU B 77 -22.83 -9.49 -3.22
N LEU B 78 -22.78 -9.06 -1.96
CA LEU B 78 -23.05 -7.67 -1.61
C LEU B 78 -21.81 -6.80 -1.59
N LEU B 79 -20.61 -7.37 -1.49
CA LEU B 79 -19.37 -6.61 -1.44
C LEU B 79 -18.47 -6.97 -2.61
N SER B 80 -17.65 -6.01 -3.01
CA SER B 80 -16.63 -6.19 -4.04
C SER B 80 -15.26 -6.27 -3.38
N TRP B 81 -14.53 -7.36 -3.66
CA TRP B 81 -13.30 -7.69 -2.96
C TRP B 81 -12.09 -7.49 -3.85
N ASP B 82 -11.02 -6.95 -3.28
CA ASP B 82 -9.73 -6.89 -3.95
C ASP B 82 -8.92 -8.17 -3.77
N HIS B 83 -9.07 -8.82 -2.62
CA HIS B 83 -8.46 -10.12 -2.36
C HIS B 83 -9.50 -11.00 -1.67
N ASP B 84 -9.59 -12.25 -2.11
CA ASP B 84 -10.57 -13.15 -1.53
C ASP B 84 -10.22 -13.48 -0.09
N PHE B 85 -11.24 -13.83 0.69
CA PHE B 85 -11.07 -14.27 2.06
C PHE B 85 -11.06 -15.79 2.11
N HIS B 86 -10.30 -16.33 3.07
CA HIS B 86 -10.14 -17.77 3.21
C HIS B 86 -10.92 -18.36 4.38
N THR B 87 -11.35 -17.54 5.33
CA THR B 87 -12.11 -18.02 6.48
C THR B 87 -13.21 -17.01 6.79
N VAL B 88 -14.46 -17.48 6.84
CA VAL B 88 -15.58 -16.57 7.07
C VAL B 88 -15.56 -16.03 8.49
N LYS B 89 -15.23 -16.88 9.47
CA LYS B 89 -15.51 -16.57 10.86
C LYS B 89 -14.40 -17.15 11.73
N SER B 90 -13.95 -16.35 12.70
CA SER B 90 -12.90 -16.77 13.62
C SER B 90 -13.13 -16.11 14.97
N GLY B 91 -12.59 -16.74 16.00
CA GLY B 91 -12.60 -16.15 17.33
C GLY B 91 -13.88 -16.40 18.09
N THR B 92 -13.85 -15.99 19.35
CA THR B 92 -14.97 -16.19 20.26
C THR B 92 -15.15 -14.95 21.11
N LEU B 93 -16.37 -14.78 21.63
CA LEU B 93 -16.63 -13.67 22.55
C LEU B 93 -15.74 -13.77 23.78
N LYS B 94 -15.60 -14.98 24.31
CA LYS B 94 -14.86 -15.18 25.55
C LYS B 94 -13.41 -14.71 25.42
N ASN B 95 -12.84 -14.77 24.22
CA ASN B 95 -11.45 -14.39 23.98
C ASN B 95 -11.30 -13.02 23.34
N GLY B 96 -12.40 -12.35 22.98
CA GLY B 96 -12.32 -11.01 22.43
C GLY B 96 -11.49 -10.90 21.17
N ASP B 97 -11.48 -11.93 20.34
CA ASP B 97 -10.67 -11.98 19.13
C ASP B 97 -11.53 -12.30 17.91
N ALA B 98 -12.75 -11.77 17.90
CA ALA B 98 -13.64 -12.00 16.76
C ALA B 98 -13.05 -11.41 15.49
N ALA B 99 -13.21 -12.14 14.39
CA ALA B 99 -12.78 -11.68 13.08
C ALA B 99 -13.63 -12.37 12.02
N TRP B 100 -13.89 -11.66 10.92
CA TRP B 100 -14.70 -12.16 9.82
C TRP B 100 -13.99 -11.94 8.50
N PHE B 101 -14.12 -12.92 7.59
CA PHE B 101 -13.58 -12.80 6.25
C PHE B 101 -12.07 -12.55 6.28
N LEU B 102 -11.36 -13.43 6.99
CA LEU B 102 -9.93 -13.26 7.20
C LEU B 102 -9.17 -13.48 5.90
N GLY B 103 -8.11 -12.70 5.72
CA GLY B 103 -7.35 -12.72 4.48
C GLY B 103 -7.94 -11.88 3.38
N GLY B 104 -9.19 -11.43 3.50
CA GLY B 104 -9.79 -10.63 2.46
C GLY B 104 -9.33 -9.19 2.49
N GLU B 105 -9.33 -8.57 1.31
CA GLU B 105 -9.04 -7.15 1.16
C GLU B 105 -10.14 -6.50 0.34
N LEU B 106 -10.42 -5.25 0.66
CA LEU B 106 -11.46 -4.48 0.00
C LEU B 106 -11.25 -3.02 0.37
N ASN B 107 -12.14 -2.16 -0.12
CA ASN B 107 -12.10 -0.74 0.20
C ASN B 107 -13.51 -0.21 0.37
N ALA B 108 -13.76 0.50 1.47
CA ALA B 108 -15.12 0.94 1.77
C ALA B 108 -15.62 1.94 0.73
N SER B 109 -14.77 2.87 0.30
CA SER B 109 -15.21 3.88 -0.64
C SER B 109 -15.44 3.31 -2.03
N TYR B 110 -14.71 2.25 -2.39
CA TYR B 110 -14.99 1.61 -3.67
C TYR B 110 -16.37 0.97 -3.68
N ASN B 111 -16.74 0.32 -2.59
CA ASN B 111 -18.04 -0.34 -2.53
C ASN B 111 -19.19 0.64 -2.39
N CYS B 112 -18.93 1.84 -1.88
CA CYS B 112 -19.96 2.85 -1.69
C CYS B 112 -20.05 3.86 -2.83
N VAL B 113 -19.05 3.92 -3.70
CA VAL B 113 -19.00 4.98 -4.69
C VAL B 113 -18.52 4.44 -6.04
N ASP B 114 -17.23 4.12 -6.14
CA ASP B 114 -16.63 3.72 -7.41
C ASP B 114 -17.50 2.78 -8.21
N ARG B 115 -17.84 1.63 -7.63
CA ARG B 115 -18.52 0.59 -8.41
C ARG B 115 -19.88 1.05 -8.89
N HIS B 116 -20.52 1.97 -8.17
CA HIS B 116 -21.80 2.50 -8.63
C HIS B 116 -21.60 3.60 -9.65
N ALA B 117 -20.55 4.42 -9.48
CA ALA B 117 -20.26 5.46 -10.45
C ALA B 117 -19.98 4.85 -11.83
N PHE B 118 -19.26 3.74 -11.87
CA PHE B 118 -18.98 3.09 -13.15
C PHE B 118 -20.25 2.56 -13.78
N ALA B 119 -21.18 2.04 -12.97
CA ALA B 119 -22.38 1.42 -13.51
C ALA B 119 -23.36 2.46 -14.03
N ASN B 120 -23.56 3.54 -13.27
CA ASN B 120 -24.49 4.61 -13.64
C ASN B 120 -24.04 5.90 -12.97
N PRO B 121 -23.08 6.61 -13.59
CA PRO B 121 -22.52 7.81 -12.92
C PRO B 121 -23.55 8.90 -12.65
N ASP B 122 -24.68 8.90 -13.36
CA ASP B 122 -25.66 9.96 -13.20
C ASP B 122 -26.73 9.65 -12.16
N LYS B 123 -26.71 8.44 -11.59
CA LYS B 123 -27.69 8.11 -10.57
C LYS B 123 -27.47 8.99 -9.34
N PRO B 124 -28.52 9.57 -8.76
CA PRO B 124 -28.32 10.38 -7.55
C PRO B 124 -27.68 9.55 -6.45
N ALA B 125 -26.78 10.19 -5.70
CA ALA B 125 -26.13 9.55 -4.56
C ALA B 125 -26.42 10.28 -3.25
N LEU B 126 -26.06 11.55 -3.13
CA LEU B 126 -26.34 12.36 -1.95
C LEU B 126 -27.36 13.42 -2.31
N ILE B 127 -28.60 13.25 -1.82
CA ILE B 127 -29.63 14.27 -1.93
C ILE B 127 -29.50 15.14 -0.68
N CYS B 128 -28.82 16.28 -0.82
CA CYS B 128 -28.46 17.14 0.30
C CYS B 128 -29.49 18.24 0.46
N GLU B 129 -30.17 18.26 1.60
CA GLU B 129 -31.10 19.32 1.96
C GLU B 129 -30.43 20.19 3.03
N ALA B 130 -30.09 21.42 2.67
CA ALA B 130 -29.36 22.30 3.56
C ALA B 130 -30.29 22.89 4.63
N ASP B 131 -29.69 23.62 5.57
CA ASP B 131 -30.47 24.30 6.59
C ASP B 131 -31.52 25.20 5.95
N ASP B 132 -31.09 26.06 5.03
CA ASP B 132 -31.99 26.80 4.16
C ASP B 132 -32.07 26.07 2.83
N GLU B 133 -33.29 25.74 2.41
CA GLU B 133 -33.47 24.96 1.18
C GLU B 133 -32.85 25.64 -0.03
N LYS B 134 -32.65 26.95 0.00
CA LYS B 134 -31.99 27.64 -1.10
C LYS B 134 -30.63 27.01 -1.42
N ASP B 135 -29.98 26.41 -0.41
CA ASP B 135 -28.65 25.87 -0.56
C ASP B 135 -28.64 24.36 -0.83
N SER B 136 -29.80 23.77 -1.07
CA SER B 136 -29.86 22.34 -1.32
C SER B 136 -29.28 22.01 -2.70
N HIS B 137 -28.86 20.76 -2.85
CA HIS B 137 -28.23 20.29 -4.08
C HIS B 137 -28.18 18.78 -4.04
N ILE B 138 -27.78 18.18 -5.16
CA ILE B 138 -27.77 16.73 -5.33
C ILE B 138 -26.49 16.33 -6.02
N LEU B 139 -25.77 15.38 -5.43
CA LEU B 139 -24.57 14.82 -6.02
C LEU B 139 -24.88 13.43 -6.58
N THR B 140 -24.55 13.22 -7.85
CA THR B 140 -24.62 11.89 -8.40
C THR B 140 -23.42 11.06 -7.93
N TYR B 141 -23.49 9.75 -8.15
CA TYR B 141 -22.36 8.90 -7.83
C TYR B 141 -21.12 9.33 -8.59
N GLY B 142 -21.28 9.79 -9.82
CA GLY B 142 -20.16 10.36 -10.55
C GLY B 142 -19.60 11.58 -9.85
N ASP B 143 -20.48 12.51 -9.44
CA ASP B 143 -20.02 13.66 -8.68
C ASP B 143 -19.32 13.24 -7.40
N LEU B 144 -19.88 12.26 -6.70
CA LEU B 144 -19.31 11.83 -5.42
C LEU B 144 -17.93 11.23 -5.59
N LEU B 145 -17.72 10.49 -6.68
CA LEU B 145 -16.41 9.90 -6.93
C LEU B 145 -15.36 10.99 -7.13
N ARG B 146 -15.69 12.03 -7.89
CA ARG B 146 -14.74 13.10 -8.13
C ARG B 146 -14.43 13.88 -6.85
N GLU B 147 -15.46 14.16 -6.05
CA GLU B 147 -15.25 14.98 -4.86
C GLU B 147 -14.54 14.21 -3.77
N VAL B 148 -14.84 12.92 -3.63
CA VAL B 148 -14.09 12.07 -2.69
C VAL B 148 -12.65 11.91 -3.14
N SER B 149 -12.42 11.68 -4.45
CA SER B 149 -11.06 11.52 -4.94
C SER B 149 -10.23 12.77 -4.69
N LYS B 150 -10.82 13.95 -4.89
CA LYS B 150 -10.07 15.18 -4.73
C LYS B 150 -9.67 15.39 -3.28
N VAL B 151 -10.59 15.17 -2.34
CA VAL B 151 -10.23 15.31 -0.93
C VAL B 151 -9.20 14.27 -0.54
N ALA B 152 -9.39 13.02 -0.97
CA ALA B 152 -8.37 11.99 -0.70
C ALA B 152 -7.03 12.39 -1.27
N GLY B 153 -7.02 13.08 -2.42
CA GLY B 153 -5.76 13.55 -2.97
C GLY B 153 -5.07 14.56 -2.07
N VAL B 154 -5.85 15.45 -1.44
CA VAL B 154 -5.27 16.41 -0.51
C VAL B 154 -4.67 15.69 0.69
N LEU B 155 -5.46 14.82 1.31
CA LEU B 155 -4.95 14.06 2.46
C LEU B 155 -3.70 13.27 2.10
N GLN B 156 -3.70 12.64 0.92
CA GLN B 156 -2.54 11.85 0.51
C GLN B 156 -1.30 12.73 0.37
N SER B 157 -1.44 13.88 -0.30
CA SER B 157 -0.31 14.79 -0.43
C SER B 157 0.16 15.31 0.92
N TRP B 158 -0.72 15.32 1.92
CA TRP B 158 -0.36 15.74 3.27
C TRP B 158 0.32 14.64 4.07
N GLY B 159 0.34 13.41 3.57
CA GLY B 159 0.98 12.31 4.26
C GLY B 159 0.04 11.35 4.96
N ILE B 160 -1.27 11.55 4.89
CA ILE B 160 -2.21 10.65 5.52
C ILE B 160 -2.17 9.30 4.82
N LYS B 161 -2.14 8.22 5.60
CA LYS B 161 -1.99 6.89 5.02
C LYS B 161 -2.63 5.85 5.93
N LYS B 162 -2.72 4.63 5.39
CA LYS B 162 -3.24 3.49 6.13
C LYS B 162 -2.62 3.42 7.52
N GLY B 163 -3.47 3.31 8.54
CA GLY B 163 -3.05 3.29 9.92
C GLY B 163 -3.28 4.58 10.67
N ASP B 164 -3.37 5.69 9.97
CA ASP B 164 -3.64 6.98 10.59
C ASP B 164 -5.12 7.11 10.94
N THR B 165 -5.41 8.12 11.76
CA THR B 165 -6.77 8.50 12.07
C THR B 165 -6.95 9.97 11.73
N VAL B 166 -8.12 10.30 11.20
CA VAL B 166 -8.46 11.66 10.80
C VAL B 166 -9.78 12.04 11.45
N ALA B 167 -9.80 13.15 12.17
CA ALA B 167 -11.01 13.59 12.84
C ALA B 167 -11.88 14.39 11.89
N VAL B 168 -13.19 14.32 12.11
CA VAL B 168 -14.17 15.07 11.33
C VAL B 168 -15.10 15.80 12.29
N TYR B 169 -15.16 17.12 12.16
CA TYR B 169 -16.02 17.98 12.97
C TYR B 169 -16.84 18.80 11.96
N LEU B 170 -17.94 18.22 11.49
CA LEU B 170 -18.72 18.81 10.42
C LEU B 170 -20.20 18.61 10.67
N PRO B 171 -21.06 19.51 10.17
CA PRO B 171 -22.50 19.26 10.24
C PRO B 171 -22.93 18.13 9.32
N MET B 172 -24.22 17.82 9.32
CA MET B 172 -24.77 16.72 8.51
C MET B 172 -25.03 17.24 7.10
N ASN B 173 -23.95 17.34 6.32
CA ASN B 173 -24.04 17.83 4.95
C ASN B 173 -23.12 17.00 4.07
N ALA B 174 -23.00 17.41 2.80
CA ALA B 174 -22.24 16.62 1.83
C ALA B 174 -20.78 16.51 2.25
N GLN B 175 -20.20 17.57 2.82
CA GLN B 175 -18.79 17.55 3.14
C GLN B 175 -18.47 16.51 4.20
N ALA B 176 -19.41 16.29 5.14
CA ALA B 176 -19.22 15.23 6.13
C ALA B 176 -19.17 13.86 5.46
N ILE B 177 -20.07 13.61 4.51
CA ILE B 177 -20.07 12.32 3.82
C ILE B 177 -18.81 12.16 2.98
N ILE B 178 -18.37 13.24 2.31
CA ILE B 178 -17.19 13.16 1.47
C ILE B 178 -15.94 12.97 2.31
N ALA B 179 -15.84 13.68 3.44
CA ALA B 179 -14.68 13.53 4.31
C ALA B 179 -14.54 12.09 4.79
N MET B 180 -15.63 11.49 5.27
CA MET B 180 -15.57 10.13 5.76
C MET B 180 -15.11 9.17 4.66
N LEU B 181 -15.69 9.28 3.46
CA LEU B 181 -15.34 8.37 2.38
C LEU B 181 -13.92 8.62 1.87
N ALA B 182 -13.46 9.87 1.89
CA ALA B 182 -12.11 10.16 1.43
C ALA B 182 -11.06 9.59 2.39
N ILE B 183 -11.35 9.63 3.69
CA ILE B 183 -10.44 9.07 4.68
C ILE B 183 -10.35 7.56 4.53
N ALA B 184 -11.50 6.89 4.38
CA ALA B 184 -11.50 5.44 4.20
C ALA B 184 -10.91 5.03 2.87
N ARG B 185 -10.88 5.94 1.89
CA ARG B 185 -10.30 5.62 0.59
C ARG B 185 -8.80 5.39 0.70
N LEU B 186 -8.14 6.07 1.63
CA LEU B 186 -6.70 5.92 1.83
C LEU B 186 -6.35 4.80 2.81
N GLY B 187 -7.35 4.08 3.32
CA GLY B 187 -7.12 3.09 4.35
C GLY B 187 -6.99 3.63 5.74
N ALA B 188 -7.14 4.95 5.92
CA ALA B 188 -7.15 5.53 7.26
C ALA B 188 -8.53 5.36 7.88
N ALA B 189 -8.61 5.62 9.18
CA ALA B 189 -9.85 5.50 9.92
C ALA B 189 -10.31 6.89 10.32
N HIS B 190 -11.54 7.23 9.97
CA HIS B 190 -12.11 8.51 10.35
C HIS B 190 -12.74 8.41 11.72
N SER B 191 -12.75 9.53 12.43
CA SER B 191 -13.38 9.63 13.75
C SER B 191 -14.28 10.86 13.70
N VAL B 192 -15.59 10.64 13.59
CA VAL B 192 -16.55 11.72 13.38
C VAL B 192 -16.97 12.26 14.74
N ILE B 193 -16.78 13.56 14.93
CA ILE B 193 -17.10 14.25 16.18
C ILE B 193 -18.34 15.09 15.91
N PHE B 194 -19.44 14.76 16.59
CA PHE B 194 -20.70 15.48 16.40
C PHE B 194 -20.46 16.98 16.49
N ALA B 195 -21.03 17.73 15.55
CA ALA B 195 -20.74 19.15 15.43
C ALA B 195 -21.26 19.96 16.61
N GLY B 196 -22.16 19.39 17.42
CA GLY B 196 -22.63 20.07 18.61
C GLY B 196 -21.70 20.01 19.81
N PHE B 197 -20.63 19.22 19.73
CA PHE B 197 -19.76 19.02 20.89
C PHE B 197 -18.93 20.28 21.16
N SER B 198 -18.55 20.45 22.43
CA SER B 198 -17.79 21.60 22.86
C SER B 198 -16.31 21.41 22.54
N ALA B 199 -15.50 22.42 22.89
CA ALA B 199 -14.08 22.32 22.65
C ALA B 199 -13.43 21.25 23.51
N GLY B 200 -13.94 21.06 24.73
CA GLY B 200 -13.40 20.01 25.59
C GLY B 200 -13.73 18.62 25.07
N SER B 201 -14.94 18.43 24.56
CA SER B 201 -15.31 17.14 24.00
C SER B 201 -14.53 16.84 22.72
N ILE B 202 -14.20 17.88 21.95
CA ILE B 202 -13.30 17.70 20.81
C ILE B 202 -11.91 17.32 21.29
N LYS B 203 -11.42 18.00 22.32
CA LYS B 203 -10.06 17.77 22.81
C LYS B 203 -9.87 16.30 23.20
N ASP B 204 -10.84 15.76 23.96
CA ASP B 204 -10.71 14.39 24.46
C ASP B 204 -10.61 13.39 23.32
N ARG B 205 -11.47 13.54 22.30
CA ARG B 205 -11.57 12.52 21.26
C ARG B 205 -10.38 12.57 20.30
N VAL B 206 -9.90 13.77 19.97
CA VAL B 206 -8.76 13.88 19.06
C VAL B 206 -7.50 13.31 19.70
N ASN B 207 -7.30 13.57 21.00
CA ASN B 207 -6.07 13.14 21.64
C ASN B 207 -6.07 11.63 21.90
N ASP B 208 -7.21 11.06 22.27
CA ASP B 208 -7.27 9.62 22.48
C ASP B 208 -6.95 8.85 21.20
N ALA B 209 -7.31 9.41 20.05
CA ALA B 209 -7.05 8.78 18.76
C ALA B 209 -5.76 9.27 18.11
N SER B 210 -5.19 10.37 18.60
CA SER B 210 -3.97 10.94 18.02
C SER B 210 -4.15 11.17 16.52
N CYS B 211 -5.18 11.93 16.18
CA CYS B 211 -5.49 12.22 14.79
C CYS B 211 -4.41 13.10 14.17
N LYS B 212 -3.96 12.72 12.98
CA LYS B 212 -2.95 13.50 12.27
C LYS B 212 -3.52 14.67 11.50
N ALA B 213 -4.84 14.70 11.29
CA ALA B 213 -5.46 15.77 10.53
C ALA B 213 -6.91 15.92 10.95
N LEU B 214 -7.49 17.08 10.65
CA LEU B 214 -8.86 17.41 10.98
C LEU B 214 -9.54 18.04 9.77
N ILE B 215 -10.78 17.63 9.52
CA ILE B 215 -11.60 18.20 8.46
C ILE B 215 -12.79 18.87 9.13
N THR B 216 -12.98 20.17 8.87
CA THR B 216 -14.03 20.94 9.52
C THR B 216 -14.45 22.05 8.57
N CYS B 217 -15.31 22.94 9.06
CA CYS B 217 -15.77 24.10 8.31
C CYS B 217 -15.68 25.35 9.19
N ASP B 218 -15.79 26.50 8.55
CA ASP B 218 -15.62 27.77 9.27
C ASP B 218 -16.75 28.00 10.26
N GLU B 219 -18.00 27.93 9.81
CA GLU B 219 -19.15 28.03 10.68
C GLU B 219 -20.25 27.13 10.14
N GLY B 220 -21.24 26.87 10.99
CA GLY B 220 -22.37 26.04 10.62
C GLY B 220 -23.66 26.84 10.60
N LYS B 221 -24.69 26.23 10.03
CA LYS B 221 -26.03 26.79 9.98
C LYS B 221 -27.01 25.72 10.46
N ARG B 222 -27.79 26.05 11.49
CA ARG B 222 -28.74 25.09 12.05
C ARG B 222 -29.91 25.86 12.61
N GLY B 223 -31.09 25.67 12.02
CA GLY B 223 -32.27 26.40 12.42
C GLY B 223 -32.20 27.89 12.15
N GLY B 224 -31.40 28.31 11.17
CA GLY B 224 -31.19 29.72 10.89
C GLY B 224 -30.13 30.38 11.74
N ARG B 225 -29.75 29.80 12.87
CA ARG B 225 -28.73 30.36 13.74
C ARG B 225 -27.35 29.90 13.27
N THR B 226 -26.41 30.82 13.23
CA THR B 226 -25.03 30.49 12.89
C THR B 226 -24.35 29.87 14.10
N THR B 227 -23.68 28.74 13.89
CA THR B 227 -22.96 28.05 14.95
C THR B 227 -21.47 28.21 14.72
N ASN B 228 -20.71 28.26 15.81
CA ASN B 228 -19.27 28.40 15.74
C ASN B 228 -18.64 27.01 15.65
N ILE B 229 -17.97 26.75 14.55
CA ILE B 229 -17.31 25.47 14.31
C ILE B 229 -15.80 25.62 14.39
N LYS B 230 -15.22 26.40 13.48
CA LYS B 230 -13.77 26.63 13.51
C LYS B 230 -13.35 27.24 14.83
N LYS B 231 -14.19 28.10 15.43
CA LYS B 231 -13.79 28.75 16.67
C LYS B 231 -13.58 27.73 17.78
N LEU B 232 -14.43 26.70 17.83
CA LEU B 232 -14.25 25.66 18.84
C LEU B 232 -13.08 24.75 18.52
N CYS B 233 -12.79 24.56 17.23
CA CYS B 233 -11.63 23.75 16.84
C CYS B 233 -10.34 24.44 17.26
N ASP B 234 -10.17 25.72 16.90
CA ASP B 234 -9.00 26.47 17.33
C ASP B 234 -8.85 26.39 18.84
N GLU B 235 -9.97 26.49 19.57
CA GLU B 235 -9.93 26.40 21.02
C GLU B 235 -9.41 25.04 21.47
N ALA B 236 -9.87 23.97 20.81
CA ALA B 236 -9.43 22.62 21.17
C ALA B 236 -8.02 22.33 20.68
N LEU B 237 -7.69 22.77 19.46
CA LEU B 237 -6.46 22.33 18.82
C LEU B 237 -5.21 22.78 19.56
N VAL B 238 -5.31 23.81 20.42
CA VAL B 238 -4.14 24.27 21.13
C VAL B 238 -3.56 23.18 22.04
N ASP B 239 -4.35 22.13 22.31
CA ASP B 239 -3.90 21.02 23.15
C ASP B 239 -3.93 19.69 22.40
N CYS B 240 -4.00 19.73 21.07
CA CYS B 240 -4.02 18.53 20.22
C CYS B 240 -2.77 18.55 19.36
N PRO B 241 -1.60 18.19 19.93
CA PRO B 241 -0.36 18.31 19.16
C PRO B 241 -0.24 17.33 18.02
N THR B 242 -1.06 16.29 17.98
CA THR B 242 -0.97 15.30 16.90
C THR B 242 -1.56 15.81 15.59
N VAL B 243 -2.41 16.83 15.64
CA VAL B 243 -3.06 17.35 14.44
C VAL B 243 -2.06 18.21 13.68
N GLU B 244 -1.67 17.76 12.50
CA GLU B 244 -0.66 18.46 11.70
C GLU B 244 -1.27 19.45 10.72
N LYS B 245 -2.47 19.17 10.21
CA LYS B 245 -3.10 20.03 9.23
C LYS B 245 -4.62 19.94 9.37
N VAL B 246 -5.29 21.03 8.98
CA VAL B 246 -6.74 21.12 9.06
C VAL B 246 -7.27 21.59 7.72
N LEU B 247 -8.32 20.93 7.23
CA LEU B 247 -9.00 21.31 6.00
C LEU B 247 -10.31 21.98 6.37
N VAL B 248 -10.52 23.19 5.85
CA VAL B 248 -11.62 24.05 6.27
C VAL B 248 -12.50 24.35 5.07
N TYR B 249 -13.77 23.96 5.16
CA TYR B 249 -14.74 24.24 4.11
C TYR B 249 -15.47 25.56 4.39
N LYS B 250 -15.71 26.33 3.33
CA LYS B 250 -16.36 27.63 3.44
C LYS B 250 -17.88 27.41 3.43
N ARG B 251 -18.41 27.06 4.59
CA ARG B 251 -19.84 26.86 4.72
C ARG B 251 -20.59 28.19 4.76
N THR B 252 -20.05 29.17 5.48
CA THR B 252 -20.61 30.51 5.50
C THR B 252 -19.74 31.53 4.77
N ASN B 253 -18.46 31.22 4.57
CA ASN B 253 -17.52 32.14 3.93
C ASN B 253 -17.36 33.43 4.74
N ASN B 254 -17.62 33.38 6.03
CA ASN B 254 -17.42 34.51 6.92
C ASN B 254 -15.96 34.96 6.86
N PRO B 255 -15.67 36.20 6.45
CA PRO B 255 -14.26 36.62 6.34
C PRO B 255 -13.58 36.87 7.69
N GLU B 256 -14.33 36.93 8.78
CA GLU B 256 -13.72 37.12 10.09
C GLU B 256 -13.14 35.84 10.68
N ILE B 257 -13.29 34.71 9.99
CA ILE B 257 -12.84 33.43 10.50
C ILE B 257 -11.37 33.25 10.15
N HIS B 258 -10.53 33.14 11.17
CA HIS B 258 -9.08 33.14 11.01
C HIS B 258 -8.56 31.73 10.74
N LEU B 259 -7.64 31.63 9.79
CA LEU B 259 -6.92 30.40 9.49
C LEU B 259 -5.46 30.53 9.92
N THR B 260 -4.98 29.54 10.66
CA THR B 260 -3.60 29.54 11.15
C THR B 260 -2.66 29.17 10.02
N GLU B 261 -1.83 30.11 9.58
CA GLU B 261 -0.88 29.85 8.51
C GLU B 261 -0.01 28.65 8.86
N GLY B 262 0.14 27.74 7.90
CA GLY B 262 0.94 26.55 8.07
C GLY B 262 0.19 25.33 8.52
N ARG B 263 -1.00 25.49 9.08
CA ARG B 263 -1.81 24.37 9.56
C ARG B 263 -3.15 24.28 8.86
N ASP B 264 -3.85 25.40 8.70
CA ASP B 264 -5.19 25.41 8.15
C ASP B 264 -5.14 25.73 6.66
N TYR B 265 -5.94 25.00 5.89
CA TYR B 265 -6.03 25.17 4.45
C TYR B 265 -7.48 25.03 4.03
N TYR B 266 -7.84 25.71 2.95
CA TYR B 266 -9.24 25.75 2.51
C TYR B 266 -9.58 24.54 1.65
N TRP B 267 -10.75 23.96 1.93
CA TRP B 267 -11.23 22.82 1.16
C TRP B 267 -11.21 23.09 -0.34
N ASP B 268 -11.81 24.21 -0.76
CA ASP B 268 -11.92 24.50 -2.19
C ASP B 268 -10.56 24.79 -2.82
N VAL B 269 -9.65 25.42 -2.08
CA VAL B 269 -8.35 25.76 -2.64
C VAL B 269 -7.53 24.49 -2.91
N GLU B 270 -7.52 23.57 -1.94
CA GLU B 270 -6.70 22.37 -2.09
C GLU B 270 -7.32 21.37 -3.05
N THR B 271 -8.64 21.15 -2.97
CA THR B 271 -9.28 20.19 -3.87
C THR B 271 -9.11 20.61 -5.33
N ALA B 272 -9.00 21.90 -5.59
CA ALA B 272 -8.81 22.37 -6.96
C ALA B 272 -7.49 21.88 -7.56
N LYS B 273 -6.53 21.51 -6.71
CA LYS B 273 -5.21 21.12 -7.18
C LYS B 273 -5.11 19.67 -7.64
N PHE B 274 -6.12 18.85 -7.41
CA PHE B 274 -6.01 17.41 -7.59
C PHE B 274 -7.11 16.86 -8.48
N PRO B 275 -6.87 15.73 -9.13
CA PRO B 275 -7.82 15.22 -10.12
C PRO B 275 -8.99 14.47 -9.49
N GLY B 276 -10.02 14.28 -10.31
CA GLY B 276 -11.26 13.68 -9.87
C GLY B 276 -11.25 12.16 -9.85
N TYR B 277 -10.08 11.55 -9.93
CA TYR B 277 -9.95 10.13 -9.62
C TYR B 277 -8.65 9.89 -8.87
N LEU B 278 -8.73 9.10 -7.80
CA LEU B 278 -7.57 8.70 -7.05
C LEU B 278 -7.79 7.22 -6.74
N PRO B 279 -6.81 6.35 -6.99
CA PRO B 279 -7.01 4.92 -6.75
C PRO B 279 -7.29 4.65 -5.28
N PRO B 280 -8.31 3.85 -4.97
CA PRO B 280 -8.52 3.46 -3.57
C PRO B 280 -7.44 2.51 -3.10
N VAL B 281 -7.17 2.55 -1.80
CA VAL B 281 -6.16 1.70 -1.17
C VAL B 281 -6.86 0.49 -0.55
N SER B 282 -6.35 -0.70 -0.86
CA SER B 282 -6.90 -1.93 -0.30
C SER B 282 -6.50 -2.08 1.16
N VAL B 283 -7.46 -2.50 1.99
CA VAL B 283 -7.21 -2.76 3.40
C VAL B 283 -7.73 -4.15 3.73
N ASN B 284 -7.21 -4.70 4.84
CA ASN B 284 -7.67 -6.00 5.31
C ASN B 284 -9.08 -5.89 5.88
N SER B 285 -9.79 -7.02 5.83
CA SER B 285 -11.16 -7.06 6.37
C SER B 285 -11.21 -6.55 7.80
N GLU B 286 -10.16 -6.82 8.59
CA GLU B 286 -10.14 -6.48 10.00
C GLU B 286 -9.35 -5.22 10.29
N ASP B 287 -8.89 -4.51 9.26
CA ASP B 287 -8.33 -3.19 9.48
C ASP B 287 -9.42 -2.22 9.93
N PRO B 288 -9.10 -1.28 10.82
CA PRO B 288 -10.17 -0.40 11.34
C PRO B 288 -10.71 0.50 10.25
N LEU B 289 -12.04 0.54 10.15
CA LEU B 289 -12.70 1.47 9.24
C LEU B 289 -12.92 2.83 9.89
N PHE B 290 -13.34 2.86 11.15
CA PHE B 290 -13.57 4.12 11.83
C PHE B 290 -13.59 3.91 13.33
N LEU B 291 -13.38 5.01 14.06
CA LEU B 291 -13.58 5.09 15.49
C LEU B 291 -14.79 5.98 15.76
N LEU B 292 -15.68 5.54 16.65
CA LEU B 292 -16.84 6.34 17.03
C LEU B 292 -16.90 6.43 18.54
N TYR B 293 -16.63 7.61 19.07
CA TYR B 293 -16.56 7.86 20.50
C TYR B 293 -17.95 8.07 21.10
N THR B 294 -18.10 7.69 22.36
CA THR B 294 -19.38 7.73 23.05
C THR B 294 -19.34 8.66 24.26
N THR B 300 -15.76 8.98 30.76
CA THR B 300 -14.73 9.21 29.75
C THR B 300 -15.14 8.58 28.43
N PRO B 301 -15.13 9.36 27.35
CA PRO B 301 -15.50 8.79 26.03
C PRO B 301 -14.61 7.61 25.66
N LYS B 302 -15.25 6.52 25.24
CA LYS B 302 -14.58 5.31 24.79
C LYS B 302 -14.70 5.22 23.27
N GLY B 303 -13.57 5.07 22.58
CA GLY B 303 -13.56 4.99 21.14
C GLY B 303 -13.93 3.63 20.59
N VAL B 304 -15.19 3.46 20.19
CA VAL B 304 -15.64 2.19 19.64
C VAL B 304 -15.05 2.01 18.25
N VAL B 305 -14.42 0.85 18.02
CA VAL B 305 -13.72 0.56 16.77
C VAL B 305 -14.53 -0.49 16.01
N HIS B 306 -14.69 -0.26 14.71
CA HIS B 306 -15.40 -1.19 13.84
C HIS B 306 -14.49 -1.65 12.72
N SER B 307 -14.62 -2.93 12.37
CA SER B 307 -13.86 -3.49 11.27
C SER B 307 -14.36 -2.91 9.94
N THR B 308 -13.76 -3.38 8.84
CA THR B 308 -14.16 -2.93 7.52
C THR B 308 -15.17 -3.89 6.88
N ALA B 309 -14.77 -5.15 6.66
CA ALA B 309 -15.62 -6.07 5.93
C ALA B 309 -16.89 -6.38 6.71
N GLY B 310 -16.75 -6.85 7.96
CA GLY B 310 -17.91 -7.24 8.73
C GLY B 310 -18.91 -6.12 8.92
N TYR B 311 -18.42 -4.92 9.25
CA TYR B 311 -19.31 -3.79 9.44
C TYR B 311 -20.08 -3.48 8.16
N LEU B 312 -19.37 -3.42 7.02
CA LEU B 312 -20.03 -3.10 5.76
C LEU B 312 -21.07 -4.15 5.41
N LEU B 313 -20.75 -5.43 5.61
CA LEU B 313 -21.72 -6.48 5.32
C LEU B 313 -22.95 -6.34 6.21
N GLY B 314 -22.75 -6.02 7.49
CA GLY B 314 -23.89 -5.79 8.37
C GLY B 314 -24.72 -4.61 7.92
N ALA B 315 -24.07 -3.52 7.51
CA ALA B 315 -24.81 -2.35 7.05
C ALA B 315 -25.65 -2.68 5.82
N ALA B 316 -25.07 -3.40 4.86
CA ALA B 316 -25.79 -3.73 3.63
C ALA B 316 -26.94 -4.70 3.90
N LEU B 317 -26.66 -5.77 4.66
CA LEU B 317 -27.68 -6.77 4.92
C LEU B 317 -28.89 -6.16 5.62
N SER B 318 -28.66 -5.44 6.71
CA SER B 318 -29.77 -4.90 7.49
C SER B 318 -30.55 -3.87 6.66
N THR B 319 -29.84 -2.93 6.02
CA THR B 319 -30.52 -1.96 5.17
C THR B 319 -31.36 -2.65 4.11
N LYS B 320 -30.85 -3.75 3.54
CA LYS B 320 -31.57 -4.44 2.47
C LYS B 320 -32.80 -5.16 3.01
N TYR B 321 -32.62 -6.01 4.02
CA TYR B 321 -33.67 -6.92 4.44
C TYR B 321 -34.61 -6.34 5.49
N ILE B 322 -34.12 -5.48 6.38
CA ILE B 322 -34.98 -4.95 7.43
C ILE B 322 -35.81 -3.78 6.90
N PHE B 323 -35.22 -2.94 6.06
CA PHE B 323 -35.95 -1.83 5.44
C PHE B 323 -36.53 -2.18 4.08
N ASP B 324 -36.13 -3.31 3.49
CA ASP B 324 -36.57 -3.70 2.15
C ASP B 324 -36.18 -2.64 1.13
N ILE B 325 -34.88 -2.47 0.96
CA ILE B 325 -34.32 -1.49 0.04
C ILE B 325 -34.04 -2.16 -1.30
N HIS B 326 -34.51 -1.52 -2.37
CA HIS B 326 -34.24 -1.96 -3.73
C HIS B 326 -33.49 -0.85 -4.46
N PRO B 327 -32.91 -1.11 -5.63
CA PRO B 327 -32.19 -0.04 -6.34
C PRO B 327 -33.06 1.17 -6.65
N GLU B 328 -34.36 0.99 -6.83
CA GLU B 328 -35.24 2.09 -7.21
C GLU B 328 -35.58 3.00 -6.04
N ASP B 329 -35.19 2.65 -4.82
CA ASP B 329 -35.68 3.32 -3.63
C ASP B 329 -34.83 4.53 -3.26
N ILE B 330 -35.34 5.30 -2.30
CA ILE B 330 -34.71 6.53 -1.83
C ILE B 330 -34.85 6.53 -0.31
N LEU B 331 -33.73 6.62 0.40
CA LEU B 331 -33.72 6.49 1.85
C LEU B 331 -33.47 7.86 2.48
N PHE B 332 -34.30 8.21 3.46
CA PHE B 332 -34.15 9.44 4.25
C PHE B 332 -33.97 9.04 5.71
N THR B 333 -32.73 9.02 6.17
CA THR B 333 -32.41 8.76 7.57
C THR B 333 -32.22 10.11 8.25
N ALA B 334 -33.20 10.52 9.05
CA ALA B 334 -33.16 11.80 9.77
C ALA B 334 -32.26 11.64 10.99
N GLY B 335 -30.98 11.42 10.73
CA GLY B 335 -30.00 11.28 11.77
C GLY B 335 -28.73 12.08 11.46
N ASP B 336 -27.71 11.93 12.29
CA ASP B 336 -26.49 12.69 12.16
C ASP B 336 -25.30 11.73 12.15
N VAL B 337 -24.33 11.99 11.28
CA VAL B 337 -23.15 11.13 11.21
C VAL B 337 -22.33 11.19 12.49
N GLY B 338 -22.62 12.13 13.39
CA GLY B 338 -21.99 12.11 14.68
C GLY B 338 -22.39 10.94 15.55
N TRP B 339 -23.39 10.17 15.14
CA TRP B 339 -23.86 9.01 15.87
C TRP B 339 -23.86 7.82 14.92
N ILE B 340 -24.01 6.63 15.50
CA ILE B 340 -23.89 5.41 14.71
C ILE B 340 -25.02 5.33 13.68
N THR B 341 -26.16 5.96 13.97
CA THR B 341 -27.28 5.90 13.03
C THR B 341 -26.91 6.51 11.69
N GLY B 342 -26.25 7.66 11.70
CA GLY B 342 -25.84 8.28 10.44
C GLY B 342 -24.75 7.48 9.75
N HIS B 343 -23.78 7.00 10.53
CA HIS B 343 -22.75 6.11 9.98
C HIS B 343 -23.37 5.01 9.13
N THR B 344 -24.28 4.23 9.73
CA THR B 344 -24.70 2.97 9.16
C THR B 344 -25.87 3.10 8.20
N TYR B 345 -26.82 4.00 8.46
CA TYR B 345 -28.06 4.03 7.70
C TYR B 345 -28.30 5.34 6.98
N ALA B 346 -27.44 6.35 7.17
CA ALA B 346 -27.41 7.50 6.30
C ALA B 346 -26.30 7.42 5.26
N LEU B 347 -25.22 6.71 5.55
CA LEU B 347 -24.08 6.61 4.64
C LEU B 347 -23.86 5.19 4.13
N TYR B 348 -23.22 4.34 4.93
CA TYR B 348 -22.67 3.09 4.41
C TYR B 348 -23.77 2.17 3.88
N GLY B 349 -24.83 1.98 4.65
CA GLY B 349 -25.90 1.11 4.25
C GLY B 349 -26.47 1.44 2.87
N PRO B 350 -27.00 2.65 2.70
CA PRO B 350 -27.61 2.97 1.41
C PRO B 350 -26.62 3.08 0.26
N LEU B 351 -25.44 3.65 0.50
CA LEU B 351 -24.47 3.79 -0.58
C LEU B 351 -23.90 2.43 -1.00
N LEU B 352 -23.75 1.50 -0.07
CA LEU B 352 -23.31 0.15 -0.45
C LEU B 352 -24.29 -0.47 -1.43
N LEU B 353 -25.59 -0.33 -1.18
CA LEU B 353 -26.62 -0.87 -2.05
C LEU B 353 -26.84 0.01 -3.28
N GLY B 354 -26.15 1.14 -3.38
CA GLY B 354 -26.20 1.96 -4.57
C GLY B 354 -27.47 2.77 -4.78
N VAL B 355 -28.16 3.14 -3.70
CA VAL B 355 -29.37 3.95 -3.80
C VAL B 355 -29.07 5.36 -3.33
N PRO B 356 -29.91 6.33 -3.63
CA PRO B 356 -29.70 7.69 -3.11
C PRO B 356 -30.08 7.77 -1.64
N THR B 357 -29.36 8.63 -0.93
CA THR B 357 -29.59 8.85 0.50
C THR B 357 -29.73 10.35 0.74
N ILE B 358 -30.72 10.72 1.55
CA ILE B 358 -31.01 12.13 1.83
C ILE B 358 -30.21 12.54 3.07
N ILE B 359 -29.40 13.58 2.92
CA ILE B 359 -28.55 14.10 3.99
C ILE B 359 -29.10 15.45 4.40
N PHE B 360 -29.77 15.51 5.55
CA PHE B 360 -30.46 16.72 6.00
C PHE B 360 -29.61 17.45 7.03
N GLU B 361 -29.24 18.70 6.71
CA GLU B 361 -28.34 19.48 7.54
C GLU B 361 -29.03 20.21 8.68
N GLY B 362 -30.33 20.43 8.59
CA GLY B 362 -31.04 21.32 9.49
C GLY B 362 -31.79 20.60 10.59
N THR B 363 -32.86 21.24 11.07
CA THR B 363 -33.70 20.73 12.13
C THR B 363 -35.09 20.46 11.59
N PRO B 364 -35.91 19.68 12.31
CA PRO B 364 -37.28 19.41 11.84
C PRO B 364 -38.23 20.60 11.95
N ALA B 365 -37.82 21.71 12.55
CA ALA B 365 -38.70 22.85 12.77
C ALA B 365 -38.37 24.06 11.93
N TYR B 366 -37.27 24.04 11.18
CA TYR B 366 -36.82 25.19 10.40
C TYR B 366 -36.82 24.86 8.92
N PRO B 367 -37.42 25.72 8.07
CA PRO B 367 -38.09 27.00 8.40
C PRO B 367 -39.42 26.80 9.13
N ASP B 368 -40.05 25.62 9.04
CA ASP B 368 -41.28 25.36 9.76
C ASP B 368 -41.34 23.87 10.11
N TYR B 369 -42.35 23.51 10.91
CA TYR B 369 -42.53 22.15 11.43
C TYR B 369 -43.02 21.14 10.38
N GLY B 370 -43.03 21.48 9.09
CA GLY B 370 -43.31 20.54 8.04
C GLY B 370 -42.10 20.14 7.22
N ARG B 371 -40.90 20.50 7.66
CA ARG B 371 -39.71 20.34 6.81
C ARG B 371 -39.46 18.88 6.47
N PHE B 372 -39.54 17.99 7.46
CA PHE B 372 -39.36 16.56 7.18
C PHE B 372 -40.28 16.11 6.05
N TRP B 373 -41.53 16.55 6.08
CA TRP B 373 -42.52 16.06 5.13
C TRP B 373 -42.40 16.76 3.79
N GLN B 374 -42.00 18.04 3.79
CA GLN B 374 -41.69 18.71 2.54
C GLN B 374 -40.53 18.03 1.83
N ILE B 375 -39.56 17.51 2.59
CA ILE B 375 -38.42 16.82 1.99
C ILE B 375 -38.86 15.50 1.37
N VAL B 376 -39.64 14.70 2.11
CA VAL B 376 -40.11 13.44 1.58
C VAL B 376 -40.88 13.67 0.28
N GLU B 377 -41.76 14.68 0.26
CA GLU B 377 -42.53 14.97 -0.93
C GLU B 377 -41.63 15.42 -2.07
N LYS B 378 -40.69 16.32 -1.78
CA LYS B 378 -39.80 16.84 -2.81
C LYS B 378 -39.09 15.72 -3.57
N HIS B 379 -38.52 14.76 -2.83
CA HIS B 379 -37.67 13.73 -3.42
C HIS B 379 -38.35 12.37 -3.49
N LYS B 380 -39.64 12.29 -3.15
CA LYS B 380 -40.41 11.05 -3.23
C LYS B 380 -39.69 9.91 -2.51
N ALA B 381 -39.25 10.18 -1.28
CA ALA B 381 -38.55 9.18 -0.50
C ALA B 381 -39.47 8.00 -0.21
N THR B 382 -38.90 6.80 -0.29
CA THR B 382 -39.64 5.57 -0.02
C THR B 382 -39.39 5.03 1.38
N HIS B 383 -38.37 5.50 2.07
CA HIS B 383 -37.98 4.99 3.37
C HIS B 383 -37.64 6.15 4.28
N PHE B 384 -38.19 6.15 5.48
CA PHE B 384 -37.98 7.22 6.45
C PHE B 384 -37.56 6.61 7.78
N TYR B 385 -36.48 7.14 8.36
CA TYR B 385 -35.86 6.56 9.55
C TYR B 385 -35.53 7.69 10.52
N VAL B 386 -36.16 7.68 11.69
CA VAL B 386 -36.06 8.80 12.63
C VAL B 386 -36.14 8.27 14.05
N ALA B 387 -35.71 9.11 15.00
CA ALA B 387 -35.71 8.78 16.42
C ALA B 387 -37.04 9.17 17.07
N PRO B 388 -37.53 8.39 18.02
CA PRO B 388 -38.78 8.79 18.70
C PRO B 388 -38.73 10.18 19.31
N THR B 389 -37.54 10.67 19.67
CA THR B 389 -37.45 12.02 20.22
C THR B 389 -38.02 13.06 19.27
N ALA B 390 -37.75 12.90 17.97
CA ALA B 390 -38.25 13.87 17.00
C ALA B 390 -39.73 13.67 16.74
N LEU B 391 -40.20 12.42 16.76
CA LEU B 391 -41.63 12.18 16.58
C LEU B 391 -42.44 12.82 17.70
N ARG B 392 -41.94 12.80 18.92
CA ARG B 392 -42.65 13.45 20.02
C ARG B 392 -42.73 14.96 19.80
N LEU B 393 -41.65 15.57 19.32
CA LEU B 393 -41.65 17.01 19.09
C LEU B 393 -42.65 17.39 18.00
N LEU B 394 -42.69 16.62 16.91
CA LEU B 394 -43.60 16.95 15.83
C LEU B 394 -45.04 16.69 16.21
N ARG B 395 -45.30 15.67 17.03
CA ARG B 395 -46.66 15.45 17.51
C ARG B 395 -47.12 16.60 18.40
N LYS B 396 -46.21 17.17 19.18
CA LYS B 396 -46.58 18.22 20.13
C LYS B 396 -46.80 19.55 19.42
N ALA B 397 -45.98 19.87 18.41
CA ALA B 397 -45.94 21.22 17.86
C ALA B 397 -46.29 21.31 16.39
N GLY B 398 -46.33 20.20 15.66
CA GLY B 398 -46.47 20.27 14.21
C GLY B 398 -47.36 19.22 13.58
N GLU B 399 -48.23 18.59 14.38
CA GLU B 399 -49.09 17.54 13.82
C GLU B 399 -49.91 18.05 12.64
N GLN B 400 -50.35 19.31 12.70
CA GLN B 400 -51.19 19.86 11.63
C GLN B 400 -50.48 19.92 10.30
N GLU B 401 -49.14 19.94 10.30
CA GLU B 401 -48.39 20.15 9.07
C GLU B 401 -48.24 18.88 8.24
N ILE B 402 -48.44 17.70 8.83
CA ILE B 402 -48.16 16.46 8.11
C ILE B 402 -49.14 16.28 6.95
N ALA B 403 -50.43 16.53 7.20
CA ALA B 403 -51.45 16.31 6.18
C ALA B 403 -51.32 17.24 4.99
N LYS B 404 -50.46 18.26 5.06
CA LYS B 404 -50.30 19.21 3.96
C LYS B 404 -49.43 18.68 2.84
N TYR B 405 -48.81 17.52 3.00
CA TYR B 405 -47.79 17.04 2.08
C TYR B 405 -48.15 15.65 1.59
N ASP B 406 -47.72 15.35 0.37
CA ASP B 406 -47.95 14.04 -0.22
C ASP B 406 -46.85 13.09 0.28
N LEU B 407 -47.23 12.17 1.16
CA LEU B 407 -46.31 11.19 1.72
C LEU B 407 -46.60 9.79 1.20
N SER B 408 -47.27 9.68 0.05
CA SER B 408 -47.67 8.39 -0.49
C SER B 408 -46.50 7.63 -1.11
N SER B 409 -45.34 8.27 -1.29
CA SER B 409 -44.17 7.55 -1.76
C SER B 409 -43.58 6.66 -0.67
N LEU B 410 -43.92 6.91 0.58
CA LEU B 410 -43.33 6.15 1.68
C LEU B 410 -43.89 4.74 1.74
N ARG B 411 -43.04 3.80 2.16
CA ARG B 411 -43.45 2.42 2.31
C ARG B 411 -42.95 1.84 3.63
N THR B 412 -41.79 2.30 4.09
CA THR B 412 -41.17 1.82 5.31
C THR B 412 -40.90 2.98 6.25
N LEU B 413 -41.36 2.86 7.50
CA LEU B 413 -41.13 3.88 8.53
C LEU B 413 -40.30 3.24 9.64
N GLY B 414 -39.12 3.79 9.89
CA GLY B 414 -38.23 3.22 10.89
C GLY B 414 -38.14 4.05 12.16
N SER B 415 -37.78 3.41 13.26
CA SER B 415 -37.60 4.07 14.55
C SER B 415 -36.30 3.61 15.18
N VAL B 416 -35.57 4.55 15.79
CA VAL B 416 -34.23 4.25 16.28
C VAL B 416 -33.96 5.04 17.56
N GLY B 417 -33.23 4.41 18.47
CA GLY B 417 -32.58 5.08 19.57
C GLY B 417 -33.20 4.84 20.94
N GLU B 418 -34.38 4.26 20.99
CA GLU B 418 -35.10 4.06 22.25
C GLU B 418 -36.38 3.31 21.92
N PRO B 419 -36.98 2.60 22.87
CA PRO B 419 -38.21 1.88 22.55
C PRO B 419 -39.32 2.88 22.25
N ILE B 420 -40.17 2.53 21.30
CA ILE B 420 -41.24 3.40 20.84
C ILE B 420 -42.53 2.99 21.57
N SER B 421 -43.11 3.93 22.32
CA SER B 421 -44.36 3.64 23.01
C SER B 421 -45.38 3.10 22.03
N PRO B 422 -46.23 2.16 22.44
CA PRO B 422 -47.37 1.79 21.57
C PRO B 422 -48.17 3.00 21.14
N ASP B 423 -48.22 4.06 21.95
CA ASP B 423 -48.92 5.27 21.57
C ASP B 423 -48.18 5.99 20.45
N ILE B 424 -46.87 6.19 20.61
CA ILE B 424 -46.09 6.84 19.55
C ILE B 424 -46.09 5.97 18.30
N TRP B 425 -46.08 4.64 18.48
CA TRP B 425 -46.19 3.73 17.35
C TRP B 425 -47.48 3.97 16.57
N GLU B 426 -48.61 4.08 17.28
CA GLU B 426 -49.88 4.30 16.61
C GLU B 426 -49.94 5.66 15.93
N TRP B 427 -49.41 6.70 16.60
CA TRP B 427 -49.36 8.02 15.98
C TRP B 427 -48.50 8.00 14.72
N TYR B 428 -47.26 7.53 14.85
CA TYR B 428 -46.40 7.33 13.70
C TYR B 428 -47.14 6.61 12.58
N ASN B 429 -47.86 5.54 12.94
CA ASN B 429 -48.51 4.70 11.94
C ASN B 429 -49.63 5.44 11.22
N GLU B 430 -50.41 6.24 11.96
CA GLU B 430 -51.60 6.86 11.39
C GLU B 430 -51.29 8.17 10.69
N PHE B 431 -50.55 9.07 11.35
CA PHE B 431 -50.39 10.42 10.84
C PHE B 431 -49.28 10.54 9.80
N VAL B 432 -48.23 9.74 9.91
CA VAL B 432 -47.14 9.77 8.94
C VAL B 432 -47.36 8.74 7.84
N GLY B 433 -47.68 7.51 8.23
CA GLY B 433 -47.86 6.43 7.29
C GLY B 433 -49.27 6.27 6.76
N LYS B 434 -50.23 7.04 7.27
CA LYS B 434 -51.63 6.96 6.83
C LYS B 434 -52.16 5.54 6.96
N ASN B 435 -51.59 4.78 7.89
CA ASN B 435 -51.97 3.39 8.13
C ASN B 435 -51.75 2.52 6.89
N GLN B 436 -50.72 2.86 6.11
CA GLN B 436 -50.42 2.16 4.87
C GLN B 436 -48.98 1.68 4.77
N CYS B 437 -48.14 1.99 5.75
CA CYS B 437 -46.73 1.67 5.72
C CYS B 437 -46.40 0.58 6.73
N HIS B 438 -45.25 -0.05 6.53
CA HIS B 438 -44.67 -0.95 7.52
C HIS B 438 -43.76 -0.16 8.46
N ILE B 439 -43.84 -0.48 9.75
CA ILE B 439 -43.05 0.20 10.78
C ILE B 439 -42.02 -0.77 11.31
N SER B 440 -40.76 -0.32 11.38
CA SER B 440 -39.66 -1.13 11.87
C SER B 440 -39.00 -0.43 13.05
N ASP B 441 -39.45 -0.78 14.26
CA ASP B 441 -38.77 -0.34 15.48
C ASP B 441 -37.47 -1.13 15.60
N THR B 442 -36.33 -0.47 15.39
CA THR B 442 -35.04 -1.14 15.29
C THR B 442 -34.26 -0.98 16.59
N TYR B 443 -33.96 -2.11 17.24
CA TYR B 443 -33.11 -2.11 18.44
C TYR B 443 -31.69 -2.48 18.04
N TRP B 444 -30.74 -1.66 18.47
CA TRP B 444 -29.32 -1.91 18.25
C TRP B 444 -28.54 -0.87 19.07
N GLN B 445 -27.23 -0.85 18.90
CA GLN B 445 -26.39 0.07 19.66
C GLN B 445 -25.11 0.33 18.88
N THR B 446 -24.38 1.36 19.32
CA THR B 446 -23.15 1.75 18.63
C THR B 446 -22.20 0.57 18.45
N GLU B 447 -22.13 -0.30 19.45
CA GLU B 447 -21.18 -1.40 19.43
C GLU B 447 -21.63 -2.57 18.55
N SER B 448 -22.90 -2.60 18.14
CA SER B 448 -23.38 -3.67 17.26
C SER B 448 -23.16 -3.37 15.79
N GLY B 449 -22.92 -2.10 15.44
CA GLY B 449 -22.70 -1.73 14.05
C GLY B 449 -23.97 -1.61 13.25
N SER B 450 -24.89 -2.56 13.42
CA SER B 450 -26.11 -2.59 12.62
C SER B 450 -27.24 -3.19 13.47
N HIS B 451 -28.39 -3.39 12.84
CA HIS B 451 -29.58 -3.82 13.57
C HIS B 451 -29.37 -5.16 14.24
N LEU B 452 -29.91 -5.31 15.45
CA LEU B 452 -29.90 -6.56 16.19
C LEU B 452 -31.27 -7.22 16.24
N ILE B 453 -32.31 -6.44 16.54
CA ILE B 453 -33.68 -6.95 16.62
C ILE B 453 -34.59 -5.93 15.96
N ALA B 454 -35.30 -6.35 14.92
CA ALA B 454 -36.16 -5.44 14.18
C ALA B 454 -37.11 -6.23 13.29
N PRO B 455 -38.32 -5.72 13.04
CA PRO B 455 -39.23 -6.41 12.11
C PRO B 455 -38.84 -6.12 10.66
N LEU B 456 -38.57 -7.19 9.91
CA LEU B 456 -38.22 -7.03 8.51
C LEU B 456 -39.41 -6.48 7.73
N ALA B 457 -39.17 -5.43 6.96
CA ALA B 457 -40.24 -4.77 6.23
C ALA B 457 -40.91 -5.74 5.27
N GLY B 458 -42.24 -5.85 5.37
CA GLY B 458 -43.01 -6.70 4.50
C GLY B 458 -43.02 -8.16 4.86
N VAL B 459 -42.37 -8.56 5.96
CA VAL B 459 -42.17 -9.96 6.30
C VAL B 459 -42.69 -10.26 7.70
N VAL B 460 -42.28 -9.48 8.69
CA VAL B 460 -42.59 -9.74 10.09
C VAL B 460 -43.77 -8.86 10.49
N PRO B 461 -44.88 -9.42 10.95
CA PRO B 461 -45.96 -8.57 11.49
C PRO B 461 -45.54 -7.95 12.82
N ASN B 462 -46.11 -6.79 13.11
CA ASN B 462 -45.68 -5.94 14.21
C ASN B 462 -46.53 -6.16 15.46
N LYS B 463 -45.88 -6.00 16.60
CA LYS B 463 -46.56 -5.75 17.87
C LYS B 463 -46.10 -4.39 18.37
N PRO B 464 -46.97 -3.38 18.43
CA PRO B 464 -46.51 -2.03 18.80
C PRO B 464 -45.69 -2.03 20.09
N GLY B 465 -44.49 -1.47 20.00
CA GLY B 465 -43.58 -1.42 21.12
C GLY B 465 -42.61 -2.57 21.21
N SER B 466 -42.74 -3.57 20.33
CA SER B 466 -41.86 -4.72 20.30
C SER B 466 -40.94 -4.66 19.08
N ALA B 467 -39.68 -5.04 19.28
CA ALA B 467 -38.74 -5.14 18.17
C ALA B 467 -38.86 -6.45 17.41
N SER B 468 -39.64 -7.41 17.92
CA SER B 468 -39.88 -8.68 17.25
C SER B 468 -38.64 -9.56 17.25
N TYR B 469 -38.30 -10.18 16.08
CA TYR B 469 -37.32 -11.26 16.04
C TYR B 469 -35.91 -10.72 15.89
N PRO B 470 -34.90 -11.44 16.40
CA PRO B 470 -33.52 -11.05 16.14
C PRO B 470 -33.12 -11.29 14.69
N PHE B 471 -32.14 -10.52 14.24
CA PHE B 471 -31.74 -10.46 12.85
C PHE B 471 -30.70 -11.56 12.54
N PHE B 472 -30.42 -11.73 11.25
CA PHE B 472 -29.42 -12.69 10.79
C PHE B 472 -28.14 -12.59 11.61
N GLY B 473 -27.64 -13.74 12.05
CA GLY B 473 -26.40 -13.80 12.79
C GLY B 473 -26.49 -13.37 14.24
N ILE B 474 -27.69 -13.01 14.72
CA ILE B 474 -27.89 -12.51 16.07
C ILE B 474 -28.61 -13.60 16.85
N ASP B 475 -27.89 -14.31 17.70
CA ASP B 475 -28.46 -15.39 18.51
C ASP B 475 -28.80 -14.79 19.87
N ALA B 476 -30.02 -14.28 19.98
CA ALA B 476 -30.43 -13.55 21.17
C ALA B 476 -30.87 -14.52 22.26
N ALA B 477 -30.61 -14.12 23.50
CA ALA B 477 -30.97 -14.93 24.66
C ALA B 477 -31.29 -14.00 25.83
N LEU B 478 -32.07 -14.53 26.76
CA LEU B 478 -32.31 -13.87 28.04
C LEU B 478 -31.63 -14.68 29.12
N ILE B 479 -30.79 -14.02 29.93
CA ILE B 479 -30.02 -14.67 30.96
C ILE B 479 -30.35 -14.05 32.31
N ASP B 480 -30.41 -14.89 33.34
CA ASP B 480 -30.70 -14.42 34.69
C ASP B 480 -29.60 -13.46 35.14
N PRO B 481 -29.93 -12.23 35.54
CA PRO B 481 -28.87 -11.27 35.87
C PRO B 481 -28.06 -11.63 37.11
N VAL B 482 -28.55 -12.51 37.96
CA VAL B 482 -27.82 -12.88 39.18
C VAL B 482 -26.89 -14.05 38.93
N THR B 483 -27.36 -15.07 38.20
CA THR B 483 -26.60 -16.28 37.97
C THR B 483 -25.92 -16.32 36.61
N GLY B 484 -26.33 -15.47 35.67
CA GLY B 484 -25.75 -15.52 34.34
C GLY B 484 -26.12 -16.74 33.55
N VAL B 485 -27.24 -17.40 33.88
CA VAL B 485 -27.67 -18.61 33.21
C VAL B 485 -28.79 -18.26 32.25
N GLU B 486 -28.76 -18.89 31.08
CA GLU B 486 -29.75 -18.59 30.04
C GLU B 486 -31.13 -19.07 30.48
N ILE B 487 -32.13 -18.23 30.25
CA ILE B 487 -33.52 -18.54 30.60
C ILE B 487 -34.15 -19.22 29.40
N GLU B 488 -34.52 -20.49 29.55
CA GLU B 488 -35.21 -21.20 28.49
C GLU B 488 -36.69 -20.86 28.50
N GLY B 489 -37.32 -21.04 27.35
CA GLY B 489 -38.76 -20.88 27.24
C GLY B 489 -39.19 -19.43 27.12
N ASN B 490 -40.41 -19.25 26.65
CA ASN B 490 -40.98 -17.94 26.39
C ASN B 490 -41.82 -17.48 27.57
N ASP B 491 -42.37 -16.27 27.46
CA ASP B 491 -42.99 -15.58 28.58
C ASP B 491 -41.96 -15.41 29.71
N ALA B 492 -40.80 -14.85 29.35
CA ALA B 492 -39.66 -14.73 30.24
C ALA B 492 -39.10 -13.32 30.17
N GLU B 493 -38.21 -13.02 31.11
CA GLU B 493 -37.58 -11.71 31.19
C GLU B 493 -36.19 -11.87 31.77
N GLY B 494 -35.31 -10.93 31.45
CA GLY B 494 -33.97 -10.92 32.01
C GLY B 494 -33.06 -10.00 31.22
N VAL B 495 -31.77 -10.25 31.37
CA VAL B 495 -30.73 -9.50 30.66
C VAL B 495 -30.69 -9.96 29.21
N LEU B 496 -30.64 -9.00 28.28
CA LEU B 496 -30.54 -9.33 26.88
C LEU B 496 -29.08 -9.57 26.53
N ALA B 497 -28.77 -10.75 26.03
CA ALA B 497 -27.40 -11.13 25.72
C ALA B 497 -27.39 -11.92 24.42
N ILE B 498 -26.23 -11.94 23.77
CA ILE B 498 -26.05 -12.57 22.47
C ILE B 498 -24.95 -13.62 22.59
N LYS B 499 -25.22 -14.81 22.04
CA LYS B 499 -24.41 -15.99 22.32
C LYS B 499 -23.20 -16.15 21.43
N ASP B 500 -23.03 -15.29 20.43
CA ASP B 500 -21.87 -15.39 19.53
C ASP B 500 -21.72 -14.07 18.80
N HIS B 501 -20.49 -13.76 18.42
CA HIS B 501 -20.25 -12.51 17.71
C HIS B 501 -20.84 -12.58 16.30
N TRP B 502 -20.95 -11.41 15.68
CA TRP B 502 -21.58 -11.24 14.39
C TRP B 502 -20.72 -10.32 13.55
N PRO B 503 -20.91 -10.31 12.22
CA PRO B 503 -19.96 -9.60 11.35
C PRO B 503 -19.69 -8.16 11.74
N SER B 504 -20.73 -7.37 12.02
CA SER B 504 -20.56 -5.94 12.28
C SER B 504 -20.29 -5.62 13.74
N MET B 505 -20.06 -6.62 14.58
CA MET B 505 -19.76 -6.37 15.98
C MET B 505 -18.46 -5.58 16.11
N ALA B 506 -18.46 -4.59 16.99
CA ALA B 506 -17.25 -3.81 17.25
C ALA B 506 -16.14 -4.73 17.74
N ARG B 507 -14.90 -4.40 17.35
CA ARG B 507 -13.76 -5.28 17.60
C ARG B 507 -12.97 -4.91 18.85
N THR B 508 -12.94 -3.64 19.24
CA THR B 508 -12.17 -3.23 20.41
C THR B 508 -12.58 -1.81 20.79
N VAL B 509 -11.99 -1.33 21.88
CA VAL B 509 -11.97 0.09 22.23
C VAL B 509 -10.54 0.58 21.98
N TYR B 510 -10.41 1.70 21.28
CA TYR B 510 -9.10 2.09 20.73
C TYR B 510 -8.06 2.18 21.84
N LYS B 511 -6.97 1.41 21.68
CA LYS B 511 -5.87 1.38 22.64
C LYS B 511 -6.36 1.09 24.05
N ASN B 512 -7.44 0.31 24.16
CA ASN B 512 -7.98 -0.04 25.47
C ASN B 512 -8.86 -1.28 25.38
N HIS B 513 -8.29 -2.39 24.89
CA HIS B 513 -9.07 -3.61 24.72
C HIS B 513 -9.54 -4.22 26.05
N THR B 514 -8.92 -3.86 27.16
CA THR B 514 -9.34 -4.44 28.44
C THR B 514 -10.68 -3.88 28.87
N LYS B 515 -10.90 -2.56 28.69
CA LYS B 515 -12.20 -1.98 28.98
C LYS B 515 -13.27 -2.62 28.09
N TYR B 516 -12.91 -2.89 26.84
CA TYR B 516 -13.82 -3.59 25.92
C TYR B 516 -14.24 -4.94 26.49
N MET B 517 -13.28 -5.74 26.95
CA MET B 517 -13.61 -7.03 27.52
C MET B 517 -14.41 -6.88 28.81
N ASP B 518 -14.00 -5.95 29.68
CA ASP B 518 -14.67 -5.79 30.97
C ASP B 518 -16.11 -5.33 30.80
N THR B 519 -16.41 -4.61 29.73
CA THR B 519 -17.75 -4.06 29.53
C THR B 519 -18.69 -5.04 28.84
N TYR B 520 -18.22 -5.77 27.84
CA TYR B 520 -19.08 -6.54 26.96
C TYR B 520 -18.96 -8.05 27.11
N MET B 521 -17.76 -8.57 27.33
CA MET B 521 -17.52 -10.01 27.28
C MET B 521 -17.37 -10.67 28.64
N ASN B 522 -16.86 -9.95 29.63
CA ASN B 522 -16.54 -10.53 30.94
C ASN B 522 -17.72 -10.55 31.91
N PRO B 523 -18.61 -9.53 31.90
CA PRO B 523 -19.72 -9.55 32.87
C PRO B 523 -20.51 -10.85 32.87
N TYR B 524 -20.79 -11.40 31.70
CA TYR B 524 -21.49 -12.67 31.55
C TYR B 524 -20.69 -13.51 30.55
N PRO B 525 -19.71 -14.29 31.02
CA PRO B 525 -18.78 -14.94 30.09
C PRO B 525 -19.48 -15.89 29.13
N GLY B 526 -19.02 -15.88 27.88
CA GLY B 526 -19.64 -16.62 26.82
C GLY B 526 -20.75 -15.88 26.10
N TYR B 527 -21.09 -14.67 26.54
CA TYR B 527 -22.17 -13.88 25.97
C TYR B 527 -21.65 -12.48 25.67
N TYR B 528 -22.38 -11.78 24.82
CA TYR B 528 -22.22 -10.34 24.63
C TYR B 528 -23.28 -9.64 25.47
N PHE B 529 -22.86 -8.65 26.27
CA PHE B 529 -23.73 -7.99 27.23
C PHE B 529 -24.19 -6.65 26.65
N THR B 530 -25.47 -6.57 26.29
CA THR B 530 -25.99 -5.35 25.70
C THR B 530 -26.11 -4.20 26.70
N GLY B 531 -26.15 -4.51 28.00
CA GLY B 531 -26.48 -3.52 28.99
C GLY B 531 -27.97 -3.29 29.15
N ASP B 532 -28.80 -3.95 28.36
CA ASP B 532 -30.25 -3.76 28.36
C ASP B 532 -30.95 -4.97 28.96
N GLY B 533 -32.14 -4.73 29.51
CA GLY B 533 -33.05 -5.78 29.86
C GLY B 533 -34.14 -5.95 28.81
N ALA B 534 -34.74 -7.13 28.77
CA ALA B 534 -35.71 -7.44 27.73
C ALA B 534 -36.63 -8.55 28.22
N ALA B 535 -37.68 -8.80 27.43
CA ALA B 535 -38.64 -9.86 27.71
C ALA B 535 -39.02 -10.52 26.40
N ARG B 536 -39.31 -11.82 26.47
CA ARG B 536 -39.65 -12.62 25.30
C ARG B 536 -41.02 -13.26 25.52
N ASP B 537 -41.96 -12.97 24.63
CA ASP B 537 -43.34 -13.43 24.79
C ASP B 537 -43.51 -14.78 24.10
N HIS B 538 -44.74 -15.32 24.16
CA HIS B 538 -45.01 -16.66 23.68
C HIS B 538 -44.78 -16.83 22.19
N ASP B 539 -44.76 -15.73 21.42
CA ASP B 539 -44.48 -15.80 20.00
C ASP B 539 -43.01 -15.58 19.67
N GLY B 540 -42.15 -15.47 20.69
CA GLY B 540 -40.74 -15.19 20.48
C GLY B 540 -40.41 -13.75 20.22
N TYR B 541 -41.39 -12.84 20.29
CA TYR B 541 -41.11 -11.42 20.11
C TYR B 541 -40.41 -10.87 21.34
N TYR B 542 -39.39 -10.05 21.11
CA TYR B 542 -38.64 -9.43 22.19
C TYR B 542 -39.20 -8.04 22.50
N TRP B 543 -39.24 -7.71 23.78
CA TRP B 543 -39.72 -6.42 24.26
C TRP B 543 -38.59 -5.78 25.03
N ILE B 544 -37.97 -4.75 24.45
CA ILE B 544 -36.85 -4.10 25.11
C ILE B 544 -37.35 -3.35 26.34
N ARG B 545 -36.73 -3.62 27.48
CA ARG B 545 -37.03 -2.91 28.71
C ARG B 545 -35.96 -1.85 28.91
N GLY B 546 -35.94 -1.22 30.07
CA GLY B 546 -34.94 -0.21 30.35
C GLY B 546 -33.57 -0.81 30.59
N ARG B 547 -32.60 0.07 30.74
CA ARG B 547 -31.23 -0.34 31.02
C ARG B 547 -31.18 -1.10 32.34
N VAL B 548 -30.25 -2.05 32.43
CA VAL B 548 -30.00 -2.75 33.67
C VAL B 548 -29.03 -1.88 34.47
N ASP B 549 -28.73 -2.28 35.70
CA ASP B 549 -28.03 -1.40 36.62
C ASP B 549 -26.55 -1.76 36.67
N ASP B 550 -25.85 -1.28 37.69
CA ASP B 550 -24.42 -1.53 37.85
C ASP B 550 -24.17 -3.00 38.09
N VAL B 551 -23.60 -3.68 37.09
CA VAL B 551 -23.17 -5.06 37.23
C VAL B 551 -21.66 -5.08 37.39
N VAL B 552 -21.19 -5.41 38.59
CA VAL B 552 -19.77 -5.64 38.86
C VAL B 552 -19.64 -7.11 39.20
N ASN B 553 -18.80 -7.82 38.47
CA ASN B 553 -18.68 -9.27 38.60
C ASN B 553 -17.38 -9.59 39.32
N VAL B 554 -17.49 -9.97 40.59
CA VAL B 554 -16.35 -10.28 41.44
C VAL B 554 -16.42 -11.77 41.74
N SER B 555 -15.58 -12.56 41.08
CA SER B 555 -15.53 -14.01 41.30
C SER B 555 -16.91 -14.64 41.19
N GLY B 556 -17.67 -14.22 40.17
CA GLY B 556 -18.98 -14.77 39.90
C GLY B 556 -20.14 -14.16 40.66
N HIS B 557 -19.89 -13.23 41.58
CA HIS B 557 -20.96 -12.56 42.31
C HIS B 557 -21.24 -11.21 41.64
N ARG B 558 -22.46 -11.03 41.13
CA ARG B 558 -22.86 -9.75 40.56
C ARG B 558 -23.13 -8.78 41.71
N LEU B 559 -22.39 -7.69 41.75
CA LEU B 559 -22.53 -6.68 42.80
C LEU B 559 -23.08 -5.38 42.21
N SER B 560 -23.81 -4.64 43.01
CA SER B 560 -24.38 -3.35 42.63
C SER B 560 -23.65 -2.25 43.39
N THR B 561 -22.85 -1.47 42.67
CA THR B 561 -22.17 -0.34 43.31
C THR B 561 -23.16 0.65 43.90
N ALA B 562 -24.32 0.81 43.25
CA ALA B 562 -25.35 1.69 43.80
C ALA B 562 -25.93 1.11 45.08
N GLU B 563 -26.13 -0.21 45.12
CA GLU B 563 -26.65 -0.85 46.32
C GLU B 563 -25.67 -0.79 47.48
N ILE B 564 -24.35 -0.83 47.19
CA ILE B 564 -23.36 -0.79 48.26
C ILE B 564 -23.24 0.62 48.82
N GLU B 565 -23.28 1.65 47.96
CA GLU B 565 -23.26 3.02 48.46
C GLU B 565 -24.39 3.27 49.45
N ALA B 566 -25.59 2.81 49.13
CA ALA B 566 -26.72 3.00 50.04
C ALA B 566 -26.43 2.36 51.41
N ALA B 567 -25.82 1.18 51.42
CA ALA B 567 -25.53 0.51 52.68
C ALA B 567 -24.48 1.28 53.48
N LEU B 568 -23.40 1.72 52.81
CA LEU B 568 -22.39 2.51 53.50
C LEU B 568 -22.96 3.81 54.03
N ILE B 569 -23.92 4.40 53.31
CA ILE B 569 -24.48 5.69 53.73
C ILE B 569 -25.43 5.50 54.91
N GLU B 570 -26.06 4.33 55.04
CA GLU B 570 -26.87 4.06 56.21
C GLU B 570 -26.08 4.18 57.51
N ASP B 571 -24.75 4.03 57.44
CA ASP B 571 -23.91 4.27 58.60
C ASP B 571 -23.92 5.76 58.93
N LYS B 572 -24.37 6.10 60.13
CA LYS B 572 -24.57 7.49 60.51
C LYS B 572 -23.26 8.28 60.63
N LYS B 573 -22.11 7.63 60.50
CA LYS B 573 -20.83 8.32 60.49
C LYS B 573 -20.43 8.81 59.10
N VAL B 574 -21.10 8.32 58.05
CA VAL B 574 -20.75 8.63 56.68
C VAL B 574 -21.65 9.74 56.17
N SER B 575 -21.06 10.76 55.57
CA SER B 575 -21.81 11.82 54.91
C SER B 575 -22.13 11.45 53.46
N GLU B 576 -21.11 11.07 52.69
CA GLU B 576 -21.28 10.62 51.32
C GLU B 576 -20.33 9.45 51.07
N ALA B 577 -20.70 8.59 50.11
CA ALA B 577 -19.92 7.42 49.79
C ALA B 577 -20.01 7.16 48.29
N ALA B 578 -18.91 6.67 47.72
CA ALA B 578 -18.85 6.37 46.29
C ALA B 578 -18.16 5.03 46.08
N VAL B 579 -18.82 4.13 45.34
CA VAL B 579 -18.28 2.82 45.03
C VAL B 579 -18.15 2.72 43.51
N VAL B 580 -17.03 2.15 43.06
CA VAL B 580 -16.77 1.95 41.64
C VAL B 580 -16.16 0.56 41.45
N GLY B 581 -16.07 0.15 40.19
CA GLY B 581 -15.48 -1.12 39.82
C GLY B 581 -14.24 -0.90 38.99
N ILE B 582 -13.26 -1.79 39.16
CA ILE B 582 -12.01 -1.72 38.40
C ILE B 582 -11.56 -3.14 38.08
N HIS B 583 -10.77 -3.25 37.01
CA HIS B 583 -10.27 -4.55 36.58
C HIS B 583 -9.40 -5.18 37.66
N ASP B 584 -9.45 -6.52 37.73
CA ASP B 584 -8.63 -7.28 38.67
C ASP B 584 -8.18 -8.55 37.97
N ASP B 585 -6.87 -8.83 38.02
CA ASP B 585 -6.32 -9.99 37.33
C ASP B 585 -6.77 -11.31 37.93
N ILE B 586 -7.22 -11.31 39.18
CA ILE B 586 -7.57 -12.55 39.90
C ILE B 586 -9.07 -12.76 39.92
N THR B 587 -9.82 -11.77 40.38
CA THR B 587 -11.25 -11.91 40.61
C THR B 587 -12.10 -11.36 39.46
N GLY B 588 -11.48 -10.91 38.38
CA GLY B 588 -12.19 -10.34 37.26
C GLY B 588 -12.39 -8.85 37.41
N GLN B 589 -13.18 -8.45 38.41
CA GLN B 589 -13.30 -7.05 38.79
C GLN B 589 -13.30 -6.98 40.31
N ALA B 590 -12.96 -5.81 40.83
CA ALA B 590 -13.00 -5.56 42.27
C ALA B 590 -13.65 -4.21 42.53
N VAL B 591 -14.47 -4.15 43.58
CA VAL B 591 -15.17 -2.92 43.96
C VAL B 591 -14.36 -2.23 45.05
N ILE B 592 -14.11 -0.93 44.86
CA ILE B 592 -13.40 -0.09 45.81
C ILE B 592 -14.34 0.99 46.30
N ALA B 593 -14.47 1.14 47.61
CA ALA B 593 -15.39 2.11 48.21
C ALA B 593 -14.59 3.26 48.78
N TYR B 594 -14.92 4.47 48.35
CA TYR B 594 -14.36 5.71 48.90
C TYR B 594 -15.40 6.35 49.81
N VAL B 595 -14.98 6.73 51.02
CA VAL B 595 -15.89 7.16 52.07
C VAL B 595 -15.45 8.52 52.61
N ALA B 596 -16.40 9.43 52.70
CA ALA B 596 -16.19 10.74 53.32
C ALA B 596 -17.05 10.84 54.57
N LEU B 597 -16.44 11.27 55.66
CA LEU B 597 -17.11 11.28 56.96
C LEU B 597 -17.56 12.68 57.36
N GLY B 608 -10.04 0.37 62.00
CA GLY B 608 -11.15 0.05 62.87
C GLY B 608 -12.49 0.42 62.28
N LEU B 609 -12.67 1.71 61.98
CA LEU B 609 -13.89 2.14 61.30
C LEU B 609 -14.07 1.41 59.97
N ARG B 610 -12.97 1.17 59.26
CA ARG B 610 -13.07 0.42 58.01
C ARG B 610 -13.63 -0.97 58.22
N LYS B 611 -13.36 -1.59 59.37
CA LYS B 611 -13.92 -2.90 59.67
C LYS B 611 -15.39 -2.82 60.03
N GLU B 612 -15.83 -1.72 60.65
CA GLU B 612 -17.23 -1.58 61.03
C GLU B 612 -18.11 -1.34 59.81
N LEU B 613 -17.58 -0.68 58.78
CA LEU B 613 -18.34 -0.43 57.56
C LEU B 613 -18.45 -1.68 56.69
N VAL B 614 -17.36 -2.46 56.59
CA VAL B 614 -17.40 -3.68 55.79
C VAL B 614 -18.44 -4.65 56.33
N LEU B 615 -18.56 -4.74 57.67
CA LEU B 615 -19.59 -5.60 58.24
C LEU B 615 -20.98 -5.06 57.96
N GLN B 616 -21.14 -3.74 57.91
CA GLN B 616 -22.43 -3.16 57.56
C GLN B 616 -22.89 -3.62 56.19
N VAL B 617 -21.97 -3.66 55.22
CA VAL B 617 -22.34 -4.09 53.87
C VAL B 617 -22.67 -5.57 53.84
N ARG B 618 -21.95 -6.38 54.61
CA ARG B 618 -22.21 -7.82 54.63
C ARG B 618 -23.60 -8.13 55.16
N LYS B 619 -24.05 -7.41 56.19
CA LYS B 619 -25.34 -7.71 56.81
C LYS B 619 -26.51 -7.28 55.93
N THR B 620 -26.41 -6.12 55.27
CA THR B 620 -27.56 -5.58 54.56
C THR B 620 -27.67 -6.15 53.15
N ILE B 621 -26.55 -6.39 52.47
CA ILE B 621 -26.57 -6.89 51.10
C ILE B 621 -26.31 -8.38 51.10
N GLY B 622 -25.08 -8.77 51.44
CA GLY B 622 -24.71 -10.17 51.45
C GLY B 622 -23.24 -10.35 51.81
N PRO B 623 -22.85 -11.58 52.16
CA PRO B 623 -21.50 -11.79 52.68
C PRO B 623 -20.40 -11.52 51.66
N PHE B 624 -20.67 -11.78 50.39
CA PHE B 624 -19.69 -11.63 49.31
C PHE B 624 -19.74 -10.26 48.65
N ALA B 625 -20.54 -9.33 49.17
CA ALA B 625 -20.65 -8.00 48.61
C ALA B 625 -19.71 -6.99 49.25
N ALA B 626 -18.93 -7.40 50.26
CA ALA B 626 -18.03 -6.47 50.90
C ALA B 626 -17.01 -5.93 49.90
N PRO B 627 -16.71 -4.64 49.93
CA PRO B 627 -15.66 -4.12 49.05
C PRO B 627 -14.32 -4.77 49.37
N LYS B 628 -13.49 -4.91 48.33
CA LYS B 628 -12.12 -5.33 48.57
C LYS B 628 -11.41 -4.37 49.50
N SER B 629 -11.66 -3.07 49.34
CA SER B 629 -10.98 -2.04 50.10
C SER B 629 -11.95 -0.89 50.38
N VAL B 630 -11.78 -0.25 51.52
CA VAL B 630 -12.55 0.92 51.91
C VAL B 630 -11.55 2.03 52.22
N ILE B 631 -11.53 3.07 51.39
CA ILE B 631 -10.62 4.20 51.53
C ILE B 631 -11.40 5.39 52.09
N ILE B 632 -10.85 6.03 53.12
CA ILE B 632 -11.47 7.19 53.76
C ILE B 632 -10.75 8.43 53.28
N VAL B 633 -11.50 9.38 52.72
CA VAL B 633 -10.96 10.59 52.13
C VAL B 633 -11.63 11.80 52.77
N GLN B 634 -11.08 12.98 52.49
CA GLN B 634 -11.69 14.21 52.99
C GLN B 634 -12.89 14.61 52.17
N ASP B 635 -12.83 14.41 50.86
CA ASP B 635 -13.91 14.79 49.96
C ASP B 635 -13.91 13.93 48.70
N ILE B 644 -22.08 12.17 41.82
CA ILE B 644 -20.66 11.93 42.06
C ILE B 644 -19.95 11.79 40.72
N MET B 645 -18.78 12.39 40.58
CA MET B 645 -17.99 12.25 39.36
C MET B 645 -17.06 11.07 39.58
N ARG B 646 -17.62 9.86 39.40
CA ARG B 646 -16.87 8.63 39.62
C ARG B 646 -15.88 8.36 38.49
N ARG B 647 -16.09 8.94 37.31
CA ARG B 647 -15.11 8.80 36.24
C ARG B 647 -13.71 9.10 36.76
N ILE B 648 -13.60 9.94 37.79
CA ILE B 648 -12.31 10.27 38.37
C ILE B 648 -11.86 9.19 39.37
N LEU B 649 -12.80 8.56 40.08
CA LEU B 649 -12.41 7.54 41.06
C LEU B 649 -11.89 6.27 40.40
N ARG B 650 -12.46 5.88 39.26
CA ARG B 650 -12.00 4.68 38.57
C ARG B 650 -10.54 4.83 38.15
N LYS B 651 -10.22 5.95 37.51
CA LYS B 651 -8.84 6.20 37.10
C LYS B 651 -7.90 6.34 38.30
N VAL B 652 -8.41 6.78 39.44
CA VAL B 652 -7.56 6.96 40.63
C VAL B 652 -7.25 5.62 41.28
N SER B 653 -8.27 4.80 41.52
CA SER B 653 -8.07 3.49 42.14
C SER B 653 -7.30 2.54 41.23
N SER B 654 -7.41 2.70 39.91
CA SER B 654 -6.68 1.85 38.97
C SER B 654 -5.19 2.16 38.92
N ASN B 655 -4.82 3.44 39.07
CA ASN B 655 -3.43 3.87 39.11
C ASN B 655 -2.83 3.87 37.70
N LEU B 666 -20.52 21.30 39.40
CA LEU B 666 -20.26 20.05 40.10
C LEU B 666 -18.77 19.76 40.19
N SER B 667 -17.95 20.69 39.69
CA SER B 667 -16.50 20.56 39.74
C SER B 667 -15.91 21.19 41.00
N ASN B 668 -14.89 20.51 41.53
CA ASN B 668 -14.12 20.95 42.71
C ASN B 668 -12.75 20.27 42.61
N PRO B 669 -11.91 20.73 41.65
CA PRO B 669 -10.69 19.96 41.30
C PRO B 669 -9.63 19.81 42.39
N GLN B 670 -9.65 20.61 43.46
CA GLN B 670 -8.54 20.52 44.41
C GLN B 670 -8.58 19.26 45.27
N SER B 671 -9.74 18.60 45.39
CA SER B 671 -9.83 17.38 46.18
C SER B 671 -9.04 16.22 45.59
N VAL B 672 -8.79 16.24 44.28
CA VAL B 672 -8.19 15.09 43.61
C VAL B 672 -6.88 14.68 44.27
N GLU B 673 -6.06 15.65 44.68
CA GLU B 673 -4.76 15.32 45.24
C GLU B 673 -4.90 14.49 46.52
N GLY B 674 -5.85 14.84 47.38
CA GLY B 674 -6.03 14.11 48.62
C GLY B 674 -6.52 12.69 48.43
N ILE B 675 -7.28 12.44 47.35
CA ILE B 675 -7.78 11.09 47.09
C ILE B 675 -6.65 10.19 46.61
N ILE B 676 -5.76 10.73 45.78
CA ILE B 676 -4.62 9.94 45.30
C ILE B 676 -3.71 9.57 46.48
N SER B 677 -3.50 10.52 47.39
CA SER B 677 -2.70 10.22 48.58
C SER B 677 -3.40 9.22 49.48
N ALA B 678 -4.73 9.31 49.56
CA ALA B 678 -5.49 8.44 50.46
C ALA B 678 -5.47 6.99 50.00
N PHE B 679 -5.64 6.75 48.70
CA PHE B 679 -5.65 5.38 48.20
C PHE B 679 -4.33 4.68 48.53
N GLY B 680 -3.21 5.37 48.34
CA GLY B 680 -1.94 4.80 48.74
C GLY B 680 -1.90 4.49 50.22
N ALA B 681 -2.54 5.33 51.03
CA ALA B 681 -2.55 5.17 52.48
C ALA B 681 -3.52 4.06 52.89
N THR C 21 38.99 -49.63 -0.08
CA THR C 21 39.91 -48.93 0.81
C THR C 21 40.23 -47.54 0.26
N HIS C 22 40.55 -46.61 1.15
CA HIS C 22 40.72 -45.20 0.81
C HIS C 22 42.15 -44.78 1.07
N ASN C 23 42.82 -44.26 0.04
CA ASN C 23 44.15 -43.70 0.22
C ASN C 23 44.07 -42.28 0.76
N VAL C 24 43.04 -41.53 0.41
CA VAL C 24 42.91 -40.13 0.81
C VAL C 24 42.13 -40.03 2.12
N VAL C 25 40.85 -40.41 2.09
CA VAL C 25 39.98 -40.27 3.24
C VAL C 25 40.38 -41.28 4.30
N HIS C 26 41.28 -40.89 5.19
CA HIS C 26 41.73 -41.80 6.25
C HIS C 26 40.61 -42.10 7.24
N GLU C 27 39.63 -41.19 7.37
CA GLU C 27 38.51 -41.43 8.27
C GLU C 27 37.58 -42.53 7.78
N ALA C 28 37.65 -42.87 6.49
CA ALA C 28 36.70 -43.80 5.90
C ALA C 28 37.14 -45.25 5.97
N ASN C 29 38.42 -45.51 6.17
CA ASN C 29 38.92 -46.88 6.15
C ASN C 29 38.26 -47.71 7.25
N GLY C 30 37.51 -48.72 6.84
CA GLY C 30 36.87 -49.63 7.78
C GLY C 30 35.87 -48.98 8.69
N VAL C 31 34.66 -48.73 8.18
CA VAL C 31 33.57 -48.13 8.96
C VAL C 31 32.28 -48.82 8.56
N LYS C 32 31.64 -49.51 9.49
CA LYS C 32 30.42 -50.26 9.21
C LYS C 32 29.23 -49.33 9.06
N LEU C 33 28.47 -49.51 7.98
CA LEU C 33 27.25 -48.75 7.75
C LEU C 33 26.23 -49.11 8.82
N ARG C 34 25.87 -48.14 9.65
CA ARG C 34 24.89 -48.35 10.72
C ARG C 34 23.51 -48.08 10.14
N GLU C 35 22.91 -49.11 9.53
CA GLU C 35 21.53 -49.00 9.06
C GLU C 35 20.62 -48.56 10.21
N THR C 36 19.55 -47.86 9.86
CA THR C 36 18.65 -47.34 10.88
C THR C 36 18.01 -48.51 11.65
N PRO C 37 17.96 -48.45 12.99
CA PRO C 37 17.32 -49.53 13.76
C PRO C 37 15.91 -49.86 13.33
N LYS C 38 15.42 -51.04 13.73
CA LYS C 38 14.07 -51.47 13.39
C LYS C 38 13.01 -50.85 14.29
N GLU C 39 13.38 -50.37 15.47
CA GLU C 39 12.43 -49.72 16.35
C GLU C 39 12.08 -48.32 15.89
N PHE C 40 12.92 -47.71 15.06
CA PHE C 40 12.60 -46.40 14.50
C PHE C 40 11.32 -46.45 13.69
N PHE C 41 11.05 -47.56 13.02
CA PHE C 41 9.85 -47.69 12.20
C PHE C 41 8.64 -48.15 12.99
N GLU C 42 8.85 -48.87 14.10
CA GLU C 42 7.75 -49.18 15.00
C GLU C 42 7.14 -47.92 15.61
N ARG C 43 7.90 -46.84 15.68
CA ARG C 43 7.49 -45.62 16.36
C ARG C 43 7.04 -44.52 15.41
N GLN C 44 7.21 -44.71 14.10
CA GLN C 44 6.72 -43.72 13.14
C GLN C 44 5.19 -43.70 13.15
N PRO C 45 4.56 -42.53 13.16
CA PRO C 45 3.08 -42.52 13.17
C PRO C 45 2.49 -42.86 11.83
N ASN C 46 3.19 -42.60 10.73
CA ASN C 46 2.67 -42.79 9.39
C ASN C 46 3.78 -43.31 8.49
N LYS C 47 3.40 -43.77 7.30
CA LYS C 47 4.38 -44.20 6.32
C LYS C 47 5.41 -43.11 6.11
N GLY C 48 6.69 -43.47 6.25
CA GLY C 48 7.78 -42.51 6.11
C GLY C 48 7.66 -41.64 4.89
N HIS C 49 8.41 -40.54 4.86
CA HIS C 49 8.26 -39.57 3.77
C HIS C 49 9.02 -40.01 2.53
N ILE C 50 10.20 -40.62 2.70
CA ILE C 50 10.94 -41.23 1.61
C ILE C 50 11.15 -42.69 1.97
N HIS C 51 10.83 -43.58 1.03
CA HIS C 51 10.89 -45.02 1.30
C HIS C 51 12.31 -45.46 1.65
N ASP C 52 13.16 -45.60 0.63
CA ASP C 52 14.52 -46.08 0.81
C ASP C 52 15.51 -45.04 0.29
N VAL C 53 16.79 -45.33 0.50
CA VAL C 53 17.86 -44.44 0.06
C VAL C 53 17.94 -44.34 -1.45
N ASN C 54 17.18 -45.17 -2.18
CA ASN C 54 17.19 -45.12 -3.63
C ASN C 54 16.20 -44.09 -4.18
N GLN C 55 15.06 -43.90 -3.51
CA GLN C 55 14.16 -42.82 -3.91
C GLN C 55 14.74 -41.46 -3.53
N TYR C 56 15.54 -41.41 -2.46
CA TYR C 56 16.14 -40.14 -2.05
C TYR C 56 17.04 -39.57 -3.14
N LYS C 57 17.70 -40.43 -3.91
CA LYS C 57 18.58 -39.95 -4.97
C LYS C 57 17.84 -39.65 -6.26
N GLN C 58 16.65 -40.22 -6.45
CA GLN C 58 15.80 -39.76 -7.55
C GLN C 58 15.25 -38.37 -7.26
N MET C 59 14.84 -38.13 -6.01
CA MET C 59 14.38 -36.80 -5.64
C MET C 59 15.53 -35.80 -5.58
N TYR C 60 16.73 -36.25 -5.22
CA TYR C 60 17.87 -35.34 -5.13
C TYR C 60 18.37 -34.96 -6.51
N GLU C 61 18.54 -35.93 -7.40
CA GLU C 61 19.04 -35.62 -8.73
C GLU C 61 18.11 -34.66 -9.46
N GLN C 62 16.80 -34.75 -9.21
CA GLN C 62 15.87 -33.80 -9.79
C GLN C 62 16.06 -32.41 -9.19
N SER C 63 16.28 -32.34 -7.88
CA SER C 63 16.45 -31.06 -7.20
C SER C 63 17.72 -30.33 -7.62
N ILE C 64 18.61 -30.98 -8.36
CA ILE C 64 19.82 -30.34 -8.88
C ILE C 64 19.69 -30.05 -10.37
N LYS C 65 19.12 -30.99 -11.13
CA LYS C 65 18.97 -30.82 -12.56
C LYS C 65 17.69 -30.09 -12.94
N ASP C 66 16.70 -30.03 -12.05
CA ASP C 66 15.41 -29.41 -12.34
C ASP C 66 14.86 -28.77 -11.08
N PRO C 67 15.49 -27.68 -10.61
CA PRO C 67 14.96 -27.02 -9.40
C PRO C 67 13.57 -26.45 -9.59
N GLN C 68 13.27 -25.92 -10.78
CA GLN C 68 11.95 -25.34 -11.03
C GLN C 68 10.85 -26.36 -10.77
N GLY C 69 10.99 -27.57 -11.35
CA GLY C 69 9.97 -28.59 -11.22
C GLY C 69 10.00 -29.37 -9.93
N PHE C 70 11.01 -29.14 -9.09
CA PHE C 70 11.12 -29.82 -7.80
C PHE C 70 10.67 -28.93 -6.64
N PHE C 71 11.16 -27.70 -6.58
CA PHE C 71 10.84 -26.83 -5.45
C PHE C 71 9.51 -26.10 -5.64
N GLY C 72 9.11 -25.84 -6.87
CA GLY C 72 7.85 -25.19 -7.14
C GLY C 72 6.70 -25.88 -6.45
N PRO C 73 6.45 -27.14 -6.80
CA PRO C 73 5.34 -27.87 -6.16
C PRO C 73 5.48 -27.97 -4.65
N LEU C 74 6.70 -28.15 -4.15
CA LEU C 74 6.91 -28.23 -2.70
C LEU C 74 6.58 -26.91 -2.02
N ALA C 75 6.98 -25.80 -2.63
CA ALA C 75 6.61 -24.49 -2.07
C ALA C 75 5.10 -24.33 -2.01
N LYS C 76 4.39 -24.86 -3.02
CA LYS C 76 2.93 -24.77 -3.00
C LYS C 76 2.32 -25.74 -1.99
N GLU C 77 3.00 -26.84 -1.71
CA GLU C 77 2.50 -27.82 -0.74
C GLU C 77 2.69 -27.34 0.69
N LEU C 78 3.90 -26.87 1.01
CA LEU C 78 4.30 -26.65 2.40
C LEU C 78 4.00 -25.25 2.91
N LEU C 79 3.84 -24.27 2.03
CA LEU C 79 3.58 -22.90 2.44
C LEU C 79 2.25 -22.43 1.87
N SER C 80 1.60 -21.54 2.61
CA SER C 80 0.36 -20.90 2.18
C SER C 80 0.68 -19.50 1.66
N TRP C 81 0.25 -19.22 0.44
CA TRP C 81 0.61 -18.00 -0.27
C TRP C 81 -0.55 -17.02 -0.30
N ASP C 82 -0.22 -15.73 -0.20
CA ASP C 82 -1.18 -14.67 -0.43
C ASP C 82 -1.17 -14.19 -1.89
N HIS C 83 -0.06 -14.40 -2.59
CA HIS C 83 0.00 -14.17 -4.04
C HIS C 83 0.94 -15.21 -4.62
N ASP C 84 0.49 -15.89 -5.66
CA ASP C 84 1.30 -16.93 -6.27
C ASP C 84 2.58 -16.34 -6.86
N PHE C 85 3.64 -17.15 -6.87
CA PHE C 85 4.90 -16.75 -7.48
C PHE C 85 4.91 -17.15 -8.96
N HIS C 86 5.69 -16.40 -9.74
CA HIS C 86 5.77 -16.61 -11.18
C HIS C 86 7.10 -17.15 -11.67
N THR C 87 8.12 -17.19 -10.81
CA THR C 87 9.44 -17.67 -11.22
C THR C 87 10.09 -18.35 -10.02
N VAL C 88 10.36 -19.65 -10.14
CA VAL C 88 10.85 -20.40 -8.99
C VAL C 88 12.26 -19.96 -8.61
N LYS C 89 13.12 -19.73 -9.61
CA LYS C 89 14.55 -19.53 -9.37
C LYS C 89 15.09 -18.46 -10.30
N SER C 90 16.02 -17.66 -9.78
CA SER C 90 16.66 -16.60 -10.56
C SER C 90 17.98 -16.25 -9.91
N GLY C 91 18.94 -15.83 -10.73
CA GLY C 91 20.23 -15.35 -10.24
C GLY C 91 21.29 -16.44 -10.25
N THR C 92 22.52 -16.00 -10.00
CA THR C 92 23.68 -16.89 -9.97
C THR C 92 24.55 -16.54 -8.78
N LEU C 93 25.34 -17.51 -8.33
CA LEU C 93 26.29 -17.27 -7.26
C LEU C 93 27.31 -16.23 -7.66
N LYS C 94 27.81 -16.30 -8.90
CA LYS C 94 28.84 -15.39 -9.36
C LYS C 94 28.43 -13.93 -9.22
N ASN C 95 27.15 -13.64 -9.40
CA ASN C 95 26.63 -12.27 -9.38
C ASN C 95 25.89 -11.92 -8.09
N GLY C 96 25.80 -12.85 -7.15
CA GLY C 96 25.19 -12.54 -5.86
C GLY C 96 23.81 -11.93 -5.97
N ASP C 97 22.99 -12.45 -6.88
CA ASP C 97 21.64 -11.93 -7.12
C ASP C 97 20.62 -13.06 -7.09
N ALA C 98 20.79 -14.00 -6.17
CA ALA C 98 19.88 -15.13 -6.09
C ALA C 98 18.50 -14.69 -5.61
N ALA C 99 17.48 -15.41 -6.07
CA ALA C 99 16.10 -15.11 -5.71
C ALA C 99 15.25 -16.34 -5.98
N TRP C 100 14.26 -16.57 -5.13
CA TRP C 100 13.38 -17.72 -5.24
C TRP C 100 11.94 -17.31 -5.05
N PHE C 101 11.06 -17.87 -5.91
CA PHE C 101 9.63 -17.63 -5.82
C PHE C 101 9.31 -16.15 -6.00
N LEU C 102 9.81 -15.59 -7.10
CA LEU C 102 9.69 -14.16 -7.36
C LEU C 102 8.24 -13.81 -7.69
N GLY C 103 7.79 -12.67 -7.15
CA GLY C 103 6.44 -12.21 -7.34
C GLY C 103 5.45 -12.75 -6.33
N GLY C 104 5.81 -13.78 -5.58
CA GLY C 104 4.91 -14.31 -4.58
C GLY C 104 4.90 -13.47 -3.31
N GLU C 105 3.85 -13.65 -2.52
CA GLU C 105 3.69 -12.96 -1.25
C GLU C 105 3.13 -13.92 -0.22
N LEU C 106 3.62 -13.80 1.00
CA LEU C 106 3.18 -14.63 2.11
C LEU C 106 3.49 -13.89 3.40
N ASN C 107 3.18 -14.53 4.53
CA ASN C 107 3.57 -14.00 5.83
C ASN C 107 4.10 -15.13 6.70
N ALA C 108 5.23 -14.88 7.37
CA ALA C 108 5.89 -15.92 8.15
C ALA C 108 5.01 -16.35 9.32
N SER C 109 4.44 -15.39 10.05
CA SER C 109 3.63 -15.76 11.21
C SER C 109 2.29 -16.38 10.81
N TYR C 110 1.79 -16.10 9.60
CA TYR C 110 0.59 -16.78 9.15
C TYR C 110 0.85 -18.27 8.93
N ASN C 111 2.02 -18.60 8.38
CA ASN C 111 2.35 -20.00 8.13
C ASN C 111 2.75 -20.72 9.42
N CYS C 112 3.32 -20.01 10.38
CA CYS C 112 3.76 -20.63 11.62
C CYS C 112 2.68 -20.72 12.68
N VAL C 113 1.64 -19.89 12.61
CA VAL C 113 0.69 -19.79 13.69
C VAL C 113 -0.74 -19.85 13.18
N ASP C 114 -1.16 -18.82 12.44
CA ASP C 114 -2.56 -18.65 12.06
C ASP C 114 -3.14 -19.94 11.47
N ARG C 115 -2.53 -20.45 10.40
CA ARG C 115 -3.15 -21.53 9.66
C ARG C 115 -3.26 -22.81 10.47
N HIS C 116 -2.46 -22.96 11.51
CA HIS C 116 -2.63 -24.08 12.44
C HIS C 116 -3.63 -23.77 13.54
N ALA C 117 -3.70 -22.50 13.96
CA ALA C 117 -4.70 -22.11 14.95
C ALA C 117 -6.11 -22.27 14.41
N PHE C 118 -6.31 -21.97 13.13
CA PHE C 118 -7.63 -22.18 12.53
C PHE C 118 -7.97 -23.66 12.43
N ALA C 119 -6.96 -24.52 12.25
CA ALA C 119 -7.22 -25.95 12.05
C ALA C 119 -7.50 -26.64 13.38
N ASN C 120 -6.60 -26.51 14.35
CA ASN C 120 -6.75 -27.12 15.66
C ASN C 120 -6.23 -26.16 16.71
N PRO C 121 -7.07 -25.27 17.22
CA PRO C 121 -6.56 -24.23 18.15
C PRO C 121 -5.92 -24.80 19.40
N ASP C 122 -6.37 -25.96 19.89
CA ASP C 122 -5.90 -26.51 21.14
C ASP C 122 -4.66 -27.37 20.99
N LYS C 123 -4.17 -27.59 19.77
CA LYS C 123 -2.95 -28.37 19.60
C LYS C 123 -1.78 -27.61 20.22
N PRO C 124 -0.92 -28.28 20.99
CA PRO C 124 0.21 -27.56 21.59
C PRO C 124 1.10 -26.94 20.53
N ALA C 125 1.76 -25.85 20.91
CA ALA C 125 2.66 -25.14 20.01
C ALA C 125 4.02 -24.92 20.68
N LEU C 126 4.03 -24.16 21.77
CA LEU C 126 5.25 -23.84 22.49
C LEU C 126 5.19 -24.55 23.85
N ILE C 127 5.81 -25.72 23.91
CA ILE C 127 5.97 -26.43 25.18
C ILE C 127 7.14 -25.81 25.92
N CYS C 128 6.85 -24.84 26.79
CA CYS C 128 7.89 -24.06 27.45
C CYS C 128 8.31 -24.70 28.77
N GLU C 129 9.61 -24.92 28.91
CA GLU C 129 10.21 -25.42 30.14
C GLU C 129 11.11 -24.35 30.70
N ALA C 130 10.69 -23.73 31.80
CA ALA C 130 11.40 -22.62 32.38
C ALA C 130 12.65 -23.10 33.12
N ASP C 131 13.40 -22.16 33.70
CA ASP C 131 14.55 -22.52 34.51
C ASP C 131 14.14 -23.45 35.64
N ASP C 132 13.27 -22.97 36.53
CA ASP C 132 12.59 -23.86 37.48
C ASP C 132 11.36 -24.44 36.79
N GLU C 133 11.22 -25.77 36.86
CA GLU C 133 10.02 -26.40 36.31
C GLU C 133 8.75 -25.88 36.97
N LYS C 134 8.87 -25.31 38.18
CA LYS C 134 7.72 -24.67 38.81
C LYS C 134 7.16 -23.52 37.97
N ASP C 135 7.92 -23.05 36.98
CA ASP C 135 7.53 -21.91 36.15
C ASP C 135 7.31 -22.31 34.69
N SER C 136 6.89 -23.55 34.45
CA SER C 136 6.71 -24.06 33.10
C SER C 136 5.25 -23.96 32.68
N HIS C 137 5.03 -23.83 31.37
CA HIS C 137 3.70 -23.69 30.81
C HIS C 137 3.70 -24.20 29.37
N ILE C 138 2.52 -24.26 28.78
CA ILE C 138 2.35 -24.68 27.40
C ILE C 138 1.37 -23.75 26.71
N LEU C 139 1.71 -23.32 25.49
CA LEU C 139 0.85 -22.47 24.68
C LEU C 139 0.32 -23.30 23.52
N THR C 140 -1.00 -23.39 23.40
CA THR C 140 -1.60 -23.97 22.22
C THR C 140 -1.43 -23.02 21.03
N TYR C 141 -1.67 -23.54 19.84
CA TYR C 141 -1.62 -22.68 18.65
C TYR C 141 -2.65 -21.57 18.74
N GLY C 142 -3.79 -21.83 19.40
CA GLY C 142 -4.77 -20.78 19.59
C GLY C 142 -4.31 -19.71 20.55
N ASP C 143 -3.53 -20.09 21.57
CA ASP C 143 -2.98 -19.11 22.49
C ASP C 143 -1.85 -18.32 21.83
N LEU C 144 -1.00 -19.00 21.05
CA LEU C 144 0.10 -18.31 20.38
C LEU C 144 -0.42 -17.26 19.41
N LEU C 145 -1.59 -17.48 18.82
CA LEU C 145 -2.16 -16.49 17.92
C LEU C 145 -2.63 -15.26 18.68
N ARG C 146 -3.20 -15.45 19.87
CA ARG C 146 -3.69 -14.31 20.64
C ARG C 146 -2.53 -13.50 21.21
N GLU C 147 -1.44 -14.16 21.60
CA GLU C 147 -0.33 -13.44 22.19
C GLU C 147 0.52 -12.74 21.13
N VAL C 148 0.70 -13.38 19.98
CA VAL C 148 1.46 -12.75 18.90
C VAL C 148 0.70 -11.54 18.37
N SER C 149 -0.63 -11.65 18.27
CA SER C 149 -1.44 -10.53 17.77
C SER C 149 -1.33 -9.34 18.70
N LYS C 150 -1.44 -9.57 20.01
CA LYS C 150 -1.39 -8.46 20.96
C LYS C 150 -0.03 -7.77 20.92
N VAL C 151 1.06 -8.53 20.84
CA VAL C 151 2.38 -7.91 20.76
C VAL C 151 2.57 -7.22 19.42
N ALA C 152 2.07 -7.83 18.34
CA ALA C 152 2.07 -7.13 17.05
C ALA C 152 1.20 -5.88 17.11
N GLY C 153 0.11 -5.93 17.87
CA GLY C 153 -0.72 -4.74 18.03
C GLY C 153 0.03 -3.62 18.72
N VAL C 154 0.83 -3.96 19.74
CA VAL C 154 1.67 -2.96 20.39
C VAL C 154 2.63 -2.34 19.39
N LEU C 155 3.39 -3.19 18.69
CA LEU C 155 4.38 -2.69 17.73
C LEU C 155 3.72 -1.84 16.65
N GLN C 156 2.61 -2.31 16.10
CA GLN C 156 1.89 -1.51 15.12
C GLN C 156 1.44 -0.18 15.72
N SER C 157 0.96 -0.19 16.96
CA SER C 157 0.59 1.04 17.63
C SER C 157 1.77 1.99 17.74
N TRP C 158 2.99 1.46 17.85
CA TRP C 158 4.18 2.29 18.02
C TRP C 158 4.72 2.83 16.70
N GLY C 159 4.20 2.36 15.57
CA GLY C 159 4.68 2.79 14.28
C GLY C 159 5.63 1.85 13.58
N ILE C 160 5.75 0.62 14.07
CA ILE C 160 6.58 -0.38 13.40
C ILE C 160 5.83 -0.91 12.19
N LYS C 161 6.48 -0.88 11.04
CA LYS C 161 5.83 -1.29 9.79
C LYS C 161 6.84 -1.97 8.89
N LYS C 162 6.32 -2.69 7.90
CA LYS C 162 7.14 -3.37 6.91
C LYS C 162 8.31 -2.50 6.45
N GLY C 163 9.52 -3.03 6.63
CA GLY C 163 10.74 -2.30 6.32
C GLY C 163 11.56 -1.94 7.54
N ASP C 164 10.96 -1.95 8.72
CA ASP C 164 11.67 -1.65 9.95
C ASP C 164 12.39 -2.90 10.47
N THR C 165 13.32 -2.70 11.39
CA THR C 165 13.97 -3.77 12.12
C THR C 165 13.74 -3.59 13.62
N VAL C 166 13.49 -4.69 14.31
CA VAL C 166 13.21 -4.69 15.75
C VAL C 166 14.17 -5.67 16.40
N ALA C 167 14.93 -5.19 17.37
CA ALA C 167 15.88 -6.04 18.07
C ALA C 167 15.17 -6.80 19.20
N VAL C 168 15.65 -8.02 19.44
CA VAL C 168 15.15 -8.87 20.52
C VAL C 168 16.33 -9.30 21.37
N TYR C 169 16.22 -9.08 22.69
CA TYR C 169 17.27 -9.44 23.66
C TYR C 169 16.57 -10.19 24.79
N LEU C 170 16.32 -11.47 24.58
CA LEU C 170 15.50 -12.27 25.47
C LEU C 170 16.13 -13.63 25.68
N PRO C 171 15.91 -14.27 26.85
CA PRO C 171 16.33 -15.65 27.02
C PRO C 171 15.52 -16.60 26.16
N MET C 172 15.80 -17.90 26.25
CA MET C 172 15.12 -18.91 25.45
C MET C 172 13.81 -19.28 26.13
N ASN C 173 12.76 -18.51 25.86
CA ASN C 173 11.46 -18.77 26.43
C ASN C 173 10.38 -18.28 25.47
N ALA C 174 9.13 -18.43 25.88
CA ALA C 174 8.01 -18.05 25.03
C ALA C 174 8.15 -16.62 24.53
N GLN C 175 8.54 -15.70 25.40
CA GLN C 175 8.57 -14.28 25.04
C GLN C 175 9.42 -14.06 23.80
N ALA C 176 10.49 -14.83 23.63
CA ALA C 176 11.34 -14.65 22.45
C ALA C 176 10.66 -15.18 21.20
N ILE C 177 10.00 -16.34 21.30
CA ILE C 177 9.29 -16.88 20.14
C ILE C 177 8.17 -15.95 19.72
N ILE C 178 7.52 -15.30 20.69
CA ILE C 178 6.40 -14.41 20.37
C ILE C 178 6.91 -13.11 19.76
N ALA C 179 8.00 -12.56 20.29
CA ALA C 179 8.52 -11.31 19.77
C ALA C 179 8.93 -11.46 18.30
N MET C 180 9.58 -12.57 17.95
CA MET C 180 9.96 -12.80 16.57
C MET C 180 8.73 -12.90 15.68
N LEU C 181 7.79 -13.77 16.05
CA LEU C 181 6.58 -13.95 15.24
C LEU C 181 5.77 -12.67 15.17
N ALA C 182 5.71 -11.92 16.26
CA ALA C 182 4.99 -10.65 16.25
C ALA C 182 5.65 -9.64 15.31
N ILE C 183 6.98 -9.54 15.35
CA ILE C 183 7.68 -8.64 14.45
C ILE C 183 7.46 -9.05 13.00
N ALA C 184 7.55 -10.34 12.70
CA ALA C 184 7.32 -10.83 11.35
C ALA C 184 5.87 -10.67 10.90
N ARG C 185 4.94 -10.55 11.85
CA ARG C 185 3.54 -10.39 11.50
C ARG C 185 3.32 -9.06 10.76
N LEU C 186 4.04 -8.02 11.16
CA LEU C 186 3.92 -6.71 10.54
C LEU C 186 4.76 -6.56 9.28
N GLY C 187 5.58 -7.56 8.94
CA GLY C 187 6.49 -7.43 7.83
C GLY C 187 7.80 -6.77 8.16
N ALA C 188 8.13 -6.64 9.44
CA ALA C 188 9.42 -6.13 9.88
C ALA C 188 10.37 -7.28 10.16
N ALA C 189 11.67 -6.98 10.12
CA ALA C 189 12.71 -7.99 10.30
C ALA C 189 13.19 -7.95 11.75
N HIS C 190 13.12 -9.09 12.43
CA HIS C 190 13.59 -9.18 13.82
C HIS C 190 15.07 -9.53 13.82
N SER C 191 15.86 -8.80 14.60
CA SER C 191 17.29 -9.03 14.75
C SER C 191 17.53 -9.55 16.17
N VAL C 192 17.53 -10.87 16.31
CA VAL C 192 17.66 -11.47 17.62
C VAL C 192 19.10 -11.32 18.11
N ILE C 193 19.25 -10.93 19.37
CA ILE C 193 20.55 -10.75 20.00
C ILE C 193 20.60 -11.67 21.21
N PHE C 194 21.53 -12.63 21.19
CA PHE C 194 21.66 -13.60 22.27
C PHE C 194 21.71 -12.91 23.63
N ALA C 195 20.92 -13.43 24.57
CA ALA C 195 20.76 -12.77 25.87
C ALA C 195 22.07 -12.63 26.63
N GLY C 196 23.08 -13.41 26.30
CA GLY C 196 24.35 -13.36 27.00
C GLY C 196 25.33 -12.31 26.51
N PHE C 197 24.99 -11.56 25.47
CA PHE C 197 25.92 -10.58 24.93
C PHE C 197 26.10 -9.41 25.89
N SER C 198 27.15 -8.63 25.65
CA SER C 198 27.47 -7.47 26.45
C SER C 198 26.79 -6.22 25.90
N ALA C 199 26.85 -5.13 26.67
CA ALA C 199 26.28 -3.87 26.21
C ALA C 199 26.95 -3.39 24.93
N GLY C 200 28.26 -3.62 24.78
CA GLY C 200 28.93 -3.26 23.55
C GLY C 200 28.42 -4.05 22.36
N SER C 201 28.40 -5.38 22.50
CA SER C 201 27.88 -6.22 21.43
C SER C 201 26.41 -5.93 21.15
N ILE C 202 25.68 -5.42 22.14
CA ILE C 202 24.31 -4.97 21.88
C ILE C 202 24.33 -3.66 21.10
N LYS C 203 25.18 -2.72 21.53
CA LYS C 203 25.25 -1.43 20.85
C LYS C 203 25.60 -1.59 19.37
N ASP C 204 26.53 -2.48 19.06
CA ASP C 204 26.97 -2.65 17.68
C ASP C 204 25.87 -3.21 16.80
N ARG C 205 25.14 -4.21 17.29
CA ARG C 205 24.12 -4.86 16.47
C ARG C 205 22.90 -3.98 16.29
N VAL C 206 22.52 -3.21 17.31
CA VAL C 206 21.35 -2.36 17.20
C VAL C 206 21.62 -1.21 16.24
N ASN C 207 22.83 -0.66 16.25
CA ASN C 207 23.14 0.50 15.42
C ASN C 207 23.38 0.12 13.96
N ASP C 208 23.88 -1.09 13.69
CA ASP C 208 24.10 -1.50 12.31
C ASP C 208 22.77 -1.63 11.56
N ALA C 209 21.75 -2.15 12.23
CA ALA C 209 20.43 -2.29 11.64
C ALA C 209 19.52 -1.09 11.89
N SER C 210 19.95 -0.14 12.72
CA SER C 210 19.16 1.06 13.01
C SER C 210 17.78 0.71 13.52
N CYS C 211 17.73 -0.26 14.43
CA CYS C 211 16.45 -0.74 14.97
C CYS C 211 15.65 0.42 15.55
N LYS C 212 14.35 0.44 15.24
CA LYS C 212 13.44 1.44 15.78
C LYS C 212 12.84 1.02 17.12
N ALA C 213 12.90 -0.26 17.47
CA ALA C 213 12.33 -0.73 18.73
C ALA C 213 13.11 -1.93 19.22
N LEU C 214 12.99 -2.20 20.52
CA LEU C 214 13.67 -3.31 21.17
C LEU C 214 12.68 -4.00 22.10
N ILE C 215 12.74 -5.34 22.13
CA ILE C 215 11.93 -6.14 23.04
C ILE C 215 12.86 -6.93 23.94
N THR C 216 12.61 -6.88 25.24
CA THR C 216 13.52 -7.47 26.22
C THR C 216 12.71 -7.77 27.49
N CYS C 217 13.43 -8.12 28.55
CA CYS C 217 12.83 -8.40 29.85
C CYS C 217 13.67 -7.73 30.93
N ASP C 218 13.14 -7.73 32.16
CA ASP C 218 13.83 -7.07 33.26
C ASP C 218 15.07 -7.84 33.68
N GLU C 219 14.99 -9.17 33.72
CA GLU C 219 16.13 -10.01 34.07
C GLU C 219 15.69 -11.46 33.93
N GLY C 220 16.67 -12.32 33.63
CA GLY C 220 16.42 -13.71 33.35
C GLY C 220 16.81 -14.63 34.50
N LYS C 221 16.62 -15.93 34.26
CA LYS C 221 17.00 -16.98 35.20
C LYS C 221 17.73 -18.07 34.41
N ARG C 222 19.06 -18.11 34.54
CA ARG C 222 19.90 -19.09 33.88
C ARG C 222 20.50 -20.00 34.95
N GLY C 223 19.89 -21.17 35.14
CA GLY C 223 20.35 -22.11 36.14
C GLY C 223 20.41 -21.50 37.54
N GLY C 224 19.25 -21.21 38.12
CA GLY C 224 19.19 -20.70 39.47
C GLY C 224 19.62 -19.24 39.59
N ARG C 225 20.82 -18.93 39.11
CA ARG C 225 21.32 -17.56 39.19
C ARG C 225 20.56 -16.67 38.22
N THR C 226 20.10 -15.53 38.71
CA THR C 226 19.37 -14.57 37.88
C THR C 226 20.36 -13.64 37.18
N THR C 227 20.08 -13.33 35.92
CA THR C 227 21.01 -12.61 35.06
C THR C 227 20.50 -11.20 34.80
N ASN C 228 21.44 -10.25 34.71
CA ASN C 228 21.12 -8.86 34.38
C ASN C 228 20.83 -8.76 32.89
N ILE C 229 19.59 -8.44 32.54
CA ILE C 229 19.18 -8.28 31.14
C ILE C 229 18.88 -6.82 30.82
N LYS C 230 17.89 -6.24 31.51
CA LYS C 230 17.56 -4.84 31.28
C LYS C 230 18.77 -3.93 31.54
N LYS C 231 19.54 -4.22 32.59
CA LYS C 231 20.69 -3.39 32.90
C LYS C 231 21.61 -3.26 31.70
N LEU C 232 21.89 -4.37 31.02
CA LEU C 232 22.78 -4.34 29.86
C LEU C 232 22.15 -3.58 28.70
N CYS C 233 20.83 -3.67 28.54
CA CYS C 233 20.16 -2.87 27.52
C CYS C 233 20.34 -1.38 27.78
N ASP C 234 19.93 -0.93 28.96
CA ASP C 234 20.06 0.49 29.30
C ASP C 234 21.47 0.99 29.05
N GLU C 235 22.48 0.22 29.46
CA GLU C 235 23.85 0.63 29.23
C GLU C 235 24.14 0.77 27.74
N ALA C 236 23.58 -0.11 26.92
CA ALA C 236 23.81 -0.06 25.48
C ALA C 236 22.92 0.99 24.81
N LEU C 237 21.65 1.08 25.22
CA LEU C 237 20.73 1.99 24.56
C LEU C 237 21.19 3.43 24.60
N VAL C 238 22.09 3.79 25.53
CA VAL C 238 22.60 5.15 25.59
C VAL C 238 23.38 5.53 24.34
N ASP C 239 23.71 4.55 23.50
CA ASP C 239 24.42 4.79 22.24
C ASP C 239 23.62 4.27 21.04
N CYS C 240 22.30 4.17 21.18
CA CYS C 240 21.42 3.68 20.12
C CYS C 240 20.28 4.67 19.95
N PRO C 241 20.52 5.77 19.21
CA PRO C 241 19.47 6.78 19.05
C PRO C 241 18.30 6.31 18.21
N THR C 242 18.45 5.25 17.42
CA THR C 242 17.35 4.81 16.57
C THR C 242 16.23 4.16 17.36
N VAL C 243 16.55 3.61 18.54
CA VAL C 243 15.56 2.88 19.33
C VAL C 243 14.59 3.90 19.92
N GLU C 244 13.34 3.87 19.46
CA GLU C 244 12.32 4.78 19.96
C GLU C 244 11.65 4.25 21.22
N LYS C 245 11.45 2.94 21.31
CA LYS C 245 10.69 2.36 22.40
C LYS C 245 11.19 0.96 22.70
N VAL C 246 11.09 0.57 23.98
CA VAL C 246 11.50 -0.74 24.45
C VAL C 246 10.30 -1.40 25.13
N LEU C 247 10.02 -2.64 24.74
CA LEU C 247 9.01 -3.45 25.40
C LEU C 247 9.70 -4.40 26.37
N VAL C 248 9.24 -4.41 27.63
CA VAL C 248 9.91 -5.08 28.72
C VAL C 248 8.96 -6.10 29.33
N TYR C 249 9.38 -7.36 29.35
CA TYR C 249 8.60 -8.41 30.00
C TYR C 249 9.05 -8.57 31.45
N LYS C 250 8.11 -8.94 32.31
CA LYS C 250 8.39 -9.15 33.74
C LYS C 250 8.68 -10.64 33.96
N ARG C 251 9.94 -11.01 33.75
CA ARG C 251 10.34 -12.40 33.96
C ARG C 251 10.52 -12.71 35.44
N THR C 252 11.00 -11.74 36.22
CA THR C 252 11.10 -11.89 37.66
C THR C 252 10.20 -10.93 38.43
N ASN C 253 9.82 -9.80 37.82
CA ASN C 253 8.96 -8.82 38.47
C ASN C 253 9.69 -8.09 39.59
N ASN C 254 10.97 -7.80 39.37
CA ASN C 254 11.80 -7.14 40.37
C ASN C 254 11.57 -5.64 40.31
N PRO C 255 11.09 -5.00 41.39
CA PRO C 255 10.72 -3.57 41.29
C PRO C 255 11.91 -2.62 41.27
N GLU C 256 13.09 -3.04 41.73
CA GLU C 256 14.26 -2.18 41.70
C GLU C 256 14.79 -1.94 40.29
N ILE C 257 14.13 -2.48 39.27
CA ILE C 257 14.57 -2.34 37.89
C ILE C 257 14.04 -1.03 37.32
N HIS C 258 14.93 -0.25 36.72
CA HIS C 258 14.58 1.07 36.20
C HIS C 258 14.05 0.95 34.77
N LEU C 259 12.92 1.60 34.51
CA LEU C 259 12.39 1.78 33.17
C LEU C 259 12.37 3.27 32.87
N THR C 260 13.14 3.68 31.86
CA THR C 260 13.16 5.08 31.47
C THR C 260 11.80 5.48 30.91
N GLU C 261 11.19 6.51 31.51
CA GLU C 261 9.86 6.92 31.10
C GLU C 261 9.88 7.48 29.68
N GLY C 262 8.80 7.25 28.94
CA GLY C 262 8.69 7.67 27.57
C GLY C 262 9.38 6.79 26.57
N ARG C 263 10.23 5.86 27.02
CA ARG C 263 10.93 4.94 26.13
C ARG C 263 10.60 3.49 26.43
N ASP C 264 10.65 3.08 27.69
CA ASP C 264 10.42 1.69 28.07
C ASP C 264 8.97 1.51 28.53
N TYR C 265 8.39 0.37 28.14
CA TYR C 265 7.02 0.03 28.51
C TYR C 265 6.95 -1.45 28.82
N TYR C 266 5.90 -1.84 29.53
CA TYR C 266 5.76 -3.20 30.03
C TYR C 266 4.97 -4.05 29.05
N TRP C 267 5.51 -5.24 28.75
CA TRP C 267 4.83 -6.22 27.91
C TRP C 267 3.38 -6.38 28.34
N ASP C 268 3.16 -6.87 29.56
CA ASP C 268 1.80 -7.17 30.01
C ASP C 268 0.90 -5.95 29.93
N VAL C 269 1.44 -4.76 30.20
CA VAL C 269 0.60 -3.57 30.24
C VAL C 269 0.13 -3.18 28.85
N GLU C 270 1.04 -3.19 27.88
CA GLU C 270 0.67 -2.78 26.53
C GLU C 270 -0.20 -3.82 25.85
N THR C 271 0.19 -5.10 25.93
CA THR C 271 -0.58 -6.14 25.26
C THR C 271 -2.01 -6.21 25.78
N ALA C 272 -2.25 -5.77 27.01
CA ALA C 272 -3.60 -5.76 27.55
C ALA C 272 -4.50 -4.78 26.81
N LYS C 273 -3.93 -3.85 26.05
CA LYS C 273 -4.71 -2.82 25.37
C LYS C 273 -5.21 -3.25 24.00
N PHE C 274 -4.73 -4.36 23.45
CA PHE C 274 -4.99 -4.70 22.06
C PHE C 274 -5.66 -6.06 21.94
N PRO C 275 -6.39 -6.29 20.86
CA PRO C 275 -7.20 -7.50 20.75
C PRO C 275 -6.37 -8.73 20.40
N GLY C 276 -7.00 -9.89 20.61
CA GLY C 276 -6.42 -11.18 20.34
C GLY C 276 -6.29 -11.56 18.87
N TYR C 277 -6.54 -10.63 17.96
CA TYR C 277 -6.30 -10.87 16.55
C TYR C 277 -5.86 -9.58 15.88
N LEU C 278 -4.79 -9.66 15.11
CA LEU C 278 -4.33 -8.59 14.24
C LEU C 278 -4.05 -9.19 12.87
N PRO C 279 -4.45 -8.53 11.79
CA PRO C 279 -4.23 -9.11 10.45
C PRO C 279 -2.75 -9.21 10.15
N PRO C 280 -2.30 -10.32 9.56
CA PRO C 280 -0.91 -10.39 9.11
C PRO C 280 -0.69 -9.54 7.87
N VAL C 281 0.57 -9.12 7.71
CA VAL C 281 0.98 -8.23 6.62
C VAL C 281 1.72 -9.06 5.59
N SER C 282 1.30 -8.98 4.34
CA SER C 282 1.94 -9.73 3.27
C SER C 282 3.28 -9.10 2.91
N VAL C 283 4.28 -9.95 2.70
CA VAL C 283 5.61 -9.51 2.29
C VAL C 283 5.99 -10.30 1.05
N ASN C 284 6.87 -9.71 0.24
CA ASN C 284 7.36 -10.37 -0.95
C ASN C 284 8.29 -11.53 -0.55
N SER C 285 8.38 -12.52 -1.45
CA SER C 285 9.22 -13.69 -1.18
C SER C 285 10.63 -13.28 -0.78
N GLU C 286 11.18 -12.23 -1.41
CA GLU C 286 12.54 -11.80 -1.15
C GLU C 286 12.61 -10.59 -0.23
N ASP C 287 11.60 -10.38 0.60
CA ASP C 287 11.70 -9.37 1.64
C ASP C 287 12.45 -9.95 2.84
N PRO C 288 13.41 -9.22 3.41
CA PRO C 288 14.17 -9.78 4.54
C PRO C 288 13.26 -10.23 5.66
N LEU C 289 13.44 -11.47 6.09
CA LEU C 289 12.69 -11.97 7.24
C LEU C 289 13.37 -11.61 8.55
N PHE C 290 14.70 -11.71 8.61
CA PHE C 290 15.41 -11.36 9.82
C PHE C 290 16.86 -11.04 9.50
N LEU C 291 17.49 -10.36 10.46
CA LEU C 291 18.93 -10.17 10.50
C LEU C 291 19.50 -10.97 11.66
N LEU C 292 20.61 -11.67 11.43
CA LEU C 292 21.30 -12.39 12.48
C LEU C 292 22.80 -12.19 12.29
N TYR C 293 23.47 -11.74 13.35
CA TYR C 293 24.84 -11.28 13.26
C TYR C 293 25.81 -12.36 13.72
N THR C 294 26.94 -12.45 13.02
CA THR C 294 27.98 -13.43 13.34
C THR C 294 29.15 -12.74 14.02
N THR C 300 34.50 -6.83 13.26
CA THR C 300 33.15 -6.27 13.34
C THR C 300 32.10 -7.32 12.97
N PRO C 301 30.98 -7.34 13.68
CA PRO C 301 29.91 -8.30 13.34
C PRO C 301 29.26 -7.96 12.01
N LYS C 302 28.85 -9.01 11.30
CA LYS C 302 28.19 -8.88 10.01
C LYS C 302 26.77 -9.43 10.13
N GLY C 303 25.80 -8.65 9.66
CA GLY C 303 24.40 -9.05 9.73
C GLY C 303 23.96 -9.90 8.56
N VAL C 304 23.83 -11.21 8.79
CA VAL C 304 23.36 -12.11 7.74
C VAL C 304 21.86 -11.90 7.55
N VAL C 305 21.44 -11.74 6.29
CA VAL C 305 20.05 -11.47 5.95
C VAL C 305 19.48 -12.67 5.22
N HIS C 306 18.25 -13.05 5.58
CA HIS C 306 17.56 -14.18 4.96
C HIS C 306 16.23 -13.73 4.38
N SER C 307 15.95 -14.18 3.16
CA SER C 307 14.66 -13.93 2.55
C SER C 307 13.55 -14.59 3.35
N THR C 308 12.31 -14.32 2.96
CA THR C 308 11.14 -14.88 3.64
C THR C 308 10.80 -16.25 3.04
N ALA C 309 10.38 -16.27 1.77
CA ALA C 309 9.93 -17.51 1.15
C ALA C 309 11.03 -18.56 1.14
N GLY C 310 12.20 -18.21 0.62
CA GLY C 310 13.27 -19.19 0.50
C GLY C 310 13.63 -19.81 1.83
N TYR C 311 13.91 -18.97 2.83
CA TYR C 311 14.30 -19.49 4.15
C TYR C 311 13.23 -20.40 4.72
N LEU C 312 11.97 -19.97 4.68
CA LEU C 312 10.90 -20.75 5.29
C LEU C 312 10.80 -22.13 4.66
N LEU C 313 10.91 -22.21 3.33
CA LEU C 313 10.81 -23.51 2.68
C LEU C 313 11.95 -24.42 3.10
N GLY C 314 13.18 -23.91 3.08
CA GLY C 314 14.30 -24.72 3.54
C GLY C 314 14.16 -25.17 4.97
N ALA C 315 13.59 -24.30 5.82
CA ALA C 315 13.36 -24.68 7.20
C ALA C 315 12.34 -25.80 7.32
N ALA C 316 11.28 -25.73 6.52
CA ALA C 316 10.23 -26.75 6.60
C ALA C 316 10.67 -28.06 5.95
N LEU C 317 11.34 -28.00 4.80
CA LEU C 317 11.76 -29.21 4.12
C LEU C 317 12.69 -30.04 5.00
N SER C 318 13.80 -29.44 5.44
CA SER C 318 14.77 -30.17 6.24
C SER C 318 14.12 -30.77 7.49
N THR C 319 13.27 -30.00 8.16
CA THR C 319 12.61 -30.52 9.37
C THR C 319 11.69 -31.68 9.04
N LYS C 320 11.12 -31.70 7.84
CA LYS C 320 10.21 -32.78 7.47
C LYS C 320 10.97 -34.04 7.04
N TYR C 321 12.08 -33.87 6.32
CA TYR C 321 12.79 -35.00 5.73
C TYR C 321 14.02 -35.42 6.52
N ILE C 322 14.88 -34.47 6.91
CA ILE C 322 16.09 -34.84 7.63
C ILE C 322 15.79 -35.33 9.04
N PHE C 323 14.66 -34.93 9.62
CA PHE C 323 14.25 -35.41 10.92
C PHE C 323 13.05 -36.35 10.86
N ASP C 324 12.38 -36.46 9.71
CA ASP C 324 11.20 -37.31 9.57
C ASP C 324 10.12 -36.89 10.56
N ILE C 325 9.76 -35.60 10.51
CA ILE C 325 8.73 -35.06 11.39
C ILE C 325 7.36 -35.32 10.79
N HIS C 326 6.40 -35.60 11.64
CA HIS C 326 5.02 -35.87 11.27
C HIS C 326 4.11 -35.04 12.16
N PRO C 327 2.83 -34.91 11.80
CA PRO C 327 1.92 -34.10 12.63
C PRO C 327 1.88 -34.50 14.10
N GLU C 328 2.06 -35.79 14.40
CA GLU C 328 1.99 -36.27 15.78
C GLU C 328 3.28 -36.03 16.55
N ASP C 329 4.38 -35.73 15.86
CA ASP C 329 5.69 -35.70 16.51
C ASP C 329 5.84 -34.46 17.39
N ILE C 330 6.92 -34.46 18.18
CA ILE C 330 7.22 -33.41 19.14
C ILE C 330 8.73 -33.21 19.15
N LEU C 331 9.18 -32.02 18.76
CA LEU C 331 10.60 -31.73 18.60
C LEU C 331 11.13 -30.95 19.79
N PHE C 332 12.30 -31.37 20.28
CA PHE C 332 13.02 -30.70 21.37
C PHE C 332 14.40 -30.34 20.85
N THR C 333 14.55 -29.11 20.35
CA THR C 333 15.85 -28.57 19.96
C THR C 333 16.45 -27.86 21.16
N ALA C 334 17.41 -28.49 21.82
CA ALA C 334 18.05 -27.94 23.01
C ALA C 334 19.10 -26.89 22.63
N GLY C 335 18.64 -25.89 21.87
CA GLY C 335 19.47 -24.80 21.46
C GLY C 335 19.01 -23.47 22.04
N ASP C 336 19.33 -22.37 21.36
CA ASP C 336 18.92 -21.04 21.78
C ASP C 336 18.66 -20.21 20.54
N VAL C 337 17.67 -19.30 20.63
CA VAL C 337 17.27 -18.53 19.46
C VAL C 337 18.23 -17.38 19.17
N GLY C 338 19.18 -17.10 20.05
CA GLY C 338 20.23 -16.17 19.70
C GLY C 338 21.10 -16.62 18.54
N TRP C 339 20.95 -17.87 18.11
CA TRP C 339 21.73 -18.44 17.02
C TRP C 339 20.80 -19.04 15.98
N ILE C 340 21.38 -19.46 14.86
CA ILE C 340 20.59 -19.93 13.73
C ILE C 340 19.88 -21.23 14.07
N THR C 341 20.42 -22.02 14.99
CA THR C 341 19.81 -23.31 15.30
C THR C 341 18.44 -23.13 15.92
N GLY C 342 18.27 -22.13 16.78
CA GLY C 342 16.95 -21.85 17.34
C GLY C 342 16.03 -21.20 16.34
N HIS C 343 16.58 -20.34 15.47
CA HIS C 343 15.79 -19.77 14.39
C HIS C 343 15.08 -20.84 13.58
N THR C 344 15.86 -21.77 13.02
CA THR C 344 15.33 -22.67 12.00
C THR C 344 14.63 -23.89 12.59
N TYR C 345 15.07 -24.38 13.74
CA TYR C 345 14.62 -25.67 14.23
C TYR C 345 14.04 -25.65 15.64
N ALA C 346 14.14 -24.54 16.37
CA ALA C 346 13.34 -24.36 17.58
C ALA C 346 12.07 -23.57 17.30
N LEU C 347 12.02 -22.80 16.20
CA LEU C 347 10.87 -21.96 15.90
C LEU C 347 10.29 -22.29 14.52
N TYR C 348 10.95 -21.83 13.46
CA TYR C 348 10.31 -21.81 12.15
C TYR C 348 10.04 -23.22 11.62
N GLY C 349 11.05 -24.07 11.62
CA GLY C 349 10.91 -25.42 11.12
C GLY C 349 9.71 -26.13 11.70
N PRO C 350 9.65 -26.27 13.02
CA PRO C 350 8.56 -27.05 13.62
C PRO C 350 7.20 -26.36 13.55
N LEU C 351 7.15 -25.04 13.76
CA LEU C 351 5.86 -24.36 13.74
C LEU C 351 5.26 -24.32 12.34
N LEU C 352 6.09 -24.24 11.30
CA LEU C 352 5.57 -24.30 9.94
C LEU C 352 4.86 -25.61 9.67
N LEU C 353 5.25 -26.68 10.36
CA LEU C 353 4.69 -28.01 10.16
C LEU C 353 3.56 -28.35 11.12
N GLY C 354 3.18 -27.41 11.99
CA GLY C 354 2.06 -27.63 12.88
C GLY C 354 2.33 -28.57 14.04
N VAL C 355 3.58 -28.87 14.33
CA VAL C 355 3.93 -29.77 15.43
C VAL C 355 4.38 -28.93 16.62
N PRO C 356 4.24 -29.43 17.85
CA PRO C 356 4.74 -28.68 19.00
C PRO C 356 6.26 -28.73 19.11
N THR C 357 6.84 -27.63 19.58
CA THR C 357 8.26 -27.52 19.83
C THR C 357 8.49 -27.16 21.29
N ILE C 358 9.60 -27.61 21.84
CA ILE C 358 9.92 -27.47 23.25
C ILE C 358 10.94 -26.35 23.41
N ILE C 359 10.60 -25.36 24.23
CA ILE C 359 11.41 -24.18 24.43
C ILE C 359 12.00 -24.25 25.83
N PHE C 360 13.30 -24.49 25.93
CA PHE C 360 13.97 -24.72 27.20
C PHE C 360 14.80 -23.50 27.57
N GLU C 361 14.44 -22.85 28.67
CA GLU C 361 15.14 -21.65 29.12
C GLU C 361 16.38 -21.99 29.93
N GLY C 362 16.32 -23.04 30.73
CA GLY C 362 17.37 -23.37 31.67
C GLY C 362 18.54 -24.09 31.03
N THR C 363 19.36 -24.69 31.89
CA THR C 363 20.60 -25.35 31.51
C THR C 363 20.48 -26.85 31.69
N PRO C 364 21.35 -27.64 31.04
CA PRO C 364 21.29 -29.10 31.19
C PRO C 364 21.74 -29.61 32.54
N ALA C 365 22.23 -28.75 33.43
CA ALA C 365 22.73 -29.15 34.72
C ALA C 365 21.83 -28.71 35.88
N TYR C 366 20.76 -27.97 35.59
CA TYR C 366 19.85 -27.47 36.61
C TYR C 366 18.47 -28.07 36.42
N PRO C 367 17.83 -28.61 37.47
CA PRO C 367 18.32 -28.79 38.85
C PRO C 367 19.51 -29.74 38.90
N ASP C 368 19.45 -30.84 38.15
CA ASP C 368 20.59 -31.73 37.99
C ASP C 368 20.79 -32.05 36.51
N TYR C 369 21.63 -33.04 36.21
CA TYR C 369 21.93 -33.42 34.84
C TYR C 369 20.89 -34.37 34.26
N GLY C 370 19.67 -34.38 34.79
CA GLY C 370 18.59 -35.16 34.24
C GLY C 370 17.44 -34.30 33.77
N ARG C 371 17.74 -33.04 33.43
CA ARG C 371 16.69 -32.12 33.01
C ARG C 371 16.29 -32.36 31.56
N PHE C 372 17.28 -32.43 30.66
CA PHE C 372 16.99 -32.84 29.29
C PHE C 372 16.13 -34.10 29.27
N TRP C 373 16.39 -35.02 30.17
CA TRP C 373 15.75 -36.34 30.12
C TRP C 373 14.39 -36.32 30.81
N GLN C 374 14.25 -35.56 31.89
CA GLN C 374 12.92 -35.36 32.48
C GLN C 374 11.98 -34.73 31.46
N ILE C 375 12.48 -33.76 30.69
CA ILE C 375 11.63 -33.06 29.73
C ILE C 375 11.18 -34.01 28.62
N VAL C 376 12.12 -34.77 28.06
CA VAL C 376 11.76 -35.75 27.04
C VAL C 376 10.72 -36.72 27.60
N GLU C 377 10.97 -37.24 28.79
CA GLU C 377 9.98 -38.11 29.43
C GLU C 377 8.69 -37.35 29.72
N LYS C 378 8.80 -36.08 30.14
CA LYS C 378 7.62 -35.33 30.56
C LYS C 378 6.64 -35.16 29.41
N HIS C 379 7.13 -34.80 28.22
CA HIS C 379 6.28 -34.45 27.09
C HIS C 379 6.31 -35.47 25.97
N LYS C 380 6.89 -36.65 26.21
CA LYS C 380 6.97 -37.70 25.21
C LYS C 380 7.49 -37.16 23.89
N ALA C 381 8.61 -36.45 23.97
CA ALA C 381 9.23 -35.90 22.77
C ALA C 381 9.72 -37.03 21.86
N THR C 382 9.51 -36.86 20.56
CA THR C 382 9.88 -37.86 19.58
C THR C 382 11.17 -37.54 18.84
N HIS C 383 11.66 -36.29 18.95
CA HIS C 383 12.91 -35.89 18.32
C HIS C 383 13.72 -35.06 19.32
N PHE C 384 15.03 -35.23 19.29
CA PHE C 384 15.94 -34.48 20.15
C PHE C 384 17.11 -33.97 19.32
N TYR C 385 17.48 -32.72 19.53
CA TYR C 385 18.45 -32.03 18.70
C TYR C 385 19.35 -31.19 19.59
N VAL C 386 20.65 -31.46 19.59
CA VAL C 386 21.59 -30.81 20.51
C VAL C 386 22.98 -30.91 19.90
N ALA C 387 23.89 -30.06 20.41
CA ALA C 387 25.27 -30.03 19.94
C ALA C 387 26.12 -31.01 20.74
N PRO C 388 27.26 -31.45 20.17
CA PRO C 388 28.14 -32.34 20.93
C PRO C 388 28.67 -31.75 22.22
N THR C 389 28.89 -30.43 22.28
CA THR C 389 29.47 -29.82 23.47
C THR C 389 28.71 -30.19 24.73
N ALA C 390 27.39 -30.42 24.61
CA ALA C 390 26.62 -30.88 25.75
C ALA C 390 26.76 -32.38 25.96
N LEU C 391 26.95 -33.14 24.87
CA LEU C 391 27.16 -34.57 25.00
C LEU C 391 28.45 -34.88 25.75
N ARG C 392 29.46 -34.01 25.62
CA ARG C 392 30.68 -34.16 26.40
C ARG C 392 30.49 -33.75 27.84
N LEU C 393 29.49 -32.92 28.14
CA LEU C 393 29.23 -32.53 29.52
C LEU C 393 28.44 -33.61 30.26
N LEU C 394 27.52 -34.29 29.58
CA LEU C 394 26.77 -35.37 30.22
C LEU C 394 27.55 -36.68 30.23
N ARG C 395 28.35 -36.93 29.19
CA ARG C 395 29.22 -38.10 29.21
C ARG C 395 30.22 -38.01 30.37
N LYS C 396 30.62 -36.80 30.73
CA LYS C 396 31.60 -36.57 31.80
C LYS C 396 30.95 -36.05 33.08
N ALA C 397 29.67 -36.38 33.32
CA ALA C 397 29.00 -35.94 34.54
C ALA C 397 27.69 -36.69 34.77
N GLY C 398 26.74 -36.60 33.84
CA GLY C 398 25.41 -37.13 34.05
C GLY C 398 25.11 -38.41 33.29
N GLU C 399 26.13 -39.24 33.06
CA GLU C 399 25.92 -40.49 32.34
C GLU C 399 25.02 -41.45 33.13
N GLN C 400 24.84 -41.22 34.42
CA GLN C 400 24.02 -42.09 35.25
C GLN C 400 22.56 -41.68 35.27
N GLU C 401 22.26 -40.40 35.05
CA GLU C 401 20.89 -39.91 35.14
C GLU C 401 20.02 -40.37 33.96
N ILE C 402 20.62 -40.97 32.93
CA ILE C 402 19.85 -41.31 31.73
C ILE C 402 18.89 -42.46 32.02
N ALA C 403 19.31 -43.42 32.85
CA ALA C 403 18.49 -44.59 33.11
C ALA C 403 17.30 -44.27 34.01
N LYS C 404 17.35 -43.19 34.79
CA LYS C 404 16.23 -42.86 35.66
C LYS C 404 14.97 -42.60 34.86
N TYR C 405 15.06 -41.78 33.82
CA TYR C 405 13.91 -41.32 33.06
C TYR C 405 13.69 -42.18 31.82
N ASP C 406 12.44 -42.19 31.36
CA ASP C 406 12.04 -42.97 30.18
C ASP C 406 12.32 -42.14 28.93
N LEU C 407 13.13 -42.68 28.02
CA LEU C 407 13.44 -42.05 26.75
C LEU C 407 12.98 -42.91 25.57
N SER C 408 11.89 -43.65 25.75
CA SER C 408 11.40 -44.57 24.73
C SER C 408 10.54 -43.88 23.67
N SER C 409 10.29 -42.58 23.79
CA SER C 409 9.49 -41.87 22.82
C SER C 409 10.28 -41.37 21.62
N LEU C 410 11.61 -41.34 21.73
CA LEU C 410 12.43 -40.73 20.70
C LEU C 410 12.59 -41.64 19.48
N ARG C 411 12.53 -41.04 18.31
CA ARG C 411 12.87 -41.69 17.05
C ARG C 411 14.19 -41.21 16.47
N THR C 412 14.46 -39.90 16.55
CA THR C 412 15.58 -39.28 15.87
C THR C 412 16.37 -38.44 16.86
N LEU C 413 17.70 -38.56 16.82
CA LEU C 413 18.61 -37.77 17.62
C LEU C 413 19.54 -37.02 16.68
N GLY C 414 19.86 -35.78 17.01
CA GLY C 414 20.58 -34.92 16.10
C GLY C 414 21.75 -34.21 16.76
N SER C 415 22.78 -33.96 15.95
CA SER C 415 23.96 -33.21 16.34
C SER C 415 24.07 -31.99 15.44
N VAL C 416 24.49 -30.85 16.02
CA VAL C 416 24.44 -29.58 15.30
C VAL C 416 25.77 -28.83 15.37
N GLY C 417 26.19 -28.46 16.57
CA GLY C 417 27.29 -27.54 16.75
C GLY C 417 28.52 -27.77 15.90
N GLU C 418 29.45 -28.60 16.40
CA GLU C 418 30.72 -28.84 15.70
C GLU C 418 30.73 -30.29 15.20
N PRO C 419 31.85 -30.79 14.70
CA PRO C 419 31.91 -32.22 14.34
C PRO C 419 31.62 -33.09 15.56
N ILE C 420 31.14 -34.30 15.30
CA ILE C 420 30.76 -35.23 16.35
C ILE C 420 31.78 -36.38 16.34
N SER C 421 32.48 -36.54 17.45
CA SER C 421 33.47 -37.61 17.55
C SER C 421 32.79 -38.95 17.30
N PRO C 422 33.46 -39.89 16.62
CA PRO C 422 32.90 -41.25 16.56
C PRO C 422 32.82 -41.91 17.92
N ASP C 423 33.54 -41.40 18.92
CA ASP C 423 33.32 -41.82 20.30
C ASP C 423 31.97 -41.33 20.80
N ILE C 424 31.78 -40.01 20.80
CA ILE C 424 30.53 -39.43 21.30
C ILE C 424 29.34 -39.93 20.46
N TRP C 425 29.59 -40.27 19.19
CA TRP C 425 28.52 -40.81 18.35
C TRP C 425 28.00 -42.13 18.91
N GLU C 426 28.91 -43.06 19.21
CA GLU C 426 28.50 -44.34 19.78
C GLU C 426 27.97 -44.17 21.21
N TRP C 427 28.46 -43.18 21.94
CA TRP C 427 27.91 -42.86 23.24
C TRP C 427 26.49 -42.30 23.11
N TYR C 428 26.35 -41.27 22.27
CA TYR C 428 25.03 -40.69 22.02
C TYR C 428 24.04 -41.74 21.51
N ASN C 429 24.53 -42.77 20.83
CA ASN C 429 23.65 -43.77 20.23
C ASN C 429 23.09 -44.72 21.27
N GLU C 430 23.93 -45.24 22.16
CA GLU C 430 23.49 -46.27 23.11
C GLU C 430 22.88 -45.65 24.36
N PHE C 431 23.59 -44.73 25.02
CA PHE C 431 23.11 -44.17 26.27
C PHE C 431 21.77 -43.47 26.08
N VAL C 432 21.70 -42.52 25.15
CA VAL C 432 20.48 -41.76 24.95
C VAL C 432 19.53 -42.48 24.01
N GLY C 433 20.07 -43.21 23.04
CA GLY C 433 19.24 -43.83 22.02
C GLY C 433 18.89 -45.28 22.30
N LYS C 434 19.60 -45.92 23.23
CA LYS C 434 19.41 -47.34 23.54
C LYS C 434 19.64 -48.23 22.32
N ASN C 435 20.39 -47.75 21.34
CA ASN C 435 20.63 -48.49 20.10
C ASN C 435 19.31 -48.80 19.38
N GLN C 436 18.39 -47.84 19.43
CA GLN C 436 17.08 -47.97 18.79
C GLN C 436 16.68 -46.73 17.99
N CYS C 437 17.50 -45.67 17.99
CA CYS C 437 17.16 -44.41 17.36
C CYS C 437 18.05 -44.18 16.14
N HIS C 438 17.56 -43.30 15.26
CA HIS C 438 18.36 -42.79 14.16
C HIS C 438 19.11 -41.55 14.61
N ILE C 439 20.31 -41.35 14.06
CA ILE C 439 21.17 -40.24 14.42
C ILE C 439 21.57 -39.52 13.13
N SER C 440 21.29 -38.21 13.08
CA SER C 440 21.60 -37.38 11.93
C SER C 440 22.56 -36.27 12.35
N ASP C 441 23.74 -36.26 11.74
CA ASP C 441 24.78 -35.27 12.04
C ASP C 441 24.67 -34.15 11.01
N THR C 442 23.99 -33.07 11.38
CA THR C 442 23.60 -32.03 10.44
C THR C 442 24.70 -30.99 10.31
N TYR C 443 25.29 -30.89 9.12
CA TYR C 443 26.26 -29.85 8.81
C TYR C 443 25.56 -28.68 8.14
N TRP C 444 25.82 -27.47 8.64
CA TRP C 444 25.24 -26.25 8.07
C TRP C 444 25.74 -25.06 8.88
N GLN C 445 25.67 -23.88 8.26
CA GLN C 445 26.09 -22.63 8.88
C GLN C 445 24.91 -21.66 8.92
N THR C 446 25.13 -20.54 9.59
CA THR C 446 24.12 -19.49 9.65
C THR C 446 23.73 -19.02 8.26
N GLU C 447 24.71 -18.95 7.35
CA GLU C 447 24.45 -18.41 6.03
C GLU C 447 23.65 -19.36 5.15
N SER C 448 23.56 -20.64 5.53
CA SER C 448 22.81 -21.60 4.74
C SER C 448 21.33 -21.64 5.11
N GLY C 449 20.96 -21.14 6.28
CA GLY C 449 19.55 -21.16 6.70
C GLY C 449 19.07 -22.47 7.23
N SER C 450 19.32 -23.56 6.51
CA SER C 450 18.90 -24.89 6.91
C SER C 450 20.05 -25.86 6.63
N HIS C 451 19.78 -27.16 6.79
CA HIS C 451 20.82 -28.17 6.70
C HIS C 451 21.41 -28.22 5.29
N LEU C 452 22.72 -28.38 5.21
CA LEU C 452 23.43 -28.57 3.95
C LEU C 452 23.75 -30.03 3.66
N ILE C 453 24.36 -30.73 4.62
CA ILE C 453 24.69 -32.15 4.50
C ILE C 453 24.25 -32.82 5.79
N ALA C 454 23.40 -33.86 5.67
CA ALA C 454 22.88 -34.54 6.84
C ALA C 454 22.27 -35.87 6.41
N PRO C 455 22.23 -36.87 7.29
CA PRO C 455 21.56 -38.13 6.95
C PRO C 455 20.09 -38.11 7.33
N LEU C 456 19.22 -38.48 6.39
CA LEU C 456 17.79 -38.46 6.64
C LEU C 456 17.38 -39.62 7.55
N ALA C 457 16.51 -39.33 8.50
CA ALA C 457 16.06 -40.34 9.44
C ALA C 457 15.25 -41.41 8.73
N GLY C 458 15.63 -42.67 8.94
CA GLY C 458 14.93 -43.78 8.32
C GLY C 458 15.20 -43.94 6.84
N VAL C 459 16.35 -43.46 6.36
CA VAL C 459 16.65 -43.50 4.92
C VAL C 459 18.14 -43.71 4.69
N VAL C 460 18.97 -42.81 5.21
CA VAL C 460 20.40 -42.80 4.92
C VAL C 460 21.13 -43.58 6.01
N PRO C 461 21.79 -44.70 5.70
CA PRO C 461 22.61 -45.37 6.71
C PRO C 461 23.75 -44.48 7.15
N ASN C 462 24.18 -44.65 8.40
CA ASN C 462 25.12 -43.75 9.05
C ASN C 462 26.55 -44.28 9.01
N LYS C 463 27.49 -43.34 8.96
CA LYS C 463 28.90 -43.61 9.22
C LYS C 463 29.33 -42.71 10.38
N PRO C 464 29.49 -43.26 11.59
CA PRO C 464 29.85 -42.41 12.74
C PRO C 464 30.92 -41.38 12.44
N GLY C 465 30.57 -40.10 12.60
CA GLY C 465 31.50 -39.01 12.38
C GLY C 465 31.33 -38.29 11.06
N SER C 466 30.37 -38.71 10.22
CA SER C 466 30.17 -38.14 8.90
C SER C 466 28.81 -37.48 8.81
N ALA C 467 28.70 -36.50 7.91
CA ALA C 467 27.42 -35.86 7.62
C ALA C 467 26.63 -36.60 6.55
N SER C 468 27.30 -37.41 5.73
CA SER C 468 26.67 -38.22 4.69
C SER C 468 26.37 -37.39 3.44
N TYR C 469 25.16 -37.54 2.86
CA TYR C 469 24.86 -36.96 1.56
C TYR C 469 24.31 -35.54 1.69
N PRO C 470 24.62 -34.66 0.74
CA PRO C 470 24.05 -33.31 0.77
C PRO C 470 22.54 -33.35 0.53
N PHE C 471 21.87 -32.33 1.06
CA PHE C 471 20.42 -32.27 1.04
C PHE C 471 19.91 -31.68 -0.27
N PHE C 472 18.60 -31.85 -0.49
CA PHE C 472 17.93 -31.32 -1.67
C PHE C 472 18.41 -29.92 -2.01
N GLY C 473 18.78 -29.72 -3.28
CA GLY C 473 19.18 -28.44 -3.77
C GLY C 473 20.61 -28.04 -3.48
N ILE C 474 21.32 -28.80 -2.65
CA ILE C 474 22.70 -28.50 -2.30
C ILE C 474 23.60 -29.35 -3.18
N ASP C 475 24.27 -28.72 -4.14
CA ASP C 475 25.18 -29.41 -5.05
C ASP C 475 26.60 -29.27 -4.50
N ALA C 476 26.95 -30.17 -3.58
CA ALA C 476 28.25 -30.10 -2.94
C ALA C 476 29.36 -30.46 -3.91
N ALA C 477 30.57 -29.98 -3.60
CA ALA C 477 31.73 -30.24 -4.44
C ALA C 477 32.98 -29.82 -3.68
N LEU C 478 34.06 -30.57 -3.89
CA LEU C 478 35.36 -30.25 -3.31
C LEU C 478 36.22 -29.54 -4.34
N ILE C 479 37.01 -28.58 -3.87
CA ILE C 479 37.84 -27.75 -4.74
C ILE C 479 39.27 -27.78 -4.22
N ASP C 480 40.22 -28.06 -5.11
CA ASP C 480 41.63 -28.05 -4.74
C ASP C 480 42.02 -26.62 -4.35
N PRO C 481 42.36 -26.35 -3.09
CA PRO C 481 42.64 -24.97 -2.70
C PRO C 481 43.77 -24.34 -3.49
N VAL C 482 44.72 -25.12 -3.96
CA VAL C 482 45.90 -24.57 -4.62
C VAL C 482 45.54 -24.07 -6.01
N THR C 483 45.01 -24.95 -6.85
CA THR C 483 44.64 -24.57 -8.21
C THR C 483 43.28 -23.87 -8.26
N GLY C 484 42.36 -24.25 -7.38
CA GLY C 484 41.02 -23.71 -7.43
C GLY C 484 40.12 -24.37 -8.45
N VAL C 485 40.38 -25.63 -8.77
CA VAL C 485 39.56 -26.38 -9.72
C VAL C 485 38.82 -27.48 -8.96
N GLU C 486 37.63 -27.82 -9.46
CA GLU C 486 36.78 -28.79 -8.79
C GLU C 486 37.41 -30.18 -8.85
N ILE C 487 37.41 -30.88 -7.72
CA ILE C 487 38.02 -32.20 -7.62
C ILE C 487 36.95 -33.23 -7.98
N GLU C 488 37.04 -33.79 -9.18
CA GLU C 488 36.15 -34.85 -9.60
C GLU C 488 36.61 -36.18 -9.01
N GLY C 489 35.75 -37.19 -9.14
CA GLY C 489 36.06 -38.50 -8.61
C GLY C 489 36.02 -38.55 -7.10
N ASN C 490 35.66 -39.70 -6.55
CA ASN C 490 35.54 -39.84 -5.10
C ASN C 490 36.91 -40.08 -4.48
N ASP C 491 36.93 -40.26 -3.16
CA ASP C 491 38.16 -40.45 -2.39
C ASP C 491 39.10 -39.26 -2.61
N ALA C 492 38.68 -38.13 -2.06
CA ALA C 492 39.39 -36.87 -2.27
C ALA C 492 39.11 -35.93 -1.11
N GLU C 493 39.86 -34.84 -1.05
CA GLU C 493 39.68 -33.81 -0.04
C GLU C 493 39.94 -32.45 -0.65
N GLY C 494 39.54 -31.41 0.07
CA GLY C 494 39.74 -30.04 -0.38
C GLY C 494 38.80 -29.11 0.33
N VAL C 495 38.64 -27.92 -0.26
CA VAL C 495 37.73 -26.91 0.28
C VAL C 495 36.30 -27.27 -0.14
N LEU C 496 35.37 -27.19 0.81
CA LEU C 496 33.98 -27.52 0.54
C LEU C 496 33.28 -26.33 -0.10
N ALA C 497 32.54 -26.59 -1.17
CA ALA C 497 31.88 -25.53 -1.92
C ALA C 497 30.65 -26.10 -2.60
N ILE C 498 29.70 -25.20 -2.91
CA ILE C 498 28.44 -25.55 -3.54
C ILE C 498 28.37 -24.84 -4.88
N LYS C 499 27.79 -25.52 -5.88
CA LYS C 499 27.87 -25.05 -7.26
C LYS C 499 26.68 -24.20 -7.69
N ASP C 500 25.63 -24.13 -6.89
CA ASP C 500 24.52 -23.23 -7.16
C ASP C 500 23.92 -22.80 -5.83
N HIS C 501 23.11 -21.74 -5.87
CA HIS C 501 22.44 -21.30 -4.66
C HIS C 501 21.20 -22.15 -4.42
N TRP C 502 20.64 -22.00 -3.23
CA TRP C 502 19.51 -22.79 -2.77
C TRP C 502 18.51 -21.88 -2.08
N PRO C 503 17.26 -22.34 -1.91
CA PRO C 503 16.21 -21.41 -1.44
C PRO C 503 16.53 -20.68 -0.14
N SER C 504 17.07 -21.38 0.86
CA SER C 504 17.28 -20.78 2.18
C SER C 504 18.64 -20.08 2.31
N MET C 505 19.36 -19.89 1.21
CA MET C 505 20.66 -19.25 1.27
C MET C 505 20.50 -17.76 1.62
N ALA C 506 21.35 -17.28 2.53
CA ALA C 506 21.36 -15.87 2.85
C ALA C 506 21.66 -15.05 1.60
N ARG C 507 21.00 -13.89 1.49
CA ARG C 507 21.04 -13.12 0.26
C ARG C 507 22.01 -11.93 0.30
N THR C 508 22.47 -11.52 1.48
CA THR C 508 23.41 -10.41 1.59
C THR C 508 23.85 -10.29 3.05
N VAL C 509 24.74 -9.33 3.29
CA VAL C 509 25.10 -8.85 4.62
C VAL C 509 24.58 -7.42 4.71
N TYR C 510 23.86 -7.12 5.79
CA TYR C 510 23.05 -5.90 5.82
C TYR C 510 23.88 -4.67 5.49
N LYS C 511 23.48 -3.98 4.43
CA LYS C 511 24.10 -2.73 3.98
C LYS C 511 25.55 -2.90 3.58
N ASN C 512 26.01 -4.14 3.37
CA ASN C 512 27.40 -4.37 2.95
C ASN C 512 27.43 -5.65 2.10
N HIS C 513 26.95 -5.51 0.86
CA HIS C 513 26.96 -6.64 -0.07
C HIS C 513 28.36 -6.97 -0.55
N THR C 514 29.28 -6.01 -0.50
CA THR C 514 30.65 -6.28 -0.95
C THR C 514 31.32 -7.33 -0.07
N LYS C 515 31.21 -7.18 1.25
CA LYS C 515 31.75 -8.20 2.15
C LYS C 515 31.06 -9.54 1.91
N TYR C 516 29.77 -9.51 1.63
CA TYR C 516 29.06 -10.75 1.30
C TYR C 516 29.66 -11.42 0.08
N MET C 517 29.99 -10.65 -0.95
CA MET C 517 30.61 -11.23 -2.14
C MET C 517 32.03 -11.68 -1.84
N ASP C 518 32.82 -10.82 -1.20
CA ASP C 518 34.22 -11.17 -0.91
C ASP C 518 34.33 -12.43 -0.07
N THR C 519 33.31 -12.73 0.74
CA THR C 519 33.40 -13.83 1.69
C THR C 519 32.95 -15.15 1.10
N TYR C 520 31.86 -15.17 0.32
CA TYR C 520 31.24 -16.41 -0.13
C TYR C 520 31.32 -16.64 -1.62
N MET C 521 31.23 -15.59 -2.44
CA MET C 521 31.05 -15.74 -3.87
C MET C 521 32.29 -15.46 -4.71
N ASN C 522 33.26 -14.74 -4.17
CA ASN C 522 34.42 -14.32 -4.95
C ASN C 522 35.62 -15.25 -4.81
N PRO C 523 35.87 -15.85 -3.63
CA PRO C 523 37.02 -16.76 -3.53
C PRO C 523 37.06 -17.82 -4.62
N TYR C 524 35.89 -18.32 -5.05
CA TYR C 524 35.80 -19.33 -6.09
C TYR C 524 34.60 -18.99 -6.96
N PRO C 525 34.80 -18.14 -7.97
CA PRO C 525 33.66 -17.72 -8.80
C PRO C 525 32.86 -18.89 -9.32
N GLY C 526 31.54 -18.74 -9.31
CA GLY C 526 30.63 -19.82 -9.65
C GLY C 526 30.33 -20.77 -8.52
N TYR C 527 31.05 -20.66 -7.40
CA TYR C 527 30.87 -21.52 -6.26
C TYR C 527 30.52 -20.68 -5.03
N TYR C 528 29.89 -21.34 -4.06
CA TYR C 528 29.65 -20.76 -2.74
C TYR C 528 30.67 -21.33 -1.77
N PHE C 529 31.49 -20.45 -1.18
CA PHE C 529 32.59 -20.85 -0.31
C PHE C 529 32.06 -21.03 1.11
N THR C 530 31.99 -22.29 1.55
CA THR C 530 31.49 -22.57 2.89
C THR C 530 32.45 -22.14 3.98
N GLY C 531 33.73 -22.00 3.66
CA GLY C 531 34.74 -21.69 4.65
C GLY C 531 35.27 -22.89 5.40
N ASP C 532 34.93 -24.10 4.98
CA ASP C 532 35.36 -25.33 5.63
C ASP C 532 36.13 -26.19 4.65
N GLY C 533 36.78 -27.20 5.20
CA GLY C 533 37.41 -28.25 4.40
C GLY C 533 36.81 -29.59 4.76
N ALA C 534 36.56 -30.42 3.74
CA ALA C 534 35.90 -31.70 3.96
C ALA C 534 36.47 -32.72 2.99
N ALA C 535 36.02 -33.97 3.13
CA ALA C 535 36.47 -35.07 2.30
C ALA C 535 35.27 -35.90 1.88
N ARG C 536 35.36 -36.48 0.68
CA ARG C 536 34.33 -37.34 0.13
C ARG C 536 34.94 -38.71 -0.15
N ASP C 537 34.39 -39.75 0.48
CA ASP C 537 34.91 -41.09 0.34
C ASP C 537 34.29 -41.78 -0.88
N HIS C 538 34.68 -43.04 -1.11
CA HIS C 538 34.21 -43.77 -2.27
C HIS C 538 32.69 -43.97 -2.29
N ASP C 539 32.01 -43.74 -1.16
CA ASP C 539 30.56 -43.89 -1.08
C ASP C 539 29.83 -42.57 -1.21
N GLY C 540 30.54 -41.46 -1.35
CA GLY C 540 29.92 -40.15 -1.44
C GLY C 540 29.68 -39.46 -0.11
N TYR C 541 29.77 -40.19 1.01
CA TYR C 541 29.62 -39.58 2.32
C TYR C 541 30.67 -38.50 2.52
N TYR C 542 30.24 -37.33 2.97
CA TYR C 542 31.14 -36.21 3.20
C TYR C 542 31.60 -36.20 4.66
N TRP C 543 32.89 -35.91 4.85
CA TRP C 543 33.51 -35.83 6.17
C TRP C 543 33.99 -34.41 6.39
N ILE C 544 33.43 -33.75 7.40
CA ILE C 544 33.71 -32.34 7.65
C ILE C 544 35.06 -32.24 8.38
N ARG C 545 36.09 -31.74 7.67
CA ARG C 545 37.44 -31.67 8.21
C ARG C 545 37.73 -30.33 8.90
N GLY C 546 36.70 -29.59 9.31
CA GLY C 546 36.89 -28.36 10.05
C GLY C 546 37.14 -27.16 9.16
N ARG C 547 37.18 -25.99 9.81
CA ARG C 547 37.39 -24.74 9.08
C ARG C 547 38.82 -24.65 8.55
N VAL C 548 38.98 -23.83 7.52
CA VAL C 548 40.30 -23.56 6.96
C VAL C 548 40.83 -22.26 7.54
#